data_6MUG
#
_entry.id   6MUG
#
_cell.length_a   132.760
_cell.length_b   132.760
_cell.length_c   313.400
_cell.angle_alpha   90.000
_cell.angle_beta   90.000
_cell.angle_gamma   120.000
#
_symmetry.space_group_name_H-M   'P 63'
#
loop_
_entity.id
_entity.type
_entity.pdbx_description
1 polymer 'Envelope glycoprotein gp160'
2 polymer '35O22 scFv heavy chain portion'
3 polymer '35O22 scFv light chain portion'
4 polymer 'Envelope glycoprotein gp160'
5 polymer '3H109L Fab heavy chain'
6 polymer '3H109L Fab light chain'
7 branched alpha-D-mannopyranose-(1-3)-alpha-D-mannopyranose-(1-6)-[alpha-D-mannopyranose-(1-3)]beta-D-mannopyranose-(1-4)-2-acetamido-2-deoxy-beta-D-glucopyranose-(1-4)-2-acetamido-2-deoxy-beta-D-glucopyranose
8 branched 2-acetamido-2-deoxy-beta-D-glucopyranose-(1-4)-2-acetamido-2-deoxy-beta-D-glucopyranose
9 branched alpha-D-mannopyranose-(1-2)-alpha-D-mannopyranose-(1-2)-alpha-D-mannopyranose-(1-3)-[alpha-D-mannopyranose-(1-2)-alpha-D-mannopyranose-(1-6)-[alpha-D-mannopyranose-(1-3)]alpha-D-mannopyranose-(1-6)]beta-D-mannopyranose-(1-4)-2-acetamido-2-deoxy-beta-D-glucopyranose-(1-4)-2-acetamido-2-deoxy-beta-D-glucopyranose
10 non-polymer 2-acetamido-2-deoxy-beta-D-glucopyranose
11 non-polymer 1-[4-(benzenecarbonyl)piperazin-1-yl]-2-(4-bromo-7-fluoro-1H-indol-3-yl)ethane-1,2-dione
#
loop_
_entity_poly.entity_id
_entity_poly.type
_entity_poly.pdbx_seq_one_letter_code
_entity_poly.pdbx_strand_id
1 'polypeptide(L)'
;AVGLGAFILGFLGAAGSTMGAASMALTVQARLLLSGIVQQQNNLLRAPEAQQHMLQLTVWGIKQLQARVLAVERYLRDQQ
LLGIWGCSGKIICCTNVPWNDSWSNKTINEIWDNMTWMQWEKEIDNYTQHIYTLLEVSQIQQEKNEQELLELD
;
B
2 'polypeptide(L)'
;QGQLVQSGATTTKPGSSVKISCKTSGYRFNFYHINWIRQTAGRGPEWMGWISPYSGDKNLAPAFQDRVNMTTDTEVPVTS
FTSTGAAYMEIRNLTSDDTGTYFCAKGLLRDGSSTWLPYLWGQGTLLTVSSAST
;
D
3 'polypeptide(L)'
;SQSVLTQSASVSGSLGQSVTISCTGPNSVCCSHKSISWYQWPPGRAPTLIIYEDNERAPGISPRFSGYKSYWSAYLTISD
LRPEDETTYYCCSYTHNSGCVFGTGTKVSVLGQS
;
E
4 'polypeptide(L)'
;AAKKWVTVYYGVPVWKEATTTLFCASDAKAYDTEVHNVWATHACVPTDPNPQEIVLGNVTENFNMWKNNMVEQMHEDIIS
LWDQSLKPCVKLTPLCVTLNCNNVNTNNTNNSTNATISDWEKMETGEMKNCSFNVTTSIRDKIKKEYALFYKLDVVPLEN
KNNINNTNITNYRLINCNTSVITQACPKVSFEPIPIHYCAPAGFAILKCNSKTFNGSGPCTNVSTVQCTHGIRPVVSTQL
LLNGSLAEEEIVIRSENITDNAKTIIVQLNEAVEINCTRPNNNTRKSIHIGPGRAFYATGDIIGNIRQAHCNISKARWNE
TLGQIVAKLEEQFPNKTIIFNHSSGGDPEIVTHSFNCGGEFFYCNTTPLFNSTWNNTRTDDYPTGGEQNITLQCRIKQII
NMWQGVGKAMYAPPIRGQIRCSSNITGLLLTRDGGRDQNGTETFRPGGGNMRDNWRSELYKYKVVKIEPLGIAPTACKRR
VVQRRRRRR
;
G
5 'polypeptide(L)'
;QVQLQESGPGLVKPSETLSLTCTVSGGSISNYYWSWIRQSPGKGLEWIGYISDSESTNYNPSLKSRVIISVDTSKNQLSL
KLNSVTAADSAIYYCARAQQGKRIYGMVSFGEFFYYYYMDVWGKGTTVTVSSASTKGPSVFPLAPSSKSTSGGTAALGCL
VKDYFPEPVTVSWNSGALTSGVHTFPAVLQSSGLYSLSSVVTVPSSSLGTQTYICNVNHKPSNTKVDKKVEPKSCDKGLE
VLFQ
;
H
6 'polypeptide(L)'
;SVTSYVRPLSVALGETASISCGRQALGSRAVQWYQHRPGQAPILLIYNNQDRPSGIPERFSGTPDINFGTRATLTISGVE
AGDEADYYCHMWDSRSGFSWSFGGATRLTVLGQPKAAPSVTLFPPSSEELQANKATLVCLISDFYPGAVTVAWKADSSPV
KAGVETTTPSKQSNNKYAASSYLSLTPMQWKMHKSYSCQVTHEGSTVEKTVAPTECS
;
L
#
loop_
_chem_comp.id
_chem_comp.type
_chem_comp.name
_chem_comp.formula
BMA D-saccharide, beta linking beta-D-mannopyranose 'C6 H12 O6'
JYS non-polymer 1-[4-(benzenecarbonyl)piperazin-1-yl]-2-(4-bromo-7-fluoro-1H-indol-3-yl)ethane-1,2-dione 'C21 H17 Br F N3 O3'
MAN D-saccharide, alpha linking alpha-D-mannopyranose 'C6 H12 O6'
NAG D-saccharide, beta linking 2-acetamido-2-deoxy-beta-D-glucopyranose 'C8 H15 N O6'
#
# COMPACT_ATOMS: atom_id res chain seq x y z
N PHE A 7 32.11 24.84 26.65
CA PHE A 7 32.92 23.63 26.72
C PHE A 7 33.94 23.56 25.59
N ILE A 8 34.26 22.34 25.17
CA ILE A 8 35.15 22.09 24.04
C ILE A 8 34.31 21.43 22.95
N LEU A 9 34.93 20.57 22.12
CA LEU A 9 34.22 20.01 20.98
C LEU A 9 33.20 18.95 21.42
N GLY A 10 33.51 18.18 22.46
CA GLY A 10 32.59 17.17 22.94
C GLY A 10 33.24 15.83 23.14
N PHE A 11 32.43 14.77 23.00
CA PHE A 11 32.85 13.39 23.24
C PHE A 11 33.51 12.84 21.97
N LEU A 12 34.83 12.70 22.00
CA LEU A 12 35.71 12.32 20.88
C LEU A 12 35.83 13.39 19.81
N GLY A 13 35.41 14.63 20.09
CA GLY A 13 35.37 15.63 19.05
C GLY A 13 36.73 15.95 18.47
N ALA A 14 37.79 15.64 19.20
CA ALA A 14 39.16 15.81 18.75
C ALA A 14 39.77 14.47 18.35
N ALA A 15 39.01 13.64 17.64
CA ALA A 15 39.52 12.36 17.16
C ALA A 15 40.46 12.54 15.99
N GLY A 16 40.16 13.48 15.09
CA GLY A 16 41.02 13.78 13.98
C GLY A 16 41.77 15.08 14.17
N SER A 17 41.86 15.54 15.41
CA SER A 17 42.58 16.75 15.75
C SER A 17 44.00 16.42 16.19
N THR A 18 44.85 17.44 16.19
CA THR A 18 46.23 17.28 16.61
C THR A 18 46.28 16.86 18.08
N MET A 19 47.31 16.08 18.42
CA MET A 19 47.44 15.59 19.80
C MET A 19 47.63 16.73 20.79
N GLY A 20 48.18 17.86 20.34
CA GLY A 20 48.34 18.99 21.24
C GLY A 20 47.02 19.58 21.69
N ALA A 21 46.10 19.78 20.75
CA ALA A 21 44.79 20.29 21.11
C ALA A 21 43.94 19.20 21.76
N ALA A 22 44.14 17.95 21.36
CA ALA A 22 43.33 16.86 21.90
C ALA A 22 43.69 16.57 23.36
N SER A 23 44.94 16.81 23.77
CA SER A 23 45.33 16.56 25.15
C SER A 23 44.61 17.46 26.15
N MET A 24 43.92 18.48 25.67
CA MET A 24 43.17 19.40 26.52
C MET A 24 41.72 18.95 26.60
N ALA A 25 41.20 18.95 27.83
CA ALA A 25 39.83 18.54 28.14
C ALA A 25 39.61 17.06 27.82
N LEU A 26 40.38 16.22 28.51
CA LEU A 26 40.27 14.78 28.38
C LEU A 26 39.16 14.20 29.25
N THR A 27 38.57 15.00 30.15
CA THR A 27 37.50 14.53 31.01
C THR A 27 36.15 14.48 30.31
N VAL A 28 36.10 14.81 29.02
CA VAL A 28 34.84 14.66 28.29
C VAL A 28 34.66 13.22 27.85
N GLN A 29 35.75 12.52 27.57
CA GLN A 29 35.73 11.09 27.30
C GLN A 29 36.02 10.25 28.54
N ALA A 30 36.25 10.89 29.68
CA ALA A 30 36.33 10.18 30.95
C ALA A 30 34.99 10.08 31.67
N ARG A 31 34.01 10.91 31.29
CA ARG A 31 32.67 10.82 31.87
C ARG A 31 31.86 9.70 31.22
N LEU A 32 31.59 9.81 29.91
CA LEU A 32 30.75 8.87 29.18
C LEU A 32 31.44 7.51 28.94
N LEU A 33 32.46 7.15 29.71
CA LEU A 33 33.09 5.84 29.64
C LEU A 33 32.46 4.82 30.59
N LEU A 34 31.56 5.25 31.45
CA LEU A 34 30.90 4.35 32.40
C LEU A 34 29.39 4.61 32.45
N THR A 58 14.38 -13.50 29.01
CA THR A 58 14.23 -12.18 28.40
C THR A 58 15.40 -11.87 27.48
N VAL A 59 15.11 -11.68 26.20
CA VAL A 59 16.18 -11.43 25.24
C VAL A 59 16.75 -10.02 25.43
N TRP A 60 15.88 -9.04 25.65
CA TRP A 60 16.38 -7.67 25.82
C TRP A 60 17.07 -7.52 27.17
N GLY A 61 16.46 -8.03 28.24
CA GLY A 61 17.05 -7.87 29.56
C GLY A 61 18.42 -8.50 29.68
N ILE A 62 18.57 -9.73 29.19
CA ILE A 62 19.84 -10.44 29.31
C ILE A 62 20.91 -9.76 28.48
N LYS A 63 20.57 -9.40 27.24
CA LYS A 63 21.54 -8.71 26.39
C LYS A 63 21.76 -7.26 26.81
N GLN A 64 20.91 -6.72 27.69
CA GLN A 64 21.17 -5.40 28.27
C GLN A 64 22.04 -5.50 29.51
N LEU A 65 21.79 -6.49 30.37
CA LEU A 65 22.64 -6.70 31.54
C LEU A 65 24.03 -7.16 31.16
N GLN A 66 24.16 -7.90 30.05
CA GLN A 66 25.48 -8.38 29.61
C GLN A 66 26.39 -7.22 29.28
N ALA A 67 25.88 -6.26 28.50
CA ALA A 67 26.64 -5.06 28.20
C ALA A 67 26.96 -4.26 29.45
N ARG A 68 26.08 -4.31 30.45
CA ARG A 68 26.34 -3.59 31.70
C ARG A 68 27.54 -4.16 32.45
N VAL A 69 27.64 -5.49 32.52
CA VAL A 69 28.77 -6.10 33.22
C VAL A 69 30.05 -5.93 32.42
N LEU A 70 29.97 -6.04 31.09
CA LEU A 70 31.15 -5.86 30.25
C LEU A 70 31.71 -4.45 30.39
N ALA A 71 30.85 -3.44 30.48
CA ALA A 71 31.31 -2.06 30.61
C ALA A 71 32.16 -1.89 31.86
N VAL A 72 31.66 -2.35 33.00
CA VAL A 72 32.38 -2.22 34.26
C VAL A 72 33.71 -2.96 34.19
N GLU A 73 33.80 -3.99 33.37
CA GLU A 73 35.04 -4.76 33.27
C GLU A 73 36.12 -3.99 32.53
N ARG A 74 35.82 -3.54 31.31
CA ARG A 74 36.80 -2.78 30.53
C ARG A 74 37.21 -1.52 31.25
N TYR A 75 36.27 -0.84 31.91
CA TYR A 75 36.62 0.34 32.69
C TYR A 75 37.57 -0.01 33.83
N LEU A 76 37.21 -1.04 34.61
CA LEU A 76 38.05 -1.40 35.75
C LEU A 76 39.43 -1.86 35.29
N ARG A 77 39.50 -2.56 34.15
CA ARG A 77 40.80 -2.93 33.61
C ARG A 77 41.67 -1.70 33.36
N ASP A 78 41.06 -0.58 32.98
CA ASP A 78 41.82 0.65 32.78
C ASP A 78 42.26 1.24 34.13
N GLN A 79 41.32 1.40 35.06
CA GLN A 79 41.69 1.90 36.38
C GLN A 79 42.67 0.96 37.07
N GLN A 80 42.54 -0.35 36.84
CA GLN A 80 43.51 -1.31 37.34
C GLN A 80 44.91 -0.97 36.86
N LEU A 81 45.05 -0.66 35.57
CA LEU A 81 46.35 -0.31 35.02
C LEU A 81 46.86 0.99 35.62
N LEU A 82 46.00 2.01 35.68
CA LEU A 82 46.39 3.29 36.27
C LEU A 82 46.80 3.13 37.72
N GLY A 83 46.25 2.14 38.43
CA GLY A 83 46.63 1.91 39.81
C GLY A 83 48.03 1.34 39.95
N ILE A 84 48.33 0.29 39.19
CA ILE A 84 49.63 -0.38 39.27
C ILE A 84 50.66 0.39 38.44
N TRP A 85 50.34 1.64 38.11
CA TRP A 85 51.28 2.57 37.50
C TRP A 85 51.50 3.82 38.34
N GLY A 86 50.84 3.92 39.50
CA GLY A 86 50.90 5.13 40.30
C GLY A 86 50.11 6.28 39.75
N CYS A 87 49.28 6.04 38.74
CA CYS A 87 48.47 7.08 38.11
C CYS A 87 47.00 7.00 38.51
N SER A 88 46.67 6.13 39.46
CA SER A 88 45.30 6.02 39.95
C SER A 88 44.77 7.37 40.37
N GLY A 89 43.89 7.94 39.56
CA GLY A 89 43.36 9.26 39.80
C GLY A 89 43.94 10.34 38.92
N LYS A 90 44.67 9.97 37.87
CA LYS A 90 45.30 10.93 36.98
C LYS A 90 44.70 10.82 35.59
N ILE A 91 44.68 11.95 34.90
CA ILE A 91 44.35 12.00 33.48
C ILE A 91 45.61 12.15 32.63
N ILE A 92 46.50 13.05 33.03
CA ILE A 92 47.84 13.16 32.45
C ILE A 92 48.83 12.78 33.54
N CYS A 93 49.67 11.80 33.25
CA CYS A 93 50.53 11.20 34.27
C CYS A 93 51.93 11.01 33.71
N CYS A 94 52.89 11.76 34.23
CA CYS A 94 54.28 11.60 33.85
C CYS A 94 54.92 10.51 34.69
N THR A 95 55.94 9.86 34.14
CA THR A 95 56.56 8.70 34.78
C THR A 95 58.08 8.84 34.79
N ASN A 96 58.77 7.71 34.92
CA ASN A 96 60.22 7.67 34.95
C ASN A 96 60.85 7.05 33.71
N VAL A 97 60.16 6.11 33.08
CA VAL A 97 60.70 5.34 31.95
C VAL A 97 61.16 6.28 30.84
N PRO A 98 62.45 6.32 30.52
CA PRO A 98 62.91 7.16 29.40
C PRO A 98 62.35 6.65 28.09
N TRP A 99 62.00 7.58 27.21
CA TRP A 99 61.41 7.18 25.93
C TRP A 99 62.49 6.55 25.06
N ASN A 100 62.38 5.25 24.87
CA ASN A 100 63.27 4.53 23.97
C ASN A 100 63.00 4.96 22.53
N ASP A 101 64.06 5.34 21.81
CA ASP A 101 63.91 5.73 20.41
C ASP A 101 63.61 4.55 19.50
N SER A 102 63.82 3.31 19.97
CA SER A 102 63.41 2.16 19.18
C SER A 102 61.90 2.15 18.94
N TRP A 103 61.15 2.76 19.86
CA TRP A 103 59.69 2.84 19.68
C TRP A 103 59.33 3.86 18.59
N SER A 104 60.01 5.00 18.58
CA SER A 104 59.78 6.05 17.59
C SER A 104 60.83 7.14 17.72
N ASN A 105 61.62 7.34 16.67
CA ASN A 105 62.65 8.39 16.65
C ASN A 105 62.10 9.74 16.20
N LYS A 106 60.87 10.07 16.60
CA LYS A 106 60.22 11.29 16.15
C LYS A 106 60.25 12.35 17.24
N THR A 107 60.35 13.60 16.81
CA THR A 107 60.42 14.75 17.69
C THR A 107 59.10 14.96 18.42
N ILE A 108 59.17 15.66 19.56
CA ILE A 108 57.96 16.09 20.25
C ILE A 108 57.10 16.97 19.33
N ASN A 109 57.76 17.75 18.47
CA ASN A 109 57.03 18.67 17.60
C ASN A 109 56.25 17.92 16.54
N GLU A 110 56.91 16.99 15.83
CA GLU A 110 56.24 16.24 14.78
C GLU A 110 55.28 15.16 15.31
N ILE A 111 54.96 15.19 16.61
CA ILE A 111 53.97 14.28 17.19
C ILE A 111 52.79 15.11 17.69
N TRP A 112 53.03 15.95 18.69
CA TRP A 112 51.96 16.66 19.37
C TRP A 112 51.37 17.80 18.55
N ASP A 113 52.03 18.23 17.49
CA ASP A 113 51.48 19.25 16.61
C ASP A 113 51.18 18.74 15.21
N ASN A 114 51.24 17.42 15.00
CA ASN A 114 51.00 16.85 13.67
C ASN A 114 50.13 15.61 13.74
N MET A 115 50.66 14.53 14.30
CA MET A 115 49.93 13.26 14.33
C MET A 115 48.71 13.36 15.23
N THR A 116 47.62 12.71 14.82
CA THR A 116 46.46 12.57 15.67
C THR A 116 46.64 11.35 16.57
N TRP A 117 45.95 11.37 17.72
CA TRP A 117 46.12 10.32 18.71
C TRP A 117 45.91 8.93 18.12
N MET A 118 45.03 8.81 17.13
CA MET A 118 44.81 7.50 16.50
C MET A 118 45.97 7.11 15.61
N GLN A 119 46.52 8.05 14.83
CA GLN A 119 47.71 7.76 14.05
C GLN A 119 48.85 7.31 14.95
N TRP A 120 49.01 7.97 16.10
CA TRP A 120 50.18 7.77 16.95
C TRP A 120 50.25 6.34 17.46
N GLU A 121 49.17 5.86 18.07
CA GLU A 121 49.23 4.56 18.70
C GLU A 121 49.15 3.40 17.72
N LYS A 122 48.82 3.67 16.45
CA LYS A 122 49.06 2.65 15.43
C LYS A 122 50.55 2.49 15.18
N GLU A 123 51.33 3.53 15.43
CA GLU A 123 52.77 3.46 15.30
C GLU A 123 53.42 2.81 16.51
N ILE A 124 52.81 2.94 17.70
CA ILE A 124 53.39 2.42 18.94
C ILE A 124 52.74 1.08 19.21
N ASP A 125 51.94 0.60 18.26
CA ASP A 125 51.12 -0.57 18.50
C ASP A 125 51.96 -1.78 18.89
N ASN A 126 53.14 -1.93 18.27
CA ASN A 126 53.98 -3.09 18.61
C ASN A 126 54.58 -2.95 20.00
N TYR A 127 54.99 -1.73 20.36
CA TYR A 127 55.71 -1.50 21.60
C TYR A 127 54.81 -1.15 22.77
N THR A 128 53.48 -1.24 22.60
CA THR A 128 52.59 -0.83 23.68
C THR A 128 52.62 -1.83 24.83
N GLN A 129 52.67 -3.13 24.53
CA GLN A 129 52.73 -4.14 25.57
C GLN A 129 54.10 -4.26 26.21
N HIS A 130 55.12 -3.62 25.62
CA HIS A 130 56.43 -3.55 26.24
C HIS A 130 56.53 -2.38 27.21
N ILE A 131 55.95 -1.23 26.86
CA ILE A 131 55.97 -0.08 27.76
C ILE A 131 55.10 -0.35 28.98
N TYR A 132 53.99 -1.06 28.81
CA TYR A 132 53.14 -1.40 29.94
C TYR A 132 53.92 -2.11 31.03
N THR A 133 54.82 -3.04 30.63
CA THR A 133 55.66 -3.70 31.61
C THR A 133 56.68 -2.75 32.22
N LEU A 134 57.17 -1.79 31.43
CA LEU A 134 58.16 -0.84 31.95
C LEU A 134 57.56 0.09 32.99
N LEU A 135 56.25 0.36 32.90
CA LEU A 135 55.61 1.27 33.84
C LEU A 135 55.34 0.60 35.17
N GLU A 136 55.14 -0.72 35.19
CA GLU A 136 54.86 -1.43 36.43
C GLU A 136 56.10 -1.60 37.27
N VAL A 137 57.24 -1.88 36.64
CA VAL A 137 58.48 -2.00 37.41
C VAL A 137 58.85 -0.65 38.03
N SER A 138 58.56 0.45 37.32
CA SER A 138 58.90 1.76 37.85
C SER A 138 58.00 2.14 39.01
N GLN A 139 56.80 1.59 39.06
CA GLN A 139 55.94 1.85 40.21
C GLN A 139 56.25 0.91 41.36
N ILE A 140 56.65 -0.32 41.06
CA ILE A 140 57.03 -1.23 42.13
C ILE A 140 58.38 -0.84 42.72
N GLN A 141 59.32 -0.42 41.87
CA GLN A 141 60.63 0.02 42.32
C GLN A 141 60.62 1.47 42.81
N GLN A 142 59.46 2.12 42.82
CA GLN A 142 59.30 3.45 43.40
C GLN A 142 58.81 3.38 44.84
N GLU A 143 57.78 2.58 45.10
CA GLU A 143 57.31 2.42 46.47
C GLU A 143 58.25 1.54 47.28
N LYS A 144 59.00 0.65 46.62
CA LYS A 144 60.05 -0.08 47.32
C LYS A 144 61.11 0.87 47.86
N ASN A 145 61.48 1.88 47.07
CA ASN A 145 62.40 2.90 47.57
C ASN A 145 61.71 3.83 48.56
N GLU A 146 60.46 4.20 48.28
CA GLU A 146 59.69 5.02 49.22
C GLU A 146 59.57 4.35 50.58
N GLN A 147 59.51 3.01 50.59
CA GLN A 147 59.49 2.28 51.86
C GLN A 147 60.76 2.53 52.65
N GLU A 148 61.92 2.48 51.99
CA GLU A 148 63.18 2.78 52.66
C GLU A 148 63.25 4.23 53.12
N LEU A 149 62.59 5.14 52.39
CA LEU A 149 62.63 6.56 52.73
C LEU A 149 62.02 6.81 54.10
N LEU A 150 60.81 6.29 54.33
CA LEU A 150 60.10 6.54 55.57
C LEU A 150 60.51 5.59 56.69
N GLU A 151 61.57 4.81 56.49
CA GLU A 151 62.16 4.05 57.58
C GLU A 151 63.01 4.92 58.51
N LEU A 152 63.38 6.12 58.06
CA LEU A 152 64.19 7.04 58.85
C LEU A 152 63.32 7.98 59.66
N GLN B 1 54.63 13.49 2.70
CA GLN B 1 55.10 12.17 2.28
C GLN B 1 54.38 11.72 1.01
N GLY B 2 53.88 12.70 0.24
CA GLY B 2 53.22 12.43 -1.01
C GLY B 2 53.72 13.34 -2.11
N GLN B 3 53.19 13.12 -3.31
CA GLN B 3 53.61 13.88 -4.46
C GLN B 3 52.70 15.07 -4.70
N LEU B 4 53.29 16.16 -5.22
CA LEU B 4 52.56 17.37 -5.60
C LEU B 4 52.92 17.66 -7.06
N VAL B 5 52.26 16.97 -7.97
CA VAL B 5 52.51 17.16 -9.40
C VAL B 5 51.73 18.37 -9.88
N GLN B 6 52.34 19.15 -10.78
CA GLN B 6 51.76 20.38 -11.29
C GLN B 6 51.45 20.23 -12.77
N SER B 7 51.23 21.35 -13.45
CA SER B 7 50.94 21.36 -14.88
C SER B 7 52.25 21.30 -15.66
N GLY B 8 52.18 21.54 -16.96
CA GLY B 8 53.35 21.55 -17.82
C GLY B 8 54.04 22.90 -17.82
N ALA B 9 54.62 23.26 -18.96
CA ALA B 9 55.30 24.53 -19.14
C ALA B 9 54.53 25.33 -20.20
N THR B 10 53.54 26.09 -19.75
CA THR B 10 52.69 26.90 -20.62
C THR B 10 53.20 28.33 -20.61
N THR B 11 53.54 28.84 -21.80
CA THR B 11 54.11 30.17 -21.96
C THR B 11 53.16 31.03 -22.77
N THR B 12 52.64 32.08 -22.15
CA THR B 12 51.81 33.07 -22.85
C THR B 12 52.58 34.38 -22.93
N LYS B 13 51.90 35.43 -23.36
CA LYS B 13 52.48 36.75 -23.56
C LYS B 13 51.91 37.76 -22.57
N PRO B 14 52.56 38.95 -22.43
CA PRO B 14 52.10 39.92 -21.42
C PRO B 14 50.61 40.27 -21.48
N GLY B 15 50.08 40.73 -20.36
CA GLY B 15 48.68 41.08 -20.22
C GLY B 15 47.75 39.92 -19.97
N SER B 16 48.09 38.71 -20.45
CA SER B 16 47.22 37.55 -20.33
C SER B 16 47.24 36.97 -18.93
N SER B 17 46.81 35.71 -18.80
CA SER B 17 46.72 35.04 -17.51
C SER B 17 46.89 33.54 -17.73
N VAL B 18 47.64 32.90 -16.84
CA VAL B 18 47.98 31.49 -16.96
C VAL B 18 47.48 30.76 -15.72
N LYS B 19 46.94 29.56 -15.93
CA LYS B 19 46.47 28.68 -14.86
C LYS B 19 47.51 27.61 -14.57
N ILE B 20 47.90 27.49 -13.31
CA ILE B 20 48.87 26.50 -12.86
C ILE B 20 48.18 25.56 -11.88
N SER B 21 48.33 24.25 -12.11
CA SER B 21 47.70 23.22 -11.31
C SER B 21 48.67 22.66 -10.28
N CYS B 22 48.14 21.84 -9.38
CA CYS B 22 48.95 21.29 -8.27
C CYS B 22 48.13 20.18 -7.62
N LYS B 23 48.26 18.98 -8.16
CA LYS B 23 47.49 17.83 -7.71
C LYS B 23 48.25 17.06 -6.65
N THR B 24 47.58 16.77 -5.53
CA THR B 24 48.16 16.10 -4.39
C THR B 24 47.79 14.63 -4.36
N SER B 25 48.54 13.86 -3.57
CA SER B 25 48.33 12.43 -3.38
C SER B 25 49.27 11.95 -2.28
N GLY B 26 48.80 10.99 -1.49
CA GLY B 26 49.62 10.38 -0.47
C GLY B 26 49.64 11.10 0.87
N TYR B 27 48.80 12.11 1.06
CA TYR B 27 48.74 12.81 2.33
C TYR B 27 47.40 13.55 2.42
N ARG B 28 46.86 13.63 3.65
CA ARG B 28 45.59 14.31 3.88
C ARG B 28 45.67 15.76 3.41
N PHE B 29 45.08 16.02 2.23
CA PHE B 29 45.21 17.33 1.60
C PHE B 29 44.63 18.44 2.47
N ASN B 30 43.65 18.13 3.32
CA ASN B 30 43.00 19.16 4.13
C ASN B 30 43.82 19.56 5.36
N PHE B 31 44.83 18.78 5.75
CA PHE B 31 45.51 19.03 7.01
C PHE B 31 46.61 20.07 6.92
N TYR B 32 47.09 20.39 5.72
CA TYR B 32 48.23 21.28 5.55
C TYR B 32 47.94 22.33 4.49
N HIS B 33 48.42 23.55 4.72
CA HIS B 33 48.25 24.64 3.77
C HIS B 33 48.98 24.30 2.46
N ILE B 34 48.66 25.09 1.43
CA ILE B 34 49.32 24.99 0.13
C ILE B 34 49.91 26.35 -0.18
N ASN B 35 51.23 26.42 -0.27
CA ASN B 35 51.96 27.65 -0.56
C ASN B 35 52.34 27.69 -2.03
N TRP B 36 52.54 28.92 -2.52
CA TRP B 36 52.96 29.14 -3.91
C TRP B 36 54.18 30.03 -3.92
N ILE B 37 55.28 29.54 -4.51
CA ILE B 37 56.54 30.25 -4.59
C ILE B 37 56.99 30.28 -6.04
N ARG B 38 57.98 31.12 -6.32
CA ARG B 38 58.54 31.23 -7.67
C ARG B 38 59.94 31.83 -7.60
N GLN B 39 60.72 31.57 -8.65
CA GLN B 39 62.08 32.10 -8.79
C GLN B 39 62.20 32.71 -10.18
N THR B 40 62.18 34.05 -10.23
CA THR B 40 62.21 34.77 -11.49
C THR B 40 63.63 35.18 -11.86
N ALA B 41 63.91 35.19 -13.16
CA ALA B 41 65.19 35.66 -13.68
C ALA B 41 65.25 37.17 -13.58
N GLY B 42 65.71 37.68 -12.43
CA GLY B 42 65.76 39.10 -12.17
C GLY B 42 65.82 39.36 -10.69
N ARG B 43 65.15 38.53 -9.92
CA ARG B 43 65.23 38.49 -8.47
C ARG B 43 65.68 37.10 -8.04
N GLY B 44 65.53 36.81 -6.75
CA GLY B 44 65.77 35.49 -6.24
C GLY B 44 64.46 34.76 -6.06
N PRO B 45 64.29 34.11 -4.91
CA PRO B 45 62.99 33.53 -4.57
C PRO B 45 62.05 34.56 -3.98
N GLU B 46 60.76 34.36 -4.20
CA GLU B 46 59.74 35.28 -3.72
C GLU B 46 58.51 34.51 -3.27
N TRP B 47 58.08 34.75 -2.03
CA TRP B 47 56.90 34.10 -1.50
C TRP B 47 55.65 34.83 -1.98
N MET B 48 54.68 34.07 -2.49
CA MET B 48 53.46 34.63 -3.07
C MET B 48 52.27 34.53 -2.13
N GLY B 49 52.05 33.37 -1.52
CA GLY B 49 50.95 33.22 -0.60
C GLY B 49 50.57 31.76 -0.44
N TRP B 50 49.83 31.49 0.63
CA TRP B 50 49.33 30.16 0.91
C TRP B 50 47.81 30.18 1.03
N ILE B 51 47.23 28.98 1.03
CA ILE B 51 45.79 28.79 1.14
C ILE B 51 45.53 27.54 1.97
N SER B 52 44.37 27.53 2.64
CA SER B 52 44.02 26.45 3.55
C SER B 52 43.01 25.52 2.88
N PRO B 53 43.37 24.26 2.59
CA PRO B 53 42.42 23.31 1.99
C PRO B 53 41.27 22.94 2.91
N TYR B 54 41.32 23.40 4.16
CA TYR B 54 40.27 23.16 5.13
C TYR B 54 39.59 24.45 5.57
N SER B 55 40.35 25.41 6.11
CA SER B 55 39.78 26.69 6.49
C SER B 55 39.34 27.53 5.30
N GLY B 56 39.71 27.14 4.08
CA GLY B 56 39.47 27.98 2.92
C GLY B 56 40.11 29.35 3.02
N ASP B 57 41.09 29.52 3.91
CA ASP B 57 41.66 30.83 4.19
C ASP B 57 42.82 31.13 3.25
N LYS B 58 43.00 32.41 2.95
CA LYS B 58 44.03 32.87 2.03
C LYS B 58 44.85 33.95 2.69
N ASN B 59 46.18 33.87 2.53
CA ASN B 59 47.07 34.91 3.01
C ASN B 59 48.24 34.98 2.04
N LEU B 60 48.32 36.08 1.31
CA LEU B 60 49.38 36.30 0.36
C LEU B 60 50.16 37.56 0.74
N ALA B 61 51.35 37.69 0.19
CA ALA B 61 52.13 38.90 0.39
C ALA B 61 51.49 40.08 -0.33
N PRO B 62 51.56 41.28 0.24
CA PRO B 62 50.99 42.47 -0.43
C PRO B 62 51.53 42.72 -1.82
N ALA B 63 52.66 42.11 -2.18
CA ALA B 63 53.22 42.28 -3.50
C ALA B 63 52.41 41.55 -4.58
N PHE B 64 51.62 40.54 -4.19
CA PHE B 64 50.88 39.72 -5.15
C PHE B 64 49.39 39.64 -4.80
N GLN B 65 48.83 40.68 -4.18
CA GLN B 65 47.43 40.58 -3.77
C GLN B 65 46.48 40.77 -4.94
N ASP B 66 46.60 41.89 -5.64
CA ASP B 66 45.61 42.27 -6.64
C ASP B 66 45.97 41.66 -7.99
N ARG B 67 46.67 40.54 -7.95
CA ARG B 67 47.02 39.83 -9.16
C ARG B 67 46.78 38.33 -9.12
N VAL B 68 46.70 37.71 -7.94
CA VAL B 68 46.68 36.26 -7.81
C VAL B 68 45.25 35.76 -7.63
N ASN B 69 44.87 34.76 -8.44
CA ASN B 69 43.62 34.02 -8.27
C ASN B 69 43.99 32.64 -7.75
N MET B 70 43.74 32.39 -6.47
CA MET B 70 44.18 31.18 -5.80
C MET B 70 42.98 30.42 -5.24
N THR B 71 42.87 29.14 -5.62
CA THR B 71 41.73 28.32 -5.23
C THR B 71 42.22 26.89 -4.98
N THR B 72 41.29 26.04 -4.53
CA THR B 72 41.54 24.62 -4.33
C THR B 72 40.28 23.83 -4.65
N ASP B 73 40.47 22.54 -4.90
CA ASP B 73 39.34 21.62 -5.04
C ASP B 73 38.83 21.19 -3.67
N THR B 74 38.43 19.93 -3.56
CA THR B 74 38.11 19.29 -2.28
C THR B 74 38.60 17.86 -2.37
N GLU B 75 39.47 17.47 -1.42
CA GLU B 75 40.16 16.19 -1.51
C GLU B 75 39.19 15.03 -1.68
N VAL B 76 39.62 14.03 -2.45
CA VAL B 76 38.86 12.80 -2.63
C VAL B 76 39.52 11.73 -1.76
N PRO B 77 38.92 11.32 -0.66
CA PRO B 77 39.60 10.41 0.27
C PRO B 77 39.92 9.07 -0.37
N VAL B 78 41.17 8.68 -0.27
CA VAL B 78 41.61 7.34 -0.68
C VAL B 78 41.58 6.37 0.48
N THR B 79 42.20 6.74 1.60
CA THR B 79 42.09 5.99 2.84
C THR B 79 41.67 6.91 3.99
N SER B 80 41.84 6.45 5.23
CA SER B 80 41.49 7.29 6.37
C SER B 80 42.49 8.43 6.54
N PHE B 81 43.74 8.22 6.12
CA PHE B 81 44.79 9.22 6.25
C PHE B 81 45.37 9.67 4.92
N THR B 82 44.79 9.22 3.80
CA THR B 82 45.22 9.62 2.48
C THR B 82 44.10 10.39 1.80
N SER B 83 44.46 11.11 0.74
CA SER B 83 43.52 11.88 -0.04
C SER B 83 44.19 12.35 -1.33
N THR B 84 43.40 12.95 -2.21
CA THR B 84 43.89 13.50 -3.47
C THR B 84 43.15 14.78 -3.78
N GLY B 85 43.86 15.90 -3.80
CA GLY B 85 43.26 17.19 -4.10
C GLY B 85 44.02 17.94 -5.17
N ALA B 86 43.73 19.24 -5.33
CA ALA B 86 44.40 20.06 -6.33
C ALA B 86 44.21 21.53 -6.01
N ALA B 87 45.29 22.30 -6.08
CA ALA B 87 45.26 23.74 -5.92
C ALA B 87 45.50 24.40 -7.27
N TYR B 88 44.96 25.61 -7.43
CA TYR B 88 45.03 26.33 -8.69
C TYR B 88 45.62 27.71 -8.47
N MET B 89 46.43 28.16 -9.43
CA MET B 89 47.13 29.44 -9.34
C MET B 89 46.97 30.19 -10.66
N GLU B 90 46.38 31.38 -10.59
CA GLU B 90 46.28 32.28 -11.73
C GLU B 90 46.86 33.63 -11.35
N ILE B 91 47.14 34.45 -12.37
CA ILE B 91 47.68 35.79 -12.18
C ILE B 91 46.96 36.75 -13.12
N ARG B 92 46.87 38.01 -12.70
CA ARG B 92 46.19 39.03 -13.49
C ARG B 92 47.14 39.68 -14.50
N ASN B 93 47.57 40.92 -14.23
CA ASN B 93 48.44 41.66 -15.13
C ASN B 93 49.77 40.96 -15.30
N LEU B 94 49.86 40.10 -16.33
CA LEU B 94 51.06 39.33 -16.59
C LEU B 94 52.03 40.12 -17.45
N THR B 95 53.32 39.99 -17.14
CA THR B 95 54.38 40.66 -17.88
C THR B 95 55.49 39.66 -18.13
N SER B 96 56.61 40.15 -18.67
CA SER B 96 57.82 39.35 -18.82
C SER B 96 58.71 39.38 -17.57
N ASP B 97 58.44 40.30 -16.64
CA ASP B 97 59.16 40.31 -15.37
C ASP B 97 58.77 39.09 -14.52
N ASP B 98 57.55 38.59 -14.69
CA ASP B 98 57.07 37.45 -13.93
C ASP B 98 57.55 36.12 -14.49
N THR B 99 58.33 36.13 -15.56
CA THR B 99 58.84 34.89 -16.14
C THR B 99 59.74 34.16 -15.14
N GLY B 100 59.43 32.90 -14.89
CA GLY B 100 60.25 32.11 -13.99
C GLY B 100 59.62 30.77 -13.71
N THR B 101 60.27 30.03 -12.81
CA THR B 101 59.80 28.72 -12.37
C THR B 101 58.89 28.89 -11.16
N TYR B 102 57.75 28.20 -11.18
CA TYR B 102 56.77 28.27 -10.10
C TYR B 102 56.50 26.87 -9.55
N PHE B 103 56.25 26.79 -8.25
CA PHE B 103 55.84 25.53 -7.65
C PHE B 103 54.86 25.80 -6.51
N CYS B 104 54.17 24.74 -6.12
CA CYS B 104 53.34 24.72 -4.93
C CYS B 104 54.05 23.94 -3.82
N ALA B 105 53.74 24.29 -2.58
CA ALA B 105 54.46 23.70 -1.45
C ALA B 105 53.48 23.43 -0.32
N LYS B 106 53.34 22.16 0.05
CA LYS B 106 52.49 21.77 1.17
C LYS B 106 53.10 22.21 2.49
N GLY B 107 52.25 22.66 3.41
CA GLY B 107 52.70 23.16 4.69
C GLY B 107 53.49 22.15 5.49
N LEU B 108 54.13 22.63 6.55
CA LEU B 108 55.02 21.78 7.34
C LEU B 108 54.25 20.97 8.38
N LEU B 109 53.43 21.63 9.19
CA LEU B 109 52.73 20.97 10.27
C LEU B 109 51.25 21.32 10.30
N ARG B 110 50.56 20.92 11.37
CA ARG B 110 49.16 21.25 11.58
C ARG B 110 48.92 22.15 12.79
N ASP B 111 49.96 22.50 13.53
CA ASP B 111 49.82 23.30 14.75
C ASP B 111 51.20 23.80 15.14
N GLY B 112 51.22 24.75 16.07
CA GLY B 112 52.47 25.31 16.56
C GLY B 112 52.74 26.70 16.02
N SER B 113 54.00 26.98 15.70
CA SER B 113 54.37 28.26 15.11
C SER B 113 54.96 28.13 13.70
N SER B 114 55.12 26.91 13.20
CA SER B 114 55.62 26.66 11.85
C SER B 114 54.65 25.72 11.14
N THR B 115 53.41 26.18 11.00
CA THR B 115 52.36 25.36 10.41
C THR B 115 52.39 25.41 8.89
N TRP B 116 52.54 26.61 8.33
CA TRP B 116 52.44 26.83 6.90
C TRP B 116 53.78 26.79 6.19
N LEU B 117 54.89 26.64 6.92
CA LEU B 117 56.22 26.74 6.34
C LEU B 117 56.35 25.77 5.18
N PRO B 118 56.52 26.29 3.95
CA PRO B 118 56.52 25.44 2.75
C PRO B 118 57.52 24.30 2.81
N TYR B 119 57.04 23.11 3.20
CA TYR B 119 57.91 21.96 3.41
C TYR B 119 58.07 21.14 2.13
N LEU B 120 56.98 20.53 1.67
CA LEU B 120 57.01 19.61 0.54
C LEU B 120 56.69 20.36 -0.75
N TRP B 121 57.67 20.41 -1.65
CA TRP B 121 57.56 21.16 -2.90
C TRP B 121 57.05 20.28 -4.02
N GLY B 122 56.57 20.93 -5.08
CA GLY B 122 56.11 20.23 -6.26
C GLY B 122 57.23 19.88 -7.21
N GLN B 123 57.03 20.10 -8.51
CA GLN B 123 58.02 19.81 -9.52
C GLN B 123 58.55 21.04 -10.23
N GLY B 124 57.74 22.08 -10.38
CA GLY B 124 58.17 23.28 -11.07
C GLY B 124 57.52 23.40 -12.44
N THR B 125 57.13 24.63 -12.79
CA THR B 125 56.52 24.94 -14.08
C THR B 125 57.10 26.24 -14.60
N LEU B 126 57.58 26.23 -15.84
CA LEU B 126 58.21 27.39 -16.45
C LEU B 126 57.14 28.26 -17.10
N LEU B 127 57.09 29.54 -16.72
CA LEU B 127 56.09 30.47 -17.23
C LEU B 127 56.65 31.14 -18.49
N THR B 128 56.05 32.26 -18.89
CA THR B 128 56.41 33.00 -20.10
C THR B 128 57.91 33.30 -20.22
N SER C 1 66.88 42.05 -7.97
CA SER C 1 67.04 41.66 -6.57
C SER C 1 66.74 42.84 -5.64
N GLN C 2 65.95 42.56 -4.60
CA GLN C 2 65.59 43.60 -3.64
C GLN C 2 65.42 43.06 -2.23
N SER C 3 66.03 41.91 -1.92
CA SER C 3 65.80 41.25 -0.65
C SER C 3 66.38 42.08 0.50
N VAL C 4 65.53 42.34 1.50
CA VAL C 4 65.94 43.04 2.71
C VAL C 4 66.72 42.14 3.66
N LEU C 5 66.84 40.85 3.36
CA LEU C 5 67.52 39.87 4.21
C LEU C 5 68.78 39.40 3.49
N THR C 6 69.94 39.87 3.95
CA THR C 6 71.21 39.54 3.32
C THR C 6 71.85 38.32 3.98
N GLN C 7 72.57 37.54 3.17
CA GLN C 7 73.34 36.41 3.62
C GLN C 7 74.83 36.73 3.50
N SER C 8 75.67 35.69 3.52
CA SER C 8 77.13 35.85 3.49
C SER C 8 77.70 35.81 2.08
N ALA C 9 76.99 36.39 1.11
CA ALA C 9 77.39 36.30 -0.29
C ALA C 9 77.63 34.84 -0.69
N SER C 10 78.89 34.46 -0.85
CA SER C 10 79.25 33.09 -1.14
C SER C 10 80.41 32.66 -0.25
N VAL C 11 80.51 31.35 -0.03
CA VAL C 11 81.52 30.78 0.84
C VAL C 11 81.87 29.39 0.31
N SER C 12 83.02 28.88 0.73
CA SER C 12 83.52 27.59 0.28
C SER C 12 84.08 26.81 1.45
N GLY C 13 84.29 25.51 1.23
CA GLY C 13 84.81 24.63 2.25
C GLY C 13 85.54 23.47 1.62
N SER C 14 85.99 22.55 2.47
CA SER C 14 86.70 21.35 2.03
C SER C 14 86.10 20.14 2.73
N LEU C 15 86.30 18.97 2.12
CA LEU C 15 85.73 17.73 2.62
C LEU C 15 86.16 17.48 4.06
N GLY C 16 85.19 17.07 4.89
CA GLY C 16 85.43 16.86 6.30
C GLY C 16 85.39 18.11 7.16
N GLN C 17 85.31 19.29 6.55
CA GLN C 17 85.28 20.54 7.30
C GLN C 17 83.83 21.02 7.49
N SER C 18 83.69 22.11 8.23
CA SER C 18 82.39 22.71 8.50
C SER C 18 82.36 24.15 8.00
N VAL C 19 81.19 24.58 7.55
CA VAL C 19 80.97 25.92 6.99
C VAL C 19 80.02 26.67 7.91
N THR C 20 79.69 27.91 7.55
CA THR C 20 78.73 28.72 8.27
C THR C 20 78.27 29.83 7.33
N ILE C 21 76.95 30.04 7.25
CA ILE C 21 76.36 31.06 6.39
C ILE C 21 75.53 31.99 7.27
N SER C 22 75.81 33.29 7.16
CA SER C 22 75.08 34.29 7.91
C SER C 22 73.69 34.50 7.31
N CYS C 23 72.93 35.40 7.95
CA CYS C 23 71.60 35.81 7.52
C CYS C 23 71.15 36.93 8.46
N THR C 24 71.03 38.15 7.94
CA THR C 24 70.65 39.26 8.80
C THR C 24 70.05 40.37 7.96
N GLY C 25 69.07 41.06 8.54
CA GLY C 25 68.51 42.25 7.94
C GLY C 25 68.26 43.31 8.99
N PRO C 26 67.49 44.34 8.64
CA PRO C 26 67.19 45.39 9.62
C PRO C 26 66.26 44.89 10.72
N ASN C 27 65.83 45.81 11.58
CA ASN C 27 64.97 45.47 12.70
C ASN C 27 63.56 45.05 12.26
N SER C 28 63.26 45.03 10.96
CA SER C 28 61.93 44.70 10.47
C SER C 28 61.80 43.25 10.02
N VAL C 29 62.89 42.48 10.03
CA VAL C 29 62.84 41.10 9.54
C VAL C 29 63.82 40.20 10.28
N CYS C 30 64.32 40.67 11.42
CA CYS C 30 65.37 39.93 12.10
C CYS C 30 65.64 40.58 13.45
N CYS C 31 65.78 39.79 14.51
CA CYS C 31 65.62 38.33 14.45
C CYS C 31 64.91 37.79 15.69
N SER C 32 65.13 38.44 16.83
CA SER C 32 64.59 37.97 18.11
C SER C 32 63.06 37.92 18.12
N HIS C 33 62.40 38.45 17.10
CA HIS C 33 60.94 38.46 17.01
C HIS C 33 60.48 37.84 15.70
N LYS C 34 61.19 36.81 15.23
CA LYS C 34 60.87 36.13 13.98
C LYS C 34 61.61 34.81 13.94
N SER C 35 60.95 33.79 13.38
CA SER C 35 61.61 32.52 13.14
C SER C 35 62.52 32.63 11.92
N ILE C 36 63.30 31.57 11.69
CA ILE C 36 64.24 31.53 10.57
C ILE C 36 64.21 30.12 9.98
N SER C 37 64.05 30.03 8.66
CA SER C 37 64.03 28.76 7.96
C SER C 37 65.16 28.73 6.94
N TRP C 38 65.85 27.60 6.86
CA TRP C 38 66.98 27.42 5.95
C TRP C 38 66.64 26.38 4.91
N TYR C 39 66.81 26.74 3.64
CA TYR C 39 66.42 25.89 2.52
C TYR C 39 67.62 25.59 1.64
N GLN C 40 67.90 24.31 1.45
CA GLN C 40 68.78 23.88 0.37
C GLN C 40 68.00 23.95 -0.94
N TRP C 41 68.57 24.64 -1.93
CA TRP C 41 67.86 24.96 -3.16
C TRP C 41 68.80 24.90 -4.34
N PRO C 42 68.88 23.76 -5.03
CA PRO C 42 69.61 23.68 -6.30
C PRO C 42 69.06 24.67 -7.30
N PRO C 43 69.83 25.04 -8.33
CA PRO C 43 69.38 26.08 -9.26
C PRO C 43 68.11 25.73 -10.01
N GLY C 44 67.01 26.43 -9.68
CA GLY C 44 65.76 26.29 -10.38
C GLY C 44 65.18 24.89 -10.37
N ARG C 45 65.16 24.25 -9.20
CA ARG C 45 64.63 22.89 -9.09
C ARG C 45 63.87 22.71 -7.78
N ALA C 46 63.82 21.47 -7.29
CA ALA C 46 63.08 21.13 -6.08
C ALA C 46 63.89 21.47 -4.84
N PRO C 47 63.46 22.44 -4.03
CA PRO C 47 64.21 22.80 -2.81
C PRO C 47 64.10 21.73 -1.74
N THR C 48 64.56 22.06 -0.53
CA THR C 48 64.47 21.15 0.61
C THR C 48 64.58 21.95 1.89
N LEU C 49 63.60 21.79 2.78
CA LEU C 49 63.66 22.45 4.07
C LEU C 49 64.69 21.77 4.96
N ILE C 50 65.59 22.56 5.52
CA ILE C 50 66.68 22.06 6.36
C ILE C 50 66.42 22.35 7.84
N ILE C 51 66.12 23.60 8.17
CA ILE C 51 65.94 24.01 9.55
C ILE C 51 64.79 25.01 9.64
N TYR C 52 63.89 24.80 10.58
CA TYR C 52 62.85 25.76 10.91
C TYR C 52 62.95 26.11 12.39
N GLU C 53 62.33 27.23 12.77
CA GLU C 53 62.29 27.70 14.16
C GLU C 53 63.68 27.85 14.75
N ASP C 54 64.63 28.27 13.91
CA ASP C 54 66.00 28.66 14.27
C ASP C 54 66.95 27.47 14.41
N ASN C 55 66.53 26.43 15.11
CA ASN C 55 67.44 25.34 15.41
C ASN C 55 66.83 23.95 15.24
N GLU C 56 65.57 23.86 14.80
CA GLU C 56 64.91 22.58 14.63
C GLU C 56 65.07 22.13 13.18
N ARG C 57 65.50 20.89 13.00
CA ARG C 57 65.62 20.33 11.66
C ARG C 57 64.28 19.75 11.21
N ALA C 58 64.14 19.63 9.89
CA ALA C 58 63.00 18.94 9.29
C ALA C 58 63.17 17.44 9.51
N PRO C 59 62.16 16.62 9.17
CA PRO C 59 62.34 15.17 9.30
C PRO C 59 63.47 14.66 8.44
N GLY C 60 64.23 13.70 8.98
CA GLY C 60 65.29 13.04 8.25
C GLY C 60 66.54 13.87 7.98
N ILE C 61 66.51 15.17 8.24
CA ILE C 61 67.67 16.03 7.97
C ILE C 61 68.87 15.51 8.75
N SER C 62 70.01 15.43 8.07
CA SER C 62 71.21 14.87 8.68
C SER C 62 71.62 15.71 9.89
N PRO C 63 72.10 15.08 10.97
CA PRO C 63 72.47 15.85 12.17
C PRO C 63 73.62 16.82 11.95
N ARG C 64 74.32 16.72 10.82
CA ARG C 64 75.39 17.66 10.51
C ARG C 64 74.89 19.10 10.53
N PHE C 65 73.72 19.33 9.95
CA PHE C 65 73.19 20.69 9.84
C PHE C 65 72.85 21.24 11.22
N SER C 66 73.04 22.54 11.37
CA SER C 66 72.81 23.19 12.66
C SER C 66 72.45 24.65 12.44
N GLY C 67 71.78 25.22 13.43
CA GLY C 67 71.35 26.60 13.36
C GLY C 67 71.59 27.32 14.68
N TYR C 68 71.52 28.65 14.62
CA TYR C 68 71.73 29.49 15.78
C TYR C 68 71.22 30.89 15.48
N LYS C 69 70.48 31.51 16.39
CA LYS C 69 69.90 32.83 16.14
C LYS C 69 70.22 33.76 17.31
N SER C 70 71.03 34.78 17.04
CA SER C 70 71.25 35.85 18.00
C SER C 70 70.30 37.00 17.71
N TYR C 71 70.37 38.04 18.52
CA TYR C 71 69.41 39.15 18.40
C TYR C 71 69.57 39.95 17.11
N TRP C 72 70.41 39.58 16.15
CA TRP C 72 70.60 40.43 14.97
C TRP C 72 70.92 39.61 13.74
N SER C 73 71.17 38.31 13.91
CA SER C 73 71.51 37.45 12.77
C SER C 73 71.36 36.00 13.17
N ALA C 74 71.09 35.15 12.17
CA ALA C 74 70.99 33.72 12.33
C ALA C 74 71.99 33.03 11.41
N TYR C 75 72.54 31.90 11.87
CA TYR C 75 73.63 31.22 11.18
C TYR C 75 73.26 29.78 10.89
N LEU C 76 73.72 29.29 9.73
CA LEU C 76 73.52 27.90 9.31
C LEU C 76 74.89 27.27 9.10
N THR C 77 75.24 26.31 9.96
CA THR C 77 76.49 25.59 9.85
C THR C 77 76.24 24.21 9.24
N ILE C 78 77.22 23.72 8.48
CA ILE C 78 77.12 22.45 7.78
C ILE C 78 78.31 21.61 8.23
N SER C 79 78.13 20.90 9.33
CA SER C 79 79.18 20.04 9.86
C SER C 79 79.47 18.90 8.89
N ASP C 80 80.72 18.44 8.91
CA ASP C 80 81.19 17.32 8.10
C ASP C 80 80.74 17.47 6.65
N LEU C 81 81.47 18.28 5.89
CA LEU C 81 81.12 18.52 4.50
C LEU C 81 81.31 17.24 3.69
N ARG C 82 80.23 16.75 3.11
CA ARG C 82 80.23 15.63 2.19
C ARG C 82 80.23 16.15 0.76
N PRO C 83 80.54 15.31 -0.24
CA PRO C 83 80.60 15.82 -1.62
C PRO C 83 79.27 16.32 -2.15
N GLU C 84 78.14 15.82 -1.65
CA GLU C 84 76.83 16.22 -2.14
C GLU C 84 76.31 17.51 -1.49
N ASP C 85 77.19 18.49 -1.27
CA ASP C 85 76.79 19.76 -0.64
C ASP C 85 77.05 20.96 -1.54
N GLU C 86 77.23 20.75 -2.84
CA GLU C 86 77.40 21.83 -3.80
C GLU C 86 76.04 22.34 -4.21
N THR C 87 75.65 23.52 -3.72
CA THR C 87 74.37 24.14 -4.06
C THR C 87 74.35 25.55 -3.46
N THR C 88 73.18 26.17 -3.54
CA THR C 88 72.91 27.49 -2.98
C THR C 88 71.88 27.37 -1.86
N TYR C 89 72.03 28.17 -0.81
CA TYR C 89 71.19 28.10 0.37
C TYR C 89 70.57 29.46 0.65
N TYR C 90 69.29 29.46 0.99
CA TYR C 90 68.56 30.68 1.30
C TYR C 90 67.96 30.56 2.69
N CYS C 91 67.79 31.70 3.36
CA CYS C 91 67.08 31.74 4.63
C CYS C 91 65.72 32.40 4.44
N CYS C 92 64.98 32.50 5.55
CA CYS C 92 63.68 33.16 5.56
C CYS C 92 63.22 33.55 6.97
N SER C 93 62.75 34.79 7.13
CA SER C 93 62.15 35.22 8.38
C SER C 93 60.64 35.09 8.30
N TYR C 94 60.02 34.66 9.39
CA TYR C 94 58.58 34.42 9.37
C TYR C 94 58.08 34.29 10.81
N THR C 95 56.78 34.53 10.98
CA THR C 95 56.10 34.22 12.23
C THR C 95 55.04 33.16 11.98
N HIS C 96 54.01 33.12 12.82
CA HIS C 96 52.98 32.11 12.65
C HIS C 96 51.98 32.49 11.56
N ASN C 97 51.65 33.78 11.44
CA ASN C 97 50.66 34.21 10.47
C ASN C 97 51.25 35.19 9.45
N SER C 98 52.43 34.90 8.95
CA SER C 98 53.05 35.76 7.95
C SER C 98 53.52 34.96 6.74
N GLY C 99 54.56 35.45 6.07
CA GLY C 99 55.12 34.77 4.93
C GLY C 99 56.64 34.68 5.03
N CYS C 100 57.23 33.92 4.11
CA CYS C 100 58.67 33.70 4.11
C CYS C 100 59.36 34.84 3.37
N VAL C 101 60.07 35.68 4.12
CA VAL C 101 60.91 36.72 3.54
C VAL C 101 62.26 36.09 3.27
N PHE C 102 62.50 35.73 2.00
CA PHE C 102 63.65 34.91 1.65
C PHE C 102 64.95 35.72 1.72
N GLY C 103 66.06 35.02 1.52
CA GLY C 103 67.38 35.60 1.55
C GLY C 103 68.03 35.66 0.18
N THR C 104 69.22 36.25 0.15
CA THR C 104 69.93 36.54 -1.08
C THR C 104 70.80 35.37 -1.57
N GLY C 105 70.64 34.19 -0.98
CA GLY C 105 71.37 33.02 -1.45
C GLY C 105 72.84 33.02 -1.10
N THR C 106 73.39 31.83 -0.87
CA THR C 106 74.82 31.69 -0.60
C THR C 106 75.29 30.36 -1.22
N LYS C 107 75.82 30.47 -2.44
CA LYS C 107 76.34 29.29 -3.12
C LYS C 107 77.52 28.71 -2.34
N VAL C 108 77.48 27.41 -2.12
CA VAL C 108 78.50 26.70 -1.35
C VAL C 108 79.24 25.75 -2.27
N SER C 109 80.56 25.80 -2.22
CA SER C 109 81.43 24.96 -3.04
C SER C 109 82.25 24.06 -2.13
N VAL C 110 82.23 22.75 -2.42
CA VAL C 110 82.90 21.74 -1.60
C VAL C 110 84.14 21.20 -2.30
N LEU C 111 84.62 21.87 -3.34
CA LEU C 111 85.75 21.39 -4.14
C LEU C 111 86.92 20.99 -3.24
N GLY C 112 87.41 19.77 -3.44
CA GLY C 112 88.51 19.25 -2.66
C GLY C 112 89.03 17.91 -3.16
N ALA D 2 66.40 18.18 24.00
CA ALA D 2 65.80 17.81 25.28
C ALA D 2 65.67 16.29 25.40
N LYS D 3 65.37 15.82 26.60
CA LYS D 3 65.15 14.40 26.82
C LYS D 3 63.67 14.08 26.68
N LYS D 4 63.38 12.78 26.55
CA LYS D 4 62.02 12.30 26.31
C LYS D 4 61.74 11.12 27.23
N TRP D 5 60.71 11.24 28.05
CA TRP D 5 60.19 10.15 28.86
C TRP D 5 58.73 9.91 28.50
N VAL D 6 58.30 8.66 28.64
CA VAL D 6 56.91 8.33 28.35
C VAL D 6 56.02 8.90 29.44
N THR D 7 54.89 9.49 29.03
CA THR D 7 53.91 10.04 29.96
C THR D 7 52.53 9.56 29.51
N VAL D 8 51.81 8.92 30.42
CA VAL D 8 50.56 8.25 30.07
C VAL D 8 49.41 9.25 30.10
N TYR D 9 48.53 9.16 29.10
CA TYR D 9 47.32 9.96 29.01
C TYR D 9 46.11 9.05 29.02
N TYR D 10 45.08 9.45 29.76
CA TYR D 10 43.87 8.65 29.94
C TYR D 10 42.68 9.40 29.37
N GLY D 11 41.98 8.78 28.42
CA GLY D 11 40.84 9.40 27.78
C GLY D 11 41.17 10.01 26.43
N VAL D 12 41.85 9.25 25.58
CA VAL D 12 42.32 9.77 24.29
C VAL D 12 41.39 9.33 23.17
N PRO D 13 41.10 10.20 22.21
CA PRO D 13 40.19 9.82 21.11
C PRO D 13 40.81 8.83 20.15
N VAL D 14 40.76 7.54 20.51
CA VAL D 14 41.25 6.47 19.65
C VAL D 14 40.33 5.27 19.82
N TRP D 15 39.91 4.68 18.70
CA TRP D 15 39.00 3.55 18.73
C TRP D 15 39.47 2.47 17.78
N LYS D 16 39.10 1.23 18.10
CA LYS D 16 39.28 0.09 17.21
C LYS D 16 37.92 -0.41 16.75
N GLU D 17 37.91 -1.10 15.62
CA GLU D 17 36.71 -1.76 15.14
C GLU D 17 36.47 -3.01 15.97
N ALA D 18 35.31 -3.08 16.62
CA ALA D 18 34.99 -4.20 17.49
C ALA D 18 33.51 -4.55 17.34
N THR D 19 33.15 -5.69 17.91
CA THR D 19 31.77 -6.19 17.86
C THR D 19 31.34 -6.54 19.28
N THR D 20 30.43 -5.75 19.83
CA THR D 20 29.87 -6.00 21.15
C THR D 20 28.35 -6.05 21.07
N THR D 21 27.74 -6.66 22.08
CA THR D 21 26.30 -6.82 22.10
C THR D 21 25.63 -5.50 22.45
N LEU D 22 24.87 -4.95 21.50
CA LEU D 22 24.14 -3.71 21.72
C LEU D 22 22.97 -3.92 22.67
N PHE D 23 22.27 -2.84 22.96
CA PHE D 23 21.00 -2.91 23.69
C PHE D 23 20.06 -1.85 23.12
N CYS D 24 18.76 -2.11 23.25
CA CYS D 24 17.75 -1.29 22.60
C CYS D 24 17.11 -0.30 23.56
N ALA D 25 16.44 0.70 22.97
CA ALA D 25 15.78 1.75 23.74
C ALA D 25 14.54 2.22 22.99
N SER D 26 13.43 2.36 23.71
CA SER D 26 12.17 2.75 23.12
C SER D 26 11.56 3.92 23.90
N ASP D 27 10.47 4.45 23.35
CA ASP D 27 9.88 5.68 23.86
C ASP D 27 8.70 5.42 24.80
N ALA D 28 7.65 4.78 24.31
CA ALA D 28 6.43 4.53 25.08
C ALA D 28 5.87 5.81 25.68
N GLU D 34 -0.11 0.52 27.47
CA GLU D 34 -1.46 -0.05 27.34
C GLU D 34 -1.58 -0.83 26.04
N VAL D 35 -0.67 -1.79 25.88
CA VAL D 35 -0.57 -2.69 24.72
C VAL D 35 0.66 -3.58 24.88
N HIS D 36 1.00 -4.33 23.83
CA HIS D 36 2.14 -5.23 23.86
C HIS D 36 2.98 -4.95 22.61
N ASN D 37 3.87 -5.89 22.29
CA ASN D 37 4.64 -5.88 21.06
C ASN D 37 5.44 -7.17 21.02
N VAL D 38 5.61 -7.70 19.81
CA VAL D 38 6.37 -8.94 19.65
C VAL D 38 7.85 -8.68 19.81
N TRP D 39 8.35 -7.64 19.16
CA TRP D 39 9.78 -7.31 19.22
C TRP D 39 10.16 -6.63 20.52
N ALA D 40 9.63 -7.11 21.66
CA ALA D 40 9.73 -6.53 23.00
C ALA D 40 10.17 -5.08 23.02
N THR D 41 9.52 -4.24 22.22
CA THR D 41 9.86 -2.83 22.17
C THR D 41 9.33 -2.14 23.42
N HIS D 42 9.16 -2.92 24.48
CA HIS D 42 8.82 -2.45 25.81
C HIS D 42 9.80 -2.91 26.87
N ALA D 43 10.50 -4.02 26.66
CA ALA D 43 11.58 -4.47 27.53
C ALA D 43 12.88 -3.71 27.29
N CYS D 44 12.94 -2.88 26.26
CA CYS D 44 14.06 -1.96 26.11
C CYS D 44 14.03 -0.91 27.21
N VAL D 45 15.17 -0.30 27.45
CA VAL D 45 15.37 0.76 28.45
C VAL D 45 14.85 2.04 27.81
N PRO D 46 14.41 3.06 28.59
CA PRO D 46 14.00 4.33 27.98
C PRO D 46 14.89 4.83 26.86
N THR D 47 14.31 5.55 25.91
CA THR D 47 15.08 6.23 24.88
C THR D 47 15.44 7.63 25.36
N ASP D 48 16.70 8.00 25.22
CA ASP D 48 17.17 9.26 25.76
C ASP D 48 16.46 10.42 25.08
N PRO D 49 15.84 11.32 25.85
CA PRO D 49 15.16 12.47 25.20
C PRO D 49 16.12 13.34 24.42
N ASN D 50 17.28 13.65 24.99
CA ASN D 50 18.32 14.43 24.34
C ASN D 50 19.32 13.48 23.68
N PRO D 51 19.23 13.28 22.35
CA PRO D 51 20.21 12.41 21.68
C PRO D 51 21.49 13.16 21.37
N GLN D 52 22.54 12.91 22.15
CA GLN D 52 23.80 13.61 21.99
C GLN D 52 24.53 13.09 20.76
N GLU D 53 24.49 13.86 19.68
CA GLU D 53 25.24 13.55 18.46
C GLU D 53 26.45 14.48 18.41
N ILE D 54 27.65 13.89 18.44
CA ILE D 54 28.89 14.64 18.42
C ILE D 54 29.51 14.52 17.04
N VAL D 55 29.80 15.66 16.43
CA VAL D 55 30.43 15.70 15.11
C VAL D 55 31.92 15.43 15.26
N LEU D 56 32.43 14.50 14.47
CA LEU D 56 33.85 14.19 14.45
C LEU D 56 34.49 14.97 13.31
N GLY D 57 34.82 16.23 13.59
CA GLY D 57 35.46 17.06 12.59
C GLY D 57 36.82 16.51 12.20
N ASN D 58 37.17 16.71 10.92
CA ASN D 58 38.44 16.26 10.33
C ASN D 58 38.52 14.74 10.21
N VAL D 59 37.55 14.03 10.78
CA VAL D 59 37.63 12.58 10.89
C VAL D 59 37.09 11.94 9.62
N THR D 60 37.70 10.82 9.23
CA THR D 60 37.26 10.03 8.09
C THR D 60 37.34 8.55 8.48
N GLU D 61 36.19 7.87 8.47
CA GLU D 61 36.11 6.47 8.86
C GLU D 61 35.73 5.61 7.67
N ASN D 62 36.10 4.33 7.76
CA ASN D 62 35.88 3.37 6.67
C ASN D 62 34.69 2.49 7.03
N PHE D 63 33.56 2.71 6.35
CA PHE D 63 32.36 1.94 6.58
C PHE D 63 32.25 0.78 5.60
N ASN D 64 31.29 -0.10 5.88
CA ASN D 64 30.90 -1.17 4.97
C ASN D 64 29.60 -1.80 5.47
N MET D 65 28.47 -1.37 4.89
CA MET D 65 27.16 -1.85 5.33
C MET D 65 26.98 -3.35 5.11
N TRP D 66 27.92 -4.01 4.44
CA TRP D 66 27.79 -5.43 4.11
C TRP D 66 28.60 -6.33 5.01
N LYS D 67 29.63 -5.80 5.69
CA LYS D 67 30.29 -6.49 6.79
C LYS D 67 29.71 -6.10 8.14
N ASN D 68 28.93 -5.02 8.20
CA ASN D 68 28.40 -4.47 9.44
C ASN D 68 27.70 -5.55 10.25
N ASN D 69 28.17 -5.77 11.49
CA ASN D 69 27.62 -6.83 12.33
C ASN D 69 26.32 -6.42 13.01
N MET D 70 26.04 -5.13 13.12
CA MET D 70 24.77 -4.69 13.69
C MET D 70 23.58 -5.30 12.97
N VAL D 71 23.70 -5.52 11.66
CA VAL D 71 22.63 -6.15 10.90
C VAL D 71 22.56 -7.65 11.22
N GLU D 72 23.71 -8.29 11.43
CA GLU D 72 23.73 -9.70 11.77
C GLU D 72 23.27 -9.94 13.21
N GLN D 73 23.29 -8.89 14.04
CA GLN D 73 22.84 -8.99 15.42
C GLN D 73 21.35 -8.67 15.56
N MET D 74 20.92 -7.56 14.96
CA MET D 74 19.49 -7.24 14.93
C MET D 74 18.70 -8.35 14.26
N HIS D 75 19.24 -8.91 13.17
CA HIS D 75 18.54 -9.98 12.47
C HIS D 75 18.25 -11.14 13.40
N GLU D 76 19.17 -11.44 14.33
CA GLU D 76 18.92 -12.51 15.29
C GLU D 76 18.04 -12.06 16.46
N ASP D 77 18.00 -10.76 16.74
CA ASP D 77 17.13 -10.27 17.80
C ASP D 77 15.66 -10.34 17.39
N ILE D 78 15.36 -10.05 16.13
CA ILE D 78 13.99 -10.16 15.64
C ILE D 78 13.53 -11.62 15.68
N ILE D 79 14.33 -12.53 15.12
CA ILE D 79 13.99 -13.95 15.14
C ILE D 79 13.90 -14.47 16.57
N SER D 80 14.68 -13.89 17.48
CA SER D 80 14.57 -14.26 18.89
C SER D 80 13.35 -13.63 19.54
N LEU D 81 13.09 -12.35 19.25
CA LEU D 81 11.94 -11.67 19.82
C LEU D 81 10.64 -12.33 19.42
N TRP D 82 10.64 -13.06 18.30
CA TRP D 82 9.42 -13.71 17.86
C TRP D 82 9.19 -15.04 18.57
N ASP D 83 10.25 -15.84 18.71
CA ASP D 83 10.12 -17.07 19.48
C ASP D 83 9.70 -16.77 20.91
N GLN D 84 10.22 -15.68 21.48
CA GLN D 84 9.85 -15.30 22.84
C GLN D 84 8.37 -14.96 22.95
N SER D 85 7.82 -14.29 21.94
CA SER D 85 6.43 -13.87 22.00
C SER D 85 5.46 -15.02 21.78
N LEU D 86 5.92 -16.15 21.23
CA LEU D 86 5.06 -17.28 20.95
C LEU D 86 5.20 -18.41 21.96
N LYS D 87 5.94 -18.18 23.05
CA LYS D 87 6.01 -19.20 24.10
C LYS D 87 4.70 -19.33 24.87
N PRO D 88 4.11 -18.26 25.41
CA PRO D 88 2.88 -18.45 26.20
C PRO D 88 1.64 -18.70 25.37
N CYS D 89 1.70 -18.51 24.05
CA CYS D 89 0.51 -18.56 23.23
C CYS D 89 0.06 -20.00 23.00
N VAL D 90 -1.22 -20.15 22.62
CA VAL D 90 -1.83 -21.46 22.51
C VAL D 90 -1.32 -22.19 21.26
N LYS D 91 -1.07 -23.48 21.41
CA LYS D 91 -0.50 -24.28 20.32
C LYS D 91 -1.62 -24.99 19.57
N LEU D 92 -1.64 -24.81 18.26
CA LEU D 92 -2.73 -25.32 17.41
C LEU D 92 -2.35 -26.65 16.76
N THR D 93 -2.14 -27.64 17.61
CA THR D 93 -1.91 -28.99 17.11
C THR D 93 -3.20 -29.78 16.93
N PRO D 94 -4.23 -29.63 17.79
CA PRO D 94 -5.48 -30.36 17.53
C PRO D 94 -6.20 -29.92 16.27
N LEU D 95 -5.83 -28.78 15.69
CA LEU D 95 -6.41 -28.39 14.42
C LEU D 95 -5.85 -29.19 13.25
N CYS D 96 -4.79 -29.98 13.47
CA CYS D 96 -4.25 -30.85 12.43
C CYS D 96 -5.12 -32.10 12.29
N VAL D 97 -6.37 -31.87 11.89
CA VAL D 97 -7.37 -32.91 11.69
C VAL D 97 -7.87 -32.80 10.25
N THR D 98 -8.46 -33.89 9.77
CA THR D 98 -9.03 -33.91 8.43
C THR D 98 -10.20 -32.94 8.34
N LEU D 99 -10.06 -31.94 7.47
CA LEU D 99 -11.05 -30.89 7.32
C LEU D 99 -11.94 -31.19 6.12
N ASN D 100 -13.25 -30.99 6.29
CA ASN D 100 -14.22 -31.10 5.20
C ASN D 100 -14.51 -29.69 4.70
N CYS D 101 -13.86 -29.31 3.61
CA CYS D 101 -13.88 -27.93 3.13
C CYS D 101 -14.78 -27.78 1.90
N ASN D 102 -15.55 -26.68 1.88
CA ASN D 102 -16.30 -26.24 0.72
C ASN D 102 -15.55 -25.06 0.06
N ASN D 103 -16.26 -24.27 -0.73
CA ASN D 103 -15.71 -23.02 -1.27
C ASN D 103 -16.68 -21.91 -0.91
N VAL D 104 -16.53 -20.76 -1.59
CA VAL D 104 -17.42 -19.63 -1.37
C VAL D 104 -17.88 -19.10 -2.73
N ASN D 105 -16.93 -18.84 -3.62
CA ASN D 105 -17.22 -18.33 -4.95
C ASN D 105 -16.21 -18.89 -5.96
N GLU D 127 -9.99 -16.19 -2.74
CA GLU D 127 -10.82 -17.35 -2.41
C GLU D 127 -10.34 -18.02 -1.13
N MET D 128 -11.29 -18.37 -0.27
CA MET D 128 -11.00 -19.14 0.94
C MET D 128 -12.10 -20.18 1.12
N LYS D 129 -11.70 -21.35 1.62
CA LYS D 129 -12.61 -22.47 1.77
C LYS D 129 -13.58 -22.24 2.92
N ASN D 130 -14.56 -23.12 3.03
CA ASN D 130 -15.46 -23.17 4.18
C ASN D 130 -15.41 -24.61 4.71
N CYS D 131 -14.66 -24.82 5.78
CA CYS D 131 -14.31 -26.15 6.26
C CYS D 131 -15.08 -26.50 7.54
N SER D 132 -15.06 -27.79 7.87
CA SER D 132 -15.63 -28.32 9.10
C SER D 132 -14.78 -29.47 9.58
N PHE D 133 -14.79 -29.71 10.89
CA PHE D 133 -13.84 -30.65 11.45
C PHE D 133 -14.24 -31.03 12.87
N ASN D 134 -14.16 -32.32 13.18
CA ASN D 134 -14.33 -32.79 14.55
C ASN D 134 -13.12 -32.39 15.39
N VAL D 135 -13.37 -31.80 16.56
CA VAL D 135 -12.32 -31.38 17.47
C VAL D 135 -12.75 -31.67 18.90
N THR D 136 -11.79 -32.14 19.71
CA THR D 136 -12.06 -32.31 21.13
C THR D 136 -12.32 -30.95 21.77
N THR D 137 -13.12 -30.96 22.83
CA THR D 137 -13.59 -29.75 23.46
C THR D 137 -12.91 -29.56 24.81
N SER D 138 -13.48 -28.67 25.63
CA SER D 138 -12.97 -28.47 26.99
C SER D 138 -13.04 -29.78 27.77
N ILE D 139 -14.02 -30.62 27.49
CA ILE D 139 -14.07 -31.98 28.00
C ILE D 139 -13.42 -32.90 26.98
N ARG D 140 -12.56 -33.81 27.46
CA ARG D 140 -11.68 -34.53 26.56
C ARG D 140 -12.38 -35.62 25.77
N ASP D 141 -13.55 -36.10 26.23
CA ASP D 141 -14.25 -37.19 25.56
C ASP D 141 -15.54 -36.74 24.89
N LYS D 142 -15.77 -35.44 24.77
CA LYS D 142 -16.91 -34.90 24.05
C LYS D 142 -16.41 -34.24 22.77
N ILE D 143 -17.05 -34.57 21.65
CA ILE D 143 -16.62 -34.12 20.33
C ILE D 143 -17.64 -33.13 19.78
N LYS D 144 -17.15 -32.03 19.22
CA LYS D 144 -17.96 -31.09 18.46
C LYS D 144 -17.42 -31.01 17.03
N LYS D 145 -18.27 -30.52 16.13
CA LYS D 145 -17.88 -30.29 14.75
C LYS D 145 -18.02 -28.80 14.47
N GLU D 146 -16.90 -28.10 14.36
CA GLU D 146 -16.88 -26.67 14.09
C GLU D 146 -16.69 -26.40 12.61
N TYR D 147 -17.09 -25.21 12.19
CA TYR D 147 -16.85 -24.75 10.84
C TYR D 147 -16.11 -23.42 10.87
N ALA D 148 -15.33 -23.16 9.82
CA ALA D 148 -14.53 -21.94 9.71
C ALA D 148 -13.97 -21.85 8.30
N LEU D 149 -13.51 -20.65 7.96
CA LEU D 149 -12.92 -20.38 6.66
C LEU D 149 -11.40 -20.40 6.75
N PHE D 150 -10.77 -20.94 5.71
CA PHE D 150 -9.31 -20.99 5.61
C PHE D 150 -8.92 -20.65 4.19
N TYR D 151 -8.08 -19.62 4.03
CA TYR D 151 -7.54 -19.27 2.73
C TYR D 151 -6.89 -20.50 2.08
N LYS D 152 -7.01 -20.60 0.76
CA LYS D 152 -6.49 -21.78 0.05
C LYS D 152 -5.03 -22.04 0.34
N LEU D 153 -4.25 -20.97 0.58
CA LEU D 153 -2.83 -21.14 0.87
C LEU D 153 -2.61 -21.83 2.21
N ASP D 154 -3.55 -21.69 3.16
CA ASP D 154 -3.41 -22.28 4.48
C ASP D 154 -3.89 -23.73 4.54
N VAL D 155 -4.23 -24.34 3.41
CA VAL D 155 -4.75 -25.70 3.37
C VAL D 155 -4.24 -26.40 2.12
N VAL D 156 -4.22 -27.73 2.17
CA VAL D 156 -3.80 -28.55 1.04
C VAL D 156 -4.69 -29.79 0.94
N PRO D 157 -5.01 -30.26 -0.26
CA PRO D 157 -5.84 -31.46 -0.38
C PRO D 157 -5.07 -32.71 -0.01
N LEU D 158 -5.81 -33.71 0.47
CA LEU D 158 -5.22 -34.96 0.93
C LEU D 158 -5.16 -35.98 -0.19
N THR D 170 -13.91 -32.76 -1.24
CA THR D 170 -12.62 -33.35 -0.91
C THR D 170 -12.22 -32.98 0.52
N ASN D 171 -11.52 -33.88 1.20
CA ASN D 171 -11.03 -33.64 2.54
C ASN D 171 -9.72 -32.85 2.49
N TYR D 172 -9.54 -31.98 3.48
CA TYR D 172 -8.40 -31.07 3.54
C TYR D 172 -7.71 -31.16 4.89
N ARG D 173 -6.59 -30.44 4.98
CA ARG D 173 -5.84 -30.30 6.22
C ARG D 173 -5.11 -28.96 6.17
N LEU D 174 -4.39 -28.66 7.25
CA LEU D 174 -3.58 -27.45 7.31
C LEU D 174 -2.21 -27.69 6.69
N ILE D 175 -1.68 -26.65 6.05
CA ILE D 175 -0.51 -26.75 5.17
C ILE D 175 0.71 -27.31 5.89
N ASN D 176 0.80 -27.13 7.20
CA ASN D 176 2.03 -27.43 7.91
C ASN D 176 2.05 -28.78 8.61
N CYS D 177 0.91 -29.46 8.70
CA CYS D 177 0.80 -30.61 9.59
C CYS D 177 1.85 -31.67 9.31
N ASN D 178 2.35 -31.75 8.07
CA ASN D 178 3.45 -32.66 7.76
C ASN D 178 4.80 -31.96 7.79
N THR D 179 4.90 -30.78 8.43
CA THR D 179 6.15 -30.03 8.42
C THR D 179 6.61 -29.65 9.83
N SER D 180 5.75 -28.98 10.60
CA SER D 180 6.22 -28.36 11.84
C SER D 180 5.04 -28.01 12.75
N VAL D 181 5.35 -27.85 14.03
CA VAL D 181 4.37 -27.40 15.01
C VAL D 181 3.96 -25.97 14.71
N ILE D 182 2.70 -25.63 15.02
CA ILE D 182 2.18 -24.29 14.78
C ILE D 182 1.60 -23.75 16.08
N THR D 183 1.94 -22.50 16.41
CA THR D 183 1.44 -21.81 17.59
C THR D 183 0.69 -20.56 17.15
N GLN D 184 -0.58 -20.46 17.54
CA GLN D 184 -1.35 -19.26 17.27
C GLN D 184 -0.77 -18.08 18.03
N ALA D 185 -0.43 -17.02 17.32
CA ALA D 185 0.03 -15.81 17.99
C ALA D 185 -1.04 -15.32 18.96
N CYS D 186 -0.60 -14.99 20.17
CA CYS D 186 -1.48 -14.46 21.20
C CYS D 186 -2.29 -13.30 20.64
N PRO D 187 -3.63 -13.38 20.66
CA PRO D 187 -4.45 -12.32 20.03
C PRO D 187 -4.40 -10.99 20.77
N LYS D 188 -3.30 -10.70 21.45
CA LYS D 188 -3.11 -9.41 22.10
C LYS D 188 -1.77 -8.77 21.80
N VAL D 189 -0.78 -9.52 21.32
CA VAL D 189 0.51 -8.94 20.95
C VAL D 189 0.39 -8.36 19.54
N SER D 190 0.92 -7.16 19.34
CA SER D 190 0.78 -6.46 18.08
C SER D 190 2.03 -6.61 17.23
N PHE D 191 1.85 -6.51 15.91
CA PHE D 191 2.95 -6.59 14.95
C PHE D 191 3.42 -5.20 14.51
N GLU D 192 3.29 -4.20 15.37
CA GLU D 192 3.52 -2.82 14.97
C GLU D 192 5.00 -2.49 14.90
N PRO D 193 5.55 -2.16 13.72
CA PRO D 193 6.93 -1.68 13.64
C PRO D 193 7.17 -0.45 14.51
N ILE D 194 7.88 -0.62 15.61
CA ILE D 194 8.13 0.49 16.53
C ILE D 194 9.58 0.94 16.41
N PRO D 195 9.85 2.25 16.46
CA PRO D 195 11.23 2.74 16.53
C PRO D 195 12.09 2.06 17.57
N ILE D 196 13.02 1.21 17.13
CA ILE D 196 13.98 0.54 18.02
C ILE D 196 15.31 1.30 17.93
N HIS D 197 15.80 1.76 19.08
CA HIS D 197 17.04 2.54 19.15
C HIS D 197 18.15 1.63 19.65
N TYR D 198 19.13 1.34 18.80
CA TYR D 198 20.23 0.45 19.14
C TYR D 198 21.37 1.25 19.76
N CYS D 199 21.72 0.91 21.01
CA CYS D 199 22.77 1.58 21.75
C CYS D 199 23.95 0.65 21.97
N ALA D 200 25.16 1.24 21.97
CA ALA D 200 26.39 0.54 22.32
C ALA D 200 26.72 0.75 23.79
N PRO D 201 27.35 -0.24 24.43
CA PRO D 201 27.60 -0.15 25.87
C PRO D 201 28.48 1.03 26.23
N ALA D 202 28.55 1.32 27.53
CA ALA D 202 29.47 2.32 28.03
C ALA D 202 30.90 1.90 27.71
N GLY D 203 31.67 2.82 27.15
CA GLY D 203 33.00 2.50 26.69
C GLY D 203 33.08 2.06 25.25
N PHE D 204 31.94 1.96 24.57
CA PHE D 204 31.88 1.68 23.15
C PHE D 204 31.29 2.89 22.42
N ALA D 205 31.24 2.80 21.10
CA ALA D 205 30.74 3.91 20.31
C ALA D 205 30.11 3.40 19.03
N ILE D 206 29.10 4.12 18.55
CA ILE D 206 28.51 3.91 17.24
C ILE D 206 28.83 5.11 16.38
N LEU D 207 29.26 4.85 15.15
CA LEU D 207 29.71 5.91 14.25
C LEU D 207 28.73 6.09 13.10
N LYS D 208 28.29 7.33 12.90
CA LYS D 208 27.32 7.69 11.87
C LYS D 208 28.06 8.13 10.61
N CYS D 209 27.32 8.40 9.55
CA CYS D 209 27.90 8.96 8.32
C CYS D 209 26.86 9.90 7.73
N ASN D 210 27.08 11.20 7.91
CA ASN D 210 26.12 12.21 7.49
C ASN D 210 26.23 12.57 6.02
N SER D 211 27.17 11.98 5.28
CA SER D 211 27.34 12.30 3.87
C SER D 211 26.07 11.95 3.08
N LYS D 212 25.48 12.96 2.44
CA LYS D 212 24.19 12.84 1.79
C LYS D 212 24.23 12.08 0.47
N THR D 213 25.37 11.47 0.12
CA THR D 213 25.45 10.64 -1.09
C THR D 213 26.21 9.35 -0.85
N PHE D 214 26.48 8.99 0.41
CA PHE D 214 27.33 7.85 0.74
C PHE D 214 26.81 6.54 0.16
N ASN D 215 27.55 5.98 -0.79
CA ASN D 215 27.21 4.65 -1.28
C ASN D 215 27.66 3.60 -0.26
N GLY D 216 27.12 2.39 -0.43
CA GLY D 216 27.35 1.25 0.45
C GLY D 216 28.55 1.25 1.37
N SER D 217 29.74 1.06 0.82
CA SER D 217 30.97 1.00 1.58
C SER D 217 31.86 2.20 1.24
N GLY D 218 33.12 2.13 1.66
CA GLY D 218 34.08 3.18 1.39
C GLY D 218 34.32 4.09 2.58
N PRO D 219 35.10 5.13 2.38
CA PRO D 219 35.38 6.07 3.48
C PRO D 219 34.41 7.24 3.48
N CYS D 220 33.84 7.53 4.66
CA CYS D 220 32.94 8.66 4.82
C CYS D 220 33.69 9.83 5.45
N THR D 221 33.47 11.03 4.91
CA THR D 221 34.18 12.22 5.36
C THR D 221 33.37 13.08 6.31
N ASN D 222 32.08 12.80 6.47
CA ASN D 222 31.22 13.57 7.36
C ASN D 222 30.77 12.67 8.49
N VAL D 223 31.72 12.17 9.27
CA VAL D 223 31.45 11.19 10.31
C VAL D 223 30.99 11.89 11.59
N SER D 224 30.14 11.19 12.34
CA SER D 224 29.74 11.62 13.67
C SER D 224 29.59 10.39 14.55
N THR D 225 29.68 10.60 15.86
CA THR D 225 29.54 9.52 16.84
C THR D 225 28.21 9.67 17.57
N VAL D 226 27.60 8.53 17.90
CA VAL D 226 26.29 8.50 18.53
C VAL D 226 26.27 7.40 19.58
N GLN D 227 25.55 7.66 20.67
CA GLN D 227 25.35 6.62 21.67
C GLN D 227 24.40 5.54 21.16
N CYS D 228 23.34 5.95 20.46
CA CYS D 228 22.34 5.03 19.95
C CYS D 228 21.99 5.42 18.51
N THR D 229 21.57 4.43 17.73
CA THR D 229 21.07 4.70 16.40
C THR D 229 19.78 5.51 16.47
N HIS D 230 19.30 5.94 15.31
CA HIS D 230 18.03 6.65 15.25
C HIS D 230 16.89 5.66 15.50
N GLY D 231 15.66 6.12 15.31
CA GLY D 231 14.50 5.25 15.43
C GLY D 231 14.39 4.26 14.29
N ILE D 232 14.62 2.99 14.58
CA ILE D 232 14.58 1.93 13.57
C ILE D 232 13.25 1.18 13.71
N ARG D 233 12.57 0.97 12.58
CA ARG D 233 11.34 0.22 12.59
C ARG D 233 11.58 -1.17 12.02
N PRO D 234 11.42 -2.23 12.81
CA PRO D 234 11.66 -3.58 12.28
C PRO D 234 10.56 -4.02 11.32
N VAL D 235 10.52 -3.38 10.16
CA VAL D 235 9.53 -3.69 9.12
C VAL D 235 10.05 -4.92 8.38
N VAL D 236 9.49 -6.09 8.70
CA VAL D 236 9.85 -7.33 8.01
C VAL D 236 9.07 -7.33 6.69
N SER D 237 9.73 -6.92 5.61
CA SER D 237 9.10 -6.72 4.30
C SER D 237 9.79 -7.58 3.25
N THR D 238 9.36 -7.41 2.00
CA THR D 238 9.84 -8.24 0.90
C THR D 238 9.59 -7.51 -0.40
N GLN D 239 10.64 -7.36 -1.22
CA GLN D 239 10.63 -6.78 -2.57
C GLN D 239 10.49 -5.25 -2.54
N LEU D 240 9.66 -4.72 -1.64
CA LEU D 240 9.45 -3.28 -1.52
C LEU D 240 9.60 -2.88 -0.06
N LEU D 241 10.59 -2.05 0.23
CA LEU D 241 10.84 -1.64 1.60
C LEU D 241 9.81 -0.61 2.05
N LEU D 242 9.25 -0.80 3.24
CA LEU D 242 8.13 -0.01 3.73
C LEU D 242 8.54 0.81 4.94
N ASN D 243 8.00 2.03 5.03
CA ASN D 243 8.15 2.89 6.21
C ASN D 243 9.61 3.06 6.62
N GLY D 244 10.51 3.02 5.65
CA GLY D 244 11.93 3.15 5.92
C GLY D 244 12.40 4.59 5.95
N SER D 245 13.71 4.75 6.13
CA SER D 245 14.33 6.07 6.13
C SER D 245 14.70 6.45 4.70
N LEU D 246 14.14 7.56 4.24
CA LEU D 246 14.45 8.08 2.92
C LEU D 246 15.90 8.56 2.87
N ALA D 247 16.30 9.00 1.68
CA ALA D 247 17.59 9.64 1.50
C ALA D 247 17.39 11.13 1.29
N GLU D 248 18.47 11.88 1.46
CA GLU D 248 18.51 13.28 1.11
C GLU D 248 19.14 13.45 -0.26
N GLU D 249 18.98 14.65 -0.83
CA GLU D 249 19.47 14.97 -2.17
C GLU D 249 18.85 13.99 -3.14
N GLU D 250 19.62 13.19 -3.87
CA GLU D 250 19.12 12.27 -4.86
C GLU D 250 18.95 10.87 -4.28
N ILE D 251 18.30 10.00 -5.04
CA ILE D 251 18.13 8.61 -4.63
C ILE D 251 19.45 7.88 -4.82
N VAL D 252 19.80 7.04 -3.84
CA VAL D 252 21.02 6.26 -3.90
C VAL D 252 20.67 4.80 -4.18
N ILE D 253 21.64 4.07 -4.73
CA ILE D 253 21.54 2.63 -4.90
C ILE D 253 22.80 1.98 -4.32
N ARG D 254 22.63 0.88 -3.61
CA ARG D 254 23.74 0.23 -2.91
C ARG D 254 23.85 -1.24 -3.32
N SER D 255 25.08 -1.74 -3.33
CA SER D 255 25.39 -3.13 -3.62
C SER D 255 26.85 -3.35 -3.23
N GLU D 256 27.27 -4.61 -3.29
CA GLU D 256 28.63 -4.96 -2.96
C GLU D 256 29.49 -4.92 -4.22
N ASN D 257 29.39 -5.97 -5.01
CA ASN D 257 30.01 -6.06 -6.33
C ASN D 257 28.85 -6.00 -7.32
N ILE D 258 28.49 -4.78 -7.72
CA ILE D 258 27.35 -4.61 -8.61
C ILE D 258 27.57 -5.35 -9.93
N THR D 259 28.84 -5.51 -10.33
CA THR D 259 29.16 -6.33 -11.49
C THR D 259 28.97 -7.82 -11.23
N ASP D 260 28.67 -8.22 -9.99
CA ASP D 260 28.33 -9.59 -9.66
C ASP D 260 26.80 -9.68 -9.53
N ASN D 261 26.18 -10.42 -10.45
CA ASN D 261 24.72 -10.48 -10.48
C ASN D 261 24.13 -11.22 -9.28
N ALA D 262 24.90 -12.12 -8.65
CA ALA D 262 24.40 -12.86 -7.50
C ALA D 262 24.51 -12.04 -6.21
N LYS D 263 24.35 -10.73 -6.31
CA LYS D 263 24.39 -9.83 -5.16
C LYS D 263 23.19 -8.89 -5.25
N THR D 264 22.39 -8.86 -4.18
CA THR D 264 21.19 -8.04 -4.17
C THR D 264 21.56 -6.56 -4.29
N ILE D 265 20.62 -5.77 -4.83
CA ILE D 265 20.78 -4.34 -4.97
C ILE D 265 19.72 -3.66 -4.11
N ILE D 266 20.18 -2.90 -3.12
CA ILE D 266 19.29 -2.22 -2.19
C ILE D 266 19.19 -0.76 -2.60
N VAL D 267 18.04 -0.37 -3.12
CA VAL D 267 17.78 0.98 -3.59
C VAL D 267 17.14 1.78 -2.46
N GLN D 268 17.45 3.08 -2.41
CA GLN D 268 16.87 3.98 -1.42
C GLN D 268 16.29 5.18 -2.15
N LEU D 269 14.99 5.41 -1.99
CA LEU D 269 14.35 6.54 -2.64
C LEU D 269 14.54 7.81 -1.81
N ASN D 270 14.42 8.96 -2.48
CA ASN D 270 14.51 10.25 -1.84
C ASN D 270 13.15 10.89 -1.61
N GLU D 271 12.10 10.30 -2.17
CA GLU D 271 10.73 10.79 -1.99
C GLU D 271 9.81 9.58 -2.04
N ALA D 272 9.14 9.31 -0.92
CA ALA D 272 8.30 8.13 -0.82
C ALA D 272 7.19 8.18 -1.86
N VAL D 273 6.83 7.02 -2.40
CA VAL D 273 5.68 6.88 -3.28
C VAL D 273 4.60 6.14 -2.51
N GLU D 274 3.42 6.73 -2.43
CA GLU D 274 2.38 6.24 -1.55
C GLU D 274 1.91 4.86 -1.97
N ILE D 275 1.75 3.96 -0.99
CA ILE D 275 1.12 2.66 -1.20
C ILE D 275 -0.07 2.55 -0.25
N ASN D 276 -1.18 2.02 -0.74
CA ASN D 276 -2.41 1.89 0.02
C ASN D 276 -2.98 0.52 -0.20
N CYS D 277 -3.05 -0.28 0.86
CA CYS D 277 -3.53 -1.65 0.77
C CYS D 277 -4.77 -1.82 1.65
N THR D 278 -5.53 -2.86 1.34
CA THR D 278 -6.76 -3.13 2.09
C THR D 278 -7.26 -4.53 1.81
N ARG D 279 -7.88 -5.14 2.82
CA ARG D 279 -8.73 -6.31 2.62
C ARG D 279 -10.17 -5.87 2.88
N PRO D 280 -10.97 -5.63 1.83
CA PRO D 280 -12.31 -5.07 2.04
C PRO D 280 -13.31 -6.05 2.66
N ASN D 281 -12.99 -7.34 2.71
CA ASN D 281 -13.91 -8.30 3.29
C ASN D 281 -14.14 -8.02 4.77
N ASN D 282 -15.41 -7.97 5.17
CA ASN D 282 -15.80 -7.68 6.55
C ASN D 282 -15.94 -8.99 7.31
N ASN D 283 -14.80 -9.61 7.59
CA ASN D 283 -14.79 -10.93 8.21
C ASN D 283 -15.13 -10.85 9.69
N THR D 284 -15.42 -12.00 10.27
CA THR D 284 -15.77 -12.13 11.68
C THR D 284 -14.83 -13.12 12.35
N ARG D 285 -14.84 -13.10 13.68
CA ARG D 285 -13.95 -13.93 14.49
C ARG D 285 -14.79 -14.77 15.44
N LYS D 286 -14.63 -16.10 15.34
CA LYS D 286 -15.34 -17.04 16.18
C LYS D 286 -14.38 -17.70 17.17
N SER D 287 -14.78 -17.76 18.44
CA SER D 287 -13.97 -18.37 19.48
C SER D 287 -14.34 -19.84 19.62
N ILE D 288 -13.35 -20.73 19.50
CA ILE D 288 -13.55 -22.16 19.55
C ILE D 288 -12.82 -22.70 20.77
N HIS D 289 -13.57 -23.18 21.75
CA HIS D 289 -12.99 -23.78 22.95
C HIS D 289 -12.58 -25.21 22.63
N ILE D 290 -11.27 -25.44 22.46
CA ILE D 290 -10.74 -26.76 22.18
C ILE D 290 -9.83 -27.24 23.32
N GLY D 291 -10.00 -26.68 24.51
CA GLY D 291 -9.20 -27.05 25.65
C GLY D 291 -9.35 -26.09 26.80
N PRO D 292 -9.01 -26.54 28.02
CA PRO D 292 -9.09 -25.66 29.18
C PRO D 292 -8.23 -24.42 29.05
N GLY D 293 -8.85 -23.30 28.67
CA GLY D 293 -8.15 -22.06 28.46
C GLY D 293 -7.56 -21.87 27.09
N ARG D 294 -7.48 -22.93 26.29
CA ARG D 294 -6.95 -22.85 24.94
C ARG D 294 -8.09 -22.50 23.99
N ALA D 295 -8.15 -21.24 23.58
CA ALA D 295 -9.21 -20.73 22.71
C ALA D 295 -8.60 -20.38 21.36
N PHE D 296 -8.98 -21.12 20.33
CA PHE D 296 -8.52 -20.86 18.97
C PHE D 296 -9.50 -19.92 18.27
N TYR D 297 -8.98 -18.85 17.68
CA TYR D 297 -9.78 -17.86 16.99
C TYR D 297 -9.79 -18.18 15.49
N ALA D 298 -10.96 -18.42 14.94
CA ALA D 298 -11.14 -18.75 13.54
C ALA D 298 -11.95 -17.66 12.85
N THR D 299 -12.02 -17.76 11.52
CA THR D 299 -12.77 -16.81 10.71
C THR D 299 -14.19 -17.34 10.54
N GLY D 300 -15.16 -16.63 11.12
CA GLY D 300 -16.56 -17.04 11.05
C GLY D 300 -17.08 -17.12 9.64
N ASP D 301 -17.39 -15.96 9.06
CA ASP D 301 -17.81 -15.87 7.65
C ASP D 301 -17.60 -14.44 7.20
N ILE D 302 -18.10 -14.11 6.01
CA ILE D 302 -17.94 -12.79 5.42
C ILE D 302 -19.30 -12.11 5.39
N ILE D 303 -19.40 -10.97 6.06
CA ILE D 303 -20.60 -10.16 6.05
C ILE D 303 -20.52 -9.20 4.87
N GLY D 304 -21.56 -9.18 4.05
CA GLY D 304 -21.59 -8.26 2.93
C GLY D 304 -20.90 -8.81 1.70
N ASN D 305 -20.35 -7.90 0.91
CA ASN D 305 -19.72 -8.25 -0.36
C ASN D 305 -18.48 -9.10 -0.14
N ILE D 306 -18.27 -10.05 -1.04
CA ILE D 306 -16.99 -10.76 -1.12
C ILE D 306 -16.14 -10.02 -2.14
N ARG D 307 -14.99 -9.53 -1.69
CA ARG D 307 -14.15 -8.69 -2.53
C ARG D 307 -12.73 -9.24 -2.54
N GLN D 308 -11.76 -8.39 -2.90
CA GLN D 308 -10.40 -8.81 -3.18
C GLN D 308 -9.42 -7.99 -2.37
N ALA D 309 -8.45 -8.66 -1.76
CA ALA D 309 -7.35 -7.99 -1.08
C ALA D 309 -6.36 -7.47 -2.12
N HIS D 310 -6.00 -6.20 -2.00
CA HIS D 310 -5.20 -5.57 -3.05
C HIS D 310 -4.49 -4.37 -2.46
N CYS D 311 -3.81 -3.60 -3.32
CA CYS D 311 -3.10 -2.39 -2.92
C CYS D 311 -3.30 -1.33 -3.99
N ASN D 312 -2.70 -0.16 -3.77
CA ASN D 312 -2.76 0.95 -4.71
C ASN D 312 -1.52 1.81 -4.60
N ILE D 313 -0.95 2.17 -5.76
CA ILE D 313 0.06 3.21 -5.85
C ILE D 313 -0.27 4.09 -7.06
N SER D 314 0.28 5.29 -7.05
CA SER D 314 -0.01 6.26 -8.11
C SER D 314 0.81 5.94 -9.35
N LYS D 315 0.13 5.81 -10.49
CA LYS D 315 0.83 5.54 -11.74
C LYS D 315 1.82 6.65 -12.05
N ALA D 316 1.49 7.89 -11.70
CA ALA D 316 2.37 9.01 -11.99
C ALA D 316 3.57 9.01 -11.06
N ARG D 317 3.34 8.84 -9.75
CA ARG D 317 4.43 8.90 -8.79
C ARG D 317 5.36 7.70 -8.93
N TRP D 318 4.80 6.52 -9.19
CA TRP D 318 5.66 5.37 -9.43
C TRP D 318 6.32 5.42 -10.81
N ASN D 319 5.81 6.25 -11.71
CA ASN D 319 6.47 6.42 -13.01
C ASN D 319 7.69 7.31 -12.88
N GLU D 320 7.53 8.50 -12.28
CA GLU D 320 8.67 9.37 -12.07
C GLU D 320 9.67 8.76 -11.10
N THR D 321 9.19 8.01 -10.11
CA THR D 321 10.10 7.34 -9.18
C THR D 321 10.80 6.17 -9.86
N LEU D 322 10.10 5.43 -10.71
CA LEU D 322 10.76 4.41 -11.52
C LEU D 322 11.79 5.05 -12.43
N GLY D 323 11.48 6.23 -12.96
CA GLY D 323 12.44 6.95 -13.78
C GLY D 323 13.67 7.36 -13.00
N GLN D 324 13.49 7.82 -11.76
CA GLN D 324 14.64 8.13 -10.91
C GLN D 324 15.51 6.90 -10.70
N ILE D 325 14.89 5.74 -10.47
CA ILE D 325 15.64 4.50 -10.34
C ILE D 325 16.31 4.13 -11.67
N VAL D 326 15.68 4.52 -12.79
CA VAL D 326 16.30 4.30 -14.10
C VAL D 326 17.52 5.19 -14.27
N ALA D 327 17.53 6.35 -13.63
CA ALA D 327 18.65 7.29 -13.78
C ALA D 327 19.95 6.65 -13.31
N LYS D 328 20.00 6.20 -12.06
CA LYS D 328 21.21 5.64 -11.49
C LYS D 328 21.39 4.16 -11.80
N LEU D 329 20.47 3.54 -12.52
CA LEU D 329 20.79 2.27 -13.15
C LEU D 329 21.61 2.45 -14.41
N GLU D 330 21.87 3.70 -14.80
CA GLU D 330 22.84 4.03 -15.84
C GLU D 330 24.16 4.54 -15.29
N GLU D 331 24.15 5.21 -14.13
CA GLU D 331 25.41 5.68 -13.55
C GLU D 331 26.31 4.51 -13.15
N GLN D 332 25.77 3.30 -13.06
CA GLN D 332 26.56 2.10 -12.82
C GLN D 332 26.49 1.12 -13.98
N PHE D 333 25.88 1.52 -15.11
CA PHE D 333 25.72 0.66 -16.28
C PHE D 333 25.80 1.49 -17.56
N PRO D 334 25.53 0.89 -18.71
CA PRO D 334 25.08 1.68 -19.86
C PRO D 334 23.72 1.20 -20.33
N LYS D 336 23.60 0.94 -21.63
CA LYS D 336 22.58 0.05 -22.18
C LYS D 336 21.14 0.45 -21.84
N THR D 337 20.23 -0.50 -22.00
CA THR D 337 18.81 -0.29 -21.74
C THR D 337 18.41 -1.01 -20.46
N ILE D 338 17.44 -0.44 -19.75
CA ILE D 338 16.95 -0.98 -18.49
C ILE D 338 15.61 -1.63 -18.74
N ILE D 339 15.46 -2.85 -18.21
CA ILE D 339 14.23 -3.61 -18.35
C ILE D 339 13.80 -4.08 -16.96
N PHE D 340 12.55 -3.84 -16.61
CA PHE D 340 11.99 -4.36 -15.38
C PHE D 340 11.09 -5.54 -15.71
N ASN D 341 11.19 -6.60 -14.90
CA ASN D 341 10.46 -7.83 -15.19
C ASN D 341 10.11 -8.55 -13.90
N HIS D 342 9.17 -9.48 -14.00
CA HIS D 342 8.60 -10.11 -12.82
C HIS D 342 9.61 -11.02 -12.13
N SER D 343 9.27 -11.43 -10.91
CA SER D 343 10.16 -12.25 -10.10
C SER D 343 10.41 -13.61 -10.77
N SER D 344 11.58 -14.18 -10.49
CA SER D 344 11.96 -15.48 -11.05
C SER D 344 11.14 -16.59 -10.40
N ASP D 347 6.24 -20.10 0.69
CA ASP D 347 6.74 -20.28 -0.67
C ASP D 347 6.52 -19.05 -1.57
N PRO D 348 5.29 -18.50 -1.64
CA PRO D 348 5.09 -17.29 -2.44
C PRO D 348 5.68 -16.05 -1.80
N GLU D 349 6.33 -16.21 -0.64
CA GLU D 349 6.82 -15.07 0.13
C GLU D 349 7.85 -14.28 -0.67
N ILE D 350 8.66 -14.97 -1.47
CA ILE D 350 9.69 -14.31 -2.26
C ILE D 350 9.14 -13.81 -3.59
N VAL D 351 8.12 -14.48 -4.13
CA VAL D 351 7.61 -14.14 -5.46
C VAL D 351 6.75 -12.88 -5.48
N THR D 352 6.33 -12.38 -4.32
CA THR D 352 5.44 -11.23 -4.27
C THR D 352 5.85 -10.29 -3.14
N HIS D 353 5.44 -9.02 -3.28
CA HIS D 353 5.52 -8.05 -2.20
C HIS D 353 4.70 -8.54 -1.02
N SER D 354 5.36 -9.17 -0.06
CA SER D 354 4.71 -9.66 1.14
C SER D 354 5.08 -8.75 2.31
N PHE D 355 4.10 -8.50 3.16
CA PHE D 355 4.26 -7.58 4.29
C PHE D 355 3.10 -7.83 5.25
N ASN D 356 2.90 -6.92 6.20
CA ASN D 356 1.85 -7.04 7.19
C ASN D 356 1.01 -5.77 7.18
N CYS D 357 -0.30 -5.93 7.07
CA CYS D 357 -1.23 -4.82 6.97
C CYS D 357 -2.37 -5.07 7.94
N GLY D 358 -2.44 -4.28 9.00
CA GLY D 358 -3.46 -4.44 10.02
C GLY D 358 -3.24 -5.63 10.95
N GLY D 359 -2.37 -6.56 10.53
CA GLY D 359 -2.08 -7.73 11.33
C GLY D 359 -2.18 -9.01 10.51
N GLU D 360 -2.55 -8.88 9.24
CA GLU D 360 -2.62 -10.02 8.33
C GLU D 360 -1.61 -9.84 7.22
N PHE D 361 -0.99 -10.95 6.82
CA PHE D 361 0.16 -10.93 5.94
C PHE D 361 -0.31 -11.01 4.49
N PHE D 362 -0.12 -9.92 3.75
CA PHE D 362 -0.51 -9.86 2.36
C PHE D 362 0.58 -10.46 1.48
N TYR D 363 0.20 -10.77 0.23
CA TYR D 363 1.12 -11.32 -0.76
C TYR D 363 0.70 -10.76 -2.11
N CYS D 364 1.09 -9.51 -2.36
CA CYS D 364 0.63 -8.75 -3.51
C CYS D 364 1.45 -9.09 -4.74
N ASN D 365 0.82 -9.74 -5.71
CA ASN D 365 1.45 -9.99 -7.00
C ASN D 365 1.87 -8.66 -7.60
N THR D 366 3.16 -8.40 -7.61
CA THR D 366 3.71 -7.11 -8.00
C THR D 366 4.09 -7.02 -9.47
N THR D 367 3.76 -8.02 -10.27
CA THR D 367 3.94 -7.91 -11.73
C THR D 367 3.41 -6.59 -12.29
N PRO D 368 2.28 -6.00 -11.83
CA PRO D 368 1.91 -4.65 -12.30
C PRO D 368 2.82 -3.52 -11.83
N LEU D 369 4.01 -3.85 -11.37
CA LEU D 369 4.96 -2.85 -10.88
C LEU D 369 6.23 -2.77 -11.70
N PHE D 370 6.73 -3.89 -12.18
CA PHE D 370 8.05 -3.96 -12.83
C PHE D 370 7.90 -4.73 -14.13
N ASN D 371 7.37 -4.05 -15.14
CA ASN D 371 7.22 -4.63 -16.46
C ASN D 371 7.31 -3.46 -17.44
N SER D 372 8.47 -2.80 -17.45
CA SER D 372 8.65 -1.62 -18.29
C SER D 372 10.10 -1.56 -18.74
N THR D 373 10.31 -1.14 -19.98
CA THR D 373 11.63 -1.01 -20.56
C THR D 373 11.90 0.46 -20.85
N TRP D 374 13.05 0.96 -20.40
CA TRP D 374 13.40 2.37 -20.52
C TRP D 374 14.61 2.50 -21.43
N ASN D 375 14.41 3.12 -22.59
CA ASN D 375 15.50 3.44 -23.50
C ASN D 375 16.28 4.63 -22.97
N ASN D 376 17.10 5.24 -23.85
CA ASN D 376 18.12 6.28 -23.57
C ASN D 376 19.44 5.65 -23.10
N GLU D 387 -5.46 10.44 -11.17
CA GLU D 387 -6.05 9.41 -12.03
C GLU D 387 -5.47 8.04 -11.71
N GLN D 388 -5.35 7.23 -12.76
CA GLN D 388 -4.83 5.87 -12.77
C GLN D 388 -4.12 5.40 -11.50
N ASN D 389 -4.68 4.39 -10.84
CA ASN D 389 -4.07 3.74 -9.69
C ASN D 389 -3.54 2.38 -10.12
N ILE D 390 -2.26 2.13 -9.86
CA ILE D 390 -1.70 0.79 -10.02
C ILE D 390 -2.16 -0.06 -8.84
N THR D 391 -2.86 -1.15 -9.11
CA THR D 391 -3.38 -2.01 -8.07
C THR D 391 -2.89 -3.43 -8.28
N LEU D 392 -2.39 -4.05 -7.22
CA LEU D 392 -1.87 -5.41 -7.27
C LEU D 392 -2.90 -6.36 -6.66
N GLN D 393 -2.77 -7.64 -6.98
CA GLN D 393 -3.71 -8.65 -6.48
C GLN D 393 -3.06 -9.36 -5.30
N CYS D 394 -3.43 -8.95 -4.08
CA CYS D 394 -2.87 -9.52 -2.86
C CYS D 394 -3.71 -10.70 -2.39
N ARG D 395 -3.04 -11.83 -2.16
CA ARG D 395 -3.65 -12.91 -1.41
C ARG D 395 -3.40 -12.67 0.07
N ILE D 396 -3.91 -13.56 0.92
CA ILE D 396 -3.73 -13.45 2.36
C ILE D 396 -3.44 -14.84 2.93
N LYS D 397 -2.56 -14.88 3.93
CA LYS D 397 -2.20 -16.12 4.60
C LYS D 397 -2.37 -15.94 6.10
N GLN D 398 -2.69 -17.04 6.78
CA GLN D 398 -2.72 -17.05 8.24
C GLN D 398 -1.61 -17.87 8.87
N ILE D 399 -1.07 -18.85 8.15
CA ILE D 399 0.03 -19.68 8.64
C ILE D 399 1.31 -19.21 7.98
N ILE D 400 2.20 -18.62 8.78
CA ILE D 400 3.45 -18.06 8.27
C ILE D 400 4.59 -18.85 8.92
N ASN D 401 5.15 -19.79 8.16
CA ASN D 401 6.25 -20.60 8.66
C ASN D 401 7.47 -19.72 8.94
N MET D 402 8.48 -20.32 9.58
CA MET D 402 9.70 -19.63 9.92
C MET D 402 10.80 -19.96 8.92
N TRP D 403 11.91 -19.23 9.02
CA TRP D 403 13.00 -19.30 8.06
C TRP D 403 14.28 -19.68 8.81
N GLN D 404 14.39 -20.94 9.20
CA GLN D 404 15.61 -21.41 9.84
C GLN D 404 16.01 -22.79 9.31
N GLY D 405 15.07 -23.73 9.33
CA GLY D 405 15.33 -25.08 8.87
C GLY D 405 14.55 -26.18 9.57
N VAL D 406 13.22 -26.16 9.36
CA VAL D 406 12.28 -27.22 9.76
C VAL D 406 12.08 -27.21 11.26
N GLY D 407 11.31 -26.23 11.75
CA GLY D 407 11.07 -26.14 13.18
C GLY D 407 9.62 -25.96 13.58
N LYS D 408 9.13 -24.72 13.49
CA LYS D 408 7.78 -24.37 13.90
C LYS D 408 7.21 -23.33 12.95
N ALA D 409 5.92 -23.03 13.15
CA ALA D 409 5.21 -22.05 12.34
C ALA D 409 4.31 -21.21 13.25
N MET D 410 3.61 -20.25 12.66
CA MET D 410 2.71 -19.37 13.40
C MET D 410 1.36 -19.30 12.68
N TYR D 411 0.33 -18.91 13.44
CA TYR D 411 -1.01 -18.69 12.92
C TYR D 411 -1.45 -17.28 13.31
N ALA D 412 -1.52 -16.38 12.34
CA ALA D 412 -1.99 -15.03 12.60
C ALA D 412 -3.50 -15.06 12.82
N PRO D 413 -3.99 -14.79 14.03
CA PRO D 413 -5.42 -14.89 14.27
C PRO D 413 -6.18 -13.90 13.41
N PRO D 414 -7.42 -14.19 13.07
CA PRO D 414 -8.17 -13.32 12.17
C PRO D 414 -8.41 -11.96 12.79
N ILE D 415 -8.48 -10.95 11.92
CA ILE D 415 -8.77 -9.58 12.34
C ILE D 415 -10.23 -9.30 12.00
N ARG D 416 -10.95 -8.72 12.96
CA ARG D 416 -12.36 -8.43 12.74
C ARG D 416 -12.51 -7.18 11.87
N GLY D 417 -13.69 -7.07 11.25
CA GLY D 417 -13.98 -5.96 10.39
C GLY D 417 -13.06 -5.91 9.17
N GLN D 418 -13.05 -4.75 8.53
CA GLN D 418 -12.22 -4.54 7.36
C GLN D 418 -10.83 -4.10 7.79
N ILE D 419 -9.89 -4.21 6.85
CA ILE D 419 -8.50 -3.84 7.07
C ILE D 419 -8.05 -2.93 5.92
N ARG D 420 -7.41 -1.82 6.26
CA ARG D 420 -6.85 -0.92 5.26
C ARG D 420 -5.71 -0.13 5.91
N CYS D 421 -4.50 -0.30 5.39
CA CYS D 421 -3.32 0.41 5.87
C CYS D 421 -2.73 1.23 4.74
N SER D 422 -1.94 2.24 5.13
CA SER D 422 -1.25 3.11 4.19
C SER D 422 0.22 3.17 4.58
N SER D 423 1.10 2.98 3.60
CA SER D 423 2.53 2.95 3.86
C SER D 423 3.27 3.75 2.79
N ASN D 424 4.53 4.07 3.08
CA ASN D 424 5.45 4.69 2.15
C ASN D 424 6.47 3.65 1.74
N ILE D 425 6.43 3.22 0.48
CA ILE D 425 7.49 2.37 -0.04
C ILE D 425 8.69 3.28 -0.31
N THR D 426 9.74 3.16 0.51
CA THR D 426 10.90 4.02 0.38
C THR D 426 12.12 3.32 -0.17
N GLY D 427 12.15 1.99 -0.13
CA GLY D 427 13.26 1.25 -0.66
C GLY D 427 12.85 0.32 -1.78
N LEU D 428 13.72 -0.63 -2.09
CA LEU D 428 13.52 -1.57 -3.18
C LEU D 428 14.69 -2.54 -3.21
N LEU D 429 14.42 -3.82 -3.45
CA LEU D 429 15.47 -4.80 -3.59
C LEU D 429 15.37 -5.39 -4.99
N LEU D 430 16.35 -5.08 -5.83
CA LEU D 430 16.35 -5.56 -7.20
C LEU D 430 17.21 -6.81 -7.32
N THR D 431 17.41 -7.27 -8.55
CA THR D 431 18.26 -8.41 -8.85
C THR D 431 18.48 -8.48 -10.36
N ARG D 432 19.71 -8.23 -10.82
CA ARG D 432 20.02 -8.33 -12.23
C ARG D 432 20.35 -9.77 -12.60
N ASP D 433 20.11 -10.11 -13.86
CA ASP D 433 20.25 -11.48 -14.32
C ASP D 433 21.66 -11.74 -14.85
N ASN D 439 23.07 -10.99 -22.96
CA ASN D 439 22.66 -10.44 -24.24
C ASN D 439 23.01 -8.97 -24.36
N GLY D 440 22.14 -8.20 -25.00
CA GLY D 440 22.35 -6.78 -25.21
C GLY D 440 21.58 -5.87 -24.27
N THR D 441 20.80 -6.43 -23.35
CA THR D 441 20.00 -5.63 -22.44
C THR D 441 20.13 -6.19 -21.02
N GLU D 442 20.02 -5.31 -20.04
CA GLU D 442 20.06 -5.69 -18.64
C GLU D 442 18.69 -5.50 -18.01
N THR D 443 18.12 -6.60 -17.51
CA THR D 443 16.81 -6.59 -16.89
C THR D 443 16.97 -6.80 -15.38
N PHE D 444 16.28 -5.98 -14.59
CA PHE D 444 16.36 -6.04 -13.13
C PHE D 444 15.02 -6.48 -12.59
N ARG D 445 14.96 -7.69 -12.05
CA ARG D 445 13.77 -8.23 -11.40
C ARG D 445 13.82 -7.94 -9.90
N PRO D 446 12.68 -7.64 -9.29
CA PRO D 446 12.66 -7.47 -7.83
C PRO D 446 12.85 -8.78 -7.08
N GLY D 447 14.05 -8.96 -6.54
CA GLY D 447 14.33 -10.10 -5.68
C GLY D 447 14.48 -9.64 -4.24
N GLY D 448 14.53 -10.61 -3.34
CA GLY D 448 14.72 -10.28 -1.94
C GLY D 448 13.68 -10.88 -1.03
N GLY D 449 14.07 -11.93 -0.30
CA GLY D 449 13.24 -12.50 0.74
C GLY D 449 14.04 -12.61 2.02
N ASN D 450 15.34 -12.33 1.91
CA ASN D 450 16.25 -12.37 3.05
C ASN D 450 15.92 -11.24 4.01
N MET D 451 15.84 -11.57 5.30
CA MET D 451 15.41 -10.59 6.28
C MET D 451 16.51 -9.60 6.63
N ARG D 452 17.77 -10.02 6.56
CA ARG D 452 18.85 -9.12 6.97
C ARG D 452 19.17 -8.06 5.92
N ASP D 453 18.72 -8.25 4.67
CA ASP D 453 18.84 -7.17 3.69
C ASP D 453 17.99 -5.97 4.07
N ASN D 454 16.87 -6.19 4.77
CA ASN D 454 16.00 -5.10 5.17
C ASN D 454 16.69 -4.21 6.20
N TRP D 455 17.12 -4.79 7.33
CA TRP D 455 17.84 -4.03 8.33
C TRP D 455 19.08 -3.38 7.73
N ARG D 456 19.66 -4.02 6.71
CA ARG D 456 20.85 -3.49 6.05
C ARG D 456 20.56 -2.16 5.38
N SER D 457 19.32 -1.92 4.96
CA SER D 457 18.97 -0.65 4.35
C SER D 457 18.87 0.48 5.37
N GLU D 458 18.95 0.17 6.65
CA GLU D 458 18.90 1.19 7.69
C GLU D 458 20.16 1.28 8.54
N LEU D 459 20.90 0.20 8.69
CA LEU D 459 22.13 0.20 9.46
C LEU D 459 23.36 0.51 8.62
N TYR D 460 23.16 0.94 7.36
CA TYR D 460 24.31 1.29 6.54
C TYR D 460 25.03 2.51 7.09
N LYS D 461 24.30 3.42 7.75
CA LYS D 461 24.88 4.63 8.29
C LYS D 461 25.72 4.40 9.53
N TYR D 462 25.61 3.24 10.17
CA TYR D 462 26.17 3.03 11.49
C TYR D 462 27.25 1.96 11.49
N LYS D 463 28.06 2.00 12.54
CA LYS D 463 29.27 1.19 12.65
C LYS D 463 29.66 1.14 14.13
N VAL D 464 30.10 -0.04 14.59
CA VAL D 464 30.40 -0.27 16.00
C VAL D 464 31.91 -0.28 16.19
N VAL D 465 32.40 0.67 16.99
CA VAL D 465 33.80 0.76 17.36
C VAL D 465 33.89 0.80 18.88
N LYS D 466 34.95 0.21 19.41
CA LYS D 466 35.24 0.23 20.84
C LYS D 466 36.22 1.35 21.16
N ILE D 467 36.12 1.88 22.38
CA ILE D 467 36.97 2.96 22.83
C ILE D 467 38.12 2.38 23.65
N GLU D 468 39.32 2.90 23.42
CA GLU D 468 40.52 2.50 24.16
C GLU D 468 41.19 3.77 24.65
N PRO D 469 40.79 4.29 25.80
CA PRO D 469 41.20 5.64 26.22
C PRO D 469 42.63 5.73 26.73
N LEU D 470 43.36 4.62 26.83
CA LEU D 470 44.73 4.67 27.29
C LEU D 470 45.64 5.11 26.16
N GLY D 471 46.44 6.14 26.41
CA GLY D 471 47.37 6.64 25.41
C GLY D 471 48.68 7.11 26.00
N ILE D 472 49.78 6.52 25.55
CA ILE D 472 51.11 6.88 26.02
C ILE D 472 51.84 7.60 24.91
N ALA D 473 52.71 8.53 25.30
CA ALA D 473 53.47 9.31 24.31
C ALA D 473 54.60 10.02 25.03
N PRO D 474 55.71 10.29 24.34
CA PRO D 474 56.84 10.95 25.00
C PRO D 474 56.67 12.46 25.05
N THR D 475 56.99 13.02 26.22
CA THR D 475 57.11 14.46 26.39
C THR D 475 58.27 14.76 27.30
N ALA D 476 58.85 15.95 27.16
CA ALA D 476 59.84 16.40 28.12
C ALA D 476 59.24 16.47 29.51
N CYS D 477 59.16 15.33 30.19
CA CYS D 477 58.50 15.27 31.49
C CYS D 477 59.02 14.05 32.25
N LYS D 478 59.33 14.25 33.54
CA LYS D 478 59.68 13.15 34.42
C LYS D 478 59.13 13.48 35.81
N ARG D 479 58.86 12.44 36.60
CA ARG D 479 58.39 12.62 37.96
C ARG D 479 59.55 12.62 38.95
N ARG D 480 59.30 13.15 40.14
CA ARG D 480 60.32 13.27 41.17
C ARG D 480 60.40 12.01 42.03
N GLN E 1 -43.39 4.82 -28.84
CA GLN E 1 -42.46 4.07 -28.01
C GLN E 1 -42.49 2.61 -28.40
N VAL E 2 -42.64 1.74 -27.41
CA VAL E 2 -42.57 0.29 -27.61
C VAL E 2 -43.73 -0.37 -26.88
N GLN E 3 -44.51 -1.17 -27.61
CA GLN E 3 -45.53 -2.03 -27.03
C GLN E 3 -45.36 -3.44 -27.59
N LEU E 4 -46.04 -4.40 -26.96
CA LEU E 4 -45.91 -5.79 -27.35
C LEU E 4 -47.30 -6.43 -27.39
N GLN E 5 -47.40 -7.52 -28.14
CA GLN E 5 -48.66 -8.24 -28.26
C GLN E 5 -48.35 -9.69 -28.61
N GLU E 6 -48.83 -10.61 -27.79
CA GLU E 6 -48.64 -12.04 -28.04
C GLU E 6 -49.83 -12.59 -28.83
N SER E 7 -49.70 -13.85 -29.24
CA SER E 7 -50.75 -14.54 -29.99
C SER E 7 -50.47 -16.04 -30.05
N GLY E 8 -51.18 -16.81 -29.22
CA GLY E 8 -50.95 -18.23 -29.15
C GLY E 8 -52.20 -19.04 -29.40
N PRO E 9 -52.04 -20.36 -29.54
CA PRO E 9 -53.21 -21.23 -29.75
C PRO E 9 -54.34 -20.99 -28.76
N GLY E 10 -54.05 -20.65 -27.51
CA GLY E 10 -55.06 -20.57 -26.48
C GLY E 10 -55.50 -21.91 -25.92
N LEU E 11 -55.25 -23.00 -26.63
CA LEU E 11 -55.53 -24.34 -26.15
C LEU E 11 -54.56 -25.31 -26.83
N VAL E 12 -53.86 -26.12 -26.04
CA VAL E 12 -52.94 -27.12 -26.55
C VAL E 12 -53.13 -28.41 -25.75
N LYS E 13 -53.01 -29.54 -26.43
CA LYS E 13 -53.21 -30.84 -25.80
C LYS E 13 -52.00 -31.25 -24.97
N PRO E 14 -52.18 -32.15 -24.00
CA PRO E 14 -51.02 -32.67 -23.26
C PRO E 14 -50.04 -33.36 -24.17
N SER E 15 -48.76 -33.27 -23.81
CA SER E 15 -47.66 -33.88 -24.58
C SER E 15 -47.60 -33.28 -25.99
N GLU E 16 -47.37 -31.97 -26.04
CA GLU E 16 -47.35 -31.25 -27.32
C GLU E 16 -46.59 -29.95 -27.15
N THR E 17 -46.19 -29.37 -28.28
CA THR E 17 -45.38 -28.16 -28.29
C THR E 17 -46.29 -26.93 -28.20
N LEU E 18 -46.29 -26.29 -27.03
CA LEU E 18 -47.03 -25.05 -26.82
C LEU E 18 -46.26 -23.93 -27.51
N SER E 19 -46.47 -23.81 -28.81
CA SER E 19 -45.86 -22.72 -29.56
C SER E 19 -46.52 -21.40 -29.19
N LEU E 20 -45.86 -20.30 -29.59
CA LEU E 20 -46.34 -18.95 -29.32
C LEU E 20 -45.44 -17.97 -30.05
N THR E 21 -45.90 -16.72 -30.15
CA THR E 21 -45.15 -15.64 -30.79
C THR E 21 -45.45 -14.34 -30.06
N CYS E 22 -44.72 -13.29 -30.43
CA CYS E 22 -44.90 -11.97 -29.82
C CYS E 22 -44.23 -10.92 -30.69
N THR E 23 -45.03 -10.05 -31.31
CA THR E 23 -44.52 -8.98 -32.14
C THR E 23 -44.48 -7.68 -31.36
N VAL E 24 -43.40 -6.93 -31.54
CA VAL E 24 -43.17 -5.68 -30.85
C VAL E 24 -43.50 -4.54 -31.81
N SER E 25 -43.84 -3.37 -31.25
CA SER E 25 -44.21 -2.20 -32.04
C SER E 25 -43.35 -1.01 -31.64
N GLY E 26 -42.74 -0.37 -32.63
CA GLY E 26 -41.99 0.86 -32.40
C GLY E 26 -40.63 0.71 -31.76
N GLY E 27 -39.99 -0.45 -31.91
CA GLY E 27 -38.67 -0.65 -31.33
C GLY E 27 -37.97 -1.79 -32.03
N SER E 28 -36.65 -1.67 -32.14
CA SER E 28 -35.87 -2.71 -32.81
C SER E 28 -35.85 -3.98 -31.98
N ILE E 29 -35.88 -5.12 -32.67
CA ILE E 29 -35.89 -6.43 -32.02
C ILE E 29 -34.51 -6.86 -31.56
N SER E 30 -33.45 -6.30 -32.14
CA SER E 30 -32.10 -6.80 -31.93
C SER E 30 -31.21 -5.86 -31.12
N ASN E 31 -31.81 -4.97 -30.32
CA ASN E 31 -31.01 -4.09 -29.46
C ASN E 31 -31.55 -4.05 -28.03
N TYR E 32 -32.33 -5.06 -27.63
CA TYR E 32 -32.83 -5.16 -26.26
C TYR E 32 -32.87 -6.63 -25.86
N TYR E 33 -33.05 -6.87 -24.57
CA TYR E 33 -33.31 -8.20 -24.04
C TYR E 33 -34.81 -8.40 -23.93
N TRP E 34 -35.26 -9.63 -24.16
CA TRP E 34 -36.68 -9.94 -24.13
C TRP E 34 -36.91 -11.12 -23.20
N SER E 35 -37.88 -10.97 -22.30
CA SER E 35 -38.18 -12.02 -21.33
C SER E 35 -39.62 -12.51 -21.52
N TRP E 36 -39.86 -13.74 -21.08
CA TRP E 36 -41.19 -14.34 -21.06
C TRP E 36 -41.52 -14.74 -19.62
N ILE E 37 -42.76 -14.46 -19.21
CA ILE E 37 -43.20 -14.66 -17.84
C ILE E 37 -44.63 -15.21 -17.87
N ARG E 38 -44.87 -16.27 -17.10
CA ARG E 38 -46.19 -16.87 -16.97
C ARG E 38 -46.64 -16.80 -15.52
N GLN E 39 -47.95 -17.01 -15.31
CA GLN E 39 -48.52 -16.91 -13.97
C GLN E 39 -49.81 -17.74 -13.95
N SER E 40 -49.75 -18.90 -13.32
CA SER E 40 -50.88 -19.79 -13.19
C SER E 40 -51.79 -19.32 -12.07
N PRO E 41 -53.02 -19.84 -11.99
CA PRO E 41 -53.87 -19.55 -10.82
C PRO E 41 -53.35 -20.28 -9.60
N GLY E 42 -53.27 -19.57 -8.48
CA GLY E 42 -52.76 -20.11 -7.24
C GLY E 42 -51.27 -19.98 -7.06
N LYS E 43 -50.52 -19.82 -8.16
CA LYS E 43 -49.09 -19.61 -8.10
C LYS E 43 -48.76 -18.14 -8.39
N GLY E 44 -47.52 -17.77 -8.13
CA GLY E 44 -47.03 -16.45 -8.40
C GLY E 44 -46.41 -16.35 -9.79
N LEU E 45 -45.82 -15.19 -10.06
CA LEU E 45 -45.14 -14.99 -11.32
C LEU E 45 -43.94 -15.92 -11.44
N GLU E 46 -43.69 -16.41 -12.65
CA GLU E 46 -42.58 -17.30 -12.94
C GLU E 46 -41.84 -16.82 -14.17
N TRP E 47 -40.53 -16.66 -14.05
CA TRP E 47 -39.68 -16.14 -15.12
C TRP E 47 -39.22 -17.30 -15.99
N ILE E 48 -39.79 -17.40 -17.20
CA ILE E 48 -39.46 -18.47 -18.14
C ILE E 48 -37.98 -18.41 -18.51
N GLY E 49 -37.63 -17.43 -19.35
CA GLY E 49 -36.25 -17.22 -19.73
C GLY E 49 -36.08 -15.88 -20.39
N TYR E 50 -35.08 -15.74 -21.25
CA TYR E 50 -34.88 -14.48 -21.95
C TYR E 50 -33.80 -14.65 -23.01
N ILE E 51 -33.96 -13.92 -24.11
CA ILE E 51 -32.99 -13.88 -25.19
C ILE E 51 -32.42 -12.47 -25.27
N SER E 52 -31.13 -12.39 -25.59
CA SER E 52 -30.40 -11.13 -25.61
C SER E 52 -30.49 -10.48 -26.98
N ASP E 53 -29.86 -9.30 -27.10
CA ASP E 53 -29.62 -8.72 -28.42
C ASP E 53 -28.59 -9.52 -29.21
N SER E 54 -27.81 -10.37 -28.53
CA SER E 54 -26.86 -11.26 -29.16
C SER E 54 -27.46 -12.62 -29.50
N GLU E 55 -28.77 -12.79 -29.28
CA GLU E 55 -29.45 -14.07 -29.51
C GLU E 55 -28.92 -15.15 -28.59
N SER E 56 -28.61 -14.78 -27.34
CA SER E 56 -28.12 -15.73 -26.35
C SER E 56 -29.27 -16.31 -25.56
N THR E 57 -29.23 -17.62 -25.34
CA THR E 57 -30.30 -18.34 -24.67
C THR E 57 -29.96 -18.54 -23.19
N ASN E 58 -30.97 -18.40 -22.34
CA ASN E 58 -30.79 -18.63 -20.90
C ASN E 58 -32.19 -18.78 -20.30
N TYR E 59 -32.51 -19.98 -19.83
CA TYR E 59 -33.85 -20.29 -19.36
C TYR E 59 -33.86 -20.57 -17.86
N ASN E 60 -35.04 -20.44 -17.26
CA ASN E 60 -35.25 -20.82 -15.86
C ASN E 60 -34.89 -22.29 -15.72
N PRO E 61 -34.00 -22.65 -14.79
CA PRO E 61 -33.64 -24.07 -14.65
C PRO E 61 -34.80 -24.94 -14.20
N SER E 62 -35.85 -24.36 -13.63
CA SER E 62 -37.03 -25.12 -13.26
C SER E 62 -37.57 -25.93 -14.44
N LEU E 63 -37.73 -25.29 -15.59
CA LEU E 63 -38.29 -25.89 -16.80
C LEU E 63 -37.30 -25.77 -17.96
N LYS E 64 -36.02 -25.65 -17.65
CA LYS E 64 -35.01 -25.35 -18.67
C LYS E 64 -35.01 -26.41 -19.77
N SER E 65 -35.17 -27.68 -19.40
CA SER E 65 -35.12 -28.75 -20.39
C SER E 65 -36.30 -28.74 -21.35
N ARG E 66 -37.33 -27.93 -21.08
CA ARG E 66 -38.51 -27.88 -21.94
C ARG E 66 -38.49 -26.69 -22.90
N VAL E 67 -38.06 -25.52 -22.44
CA VAL E 67 -38.27 -24.30 -23.23
C VAL E 67 -37.25 -24.18 -24.35
N ILE E 68 -37.49 -23.20 -25.22
CA ILE E 68 -36.58 -22.76 -26.26
C ILE E 68 -37.13 -21.45 -26.78
N ILE E 69 -36.46 -20.34 -26.44
CA ILE E 69 -36.93 -19.01 -26.82
C ILE E 69 -36.15 -18.61 -28.06
N SER E 70 -36.83 -18.61 -29.21
CA SER E 70 -36.20 -18.25 -30.46
C SER E 70 -36.42 -16.76 -30.74
N VAL E 71 -35.99 -16.30 -31.90
CA VAL E 71 -36.21 -14.93 -32.36
C VAL E 71 -35.84 -14.83 -33.82
N ASP E 72 -36.70 -14.19 -34.62
CA ASP E 72 -36.43 -13.94 -36.03
C ASP E 72 -36.47 -12.45 -36.26
N THR E 73 -35.33 -11.88 -36.64
CA THR E 73 -35.18 -10.44 -36.74
C THR E 73 -35.68 -9.88 -38.06
N SER E 74 -36.18 -10.72 -38.97
CA SER E 74 -36.81 -10.21 -40.19
C SER E 74 -37.96 -9.27 -39.85
N LYS E 75 -38.74 -9.62 -38.84
CA LYS E 75 -39.72 -8.74 -38.23
C LYS E 75 -39.28 -8.42 -36.80
N ASN E 76 -40.17 -7.79 -36.04
CA ASN E 76 -39.98 -7.62 -34.60
C ASN E 76 -40.55 -8.79 -33.81
N GLN E 77 -40.46 -9.99 -34.37
CA GLN E 77 -41.13 -11.16 -33.83
C GLN E 77 -40.11 -12.11 -33.20
N LEU E 78 -40.45 -12.65 -32.05
CA LEU E 78 -39.69 -13.71 -31.40
C LEU E 78 -40.67 -14.69 -30.77
N SER E 79 -40.39 -15.97 -30.92
CA SER E 79 -41.29 -17.01 -30.48
C SER E 79 -40.85 -17.60 -29.15
N LEU E 80 -41.72 -18.48 -28.62
CA LEU E 80 -41.39 -19.30 -27.46
C LEU E 80 -42.09 -20.63 -27.64
N LYS E 81 -41.35 -21.73 -27.45
CA LYS E 81 -41.86 -23.07 -27.70
C LYS E 81 -41.60 -23.98 -26.51
N LEU E 82 -42.58 -24.04 -25.61
CA LEU E 82 -42.59 -25.08 -24.61
C LEU E 82 -43.11 -26.38 -25.24
N ASN E 83 -42.71 -27.52 -24.68
CA ASN E 83 -43.17 -28.81 -25.18
C ASN E 83 -43.37 -29.76 -24.01
N SER E 84 -43.99 -30.91 -24.31
CA SER E 84 -44.39 -31.89 -23.29
C SER E 84 -45.24 -31.24 -22.21
N VAL E 85 -46.20 -30.43 -22.64
CA VAL E 85 -46.98 -29.63 -21.70
C VAL E 85 -47.85 -30.52 -20.83
N THR E 86 -48.21 -29.99 -19.66
CA THR E 86 -49.10 -30.66 -18.72
C THR E 86 -50.10 -29.64 -18.19
N ALA E 87 -51.07 -30.15 -17.41
CA ALA E 87 -52.16 -29.31 -16.91
C ALA E 87 -51.62 -28.14 -16.08
N ALA E 88 -50.57 -28.37 -15.29
CA ALA E 88 -49.97 -27.32 -14.48
C ALA E 88 -49.38 -26.18 -15.31
N ASP E 89 -49.37 -26.28 -16.65
CA ASP E 89 -48.84 -25.23 -17.52
C ASP E 89 -49.87 -24.20 -17.95
N SER E 90 -51.14 -24.43 -17.66
CA SER E 90 -52.18 -23.46 -17.97
C SER E 90 -51.89 -22.16 -17.23
N ALA E 91 -51.53 -21.11 -17.97
CA ALA E 91 -51.22 -19.84 -17.35
C ALA E 91 -51.27 -18.76 -18.42
N ILE E 92 -51.37 -17.51 -17.97
CA ILE E 92 -51.29 -16.35 -18.85
C ILE E 92 -49.82 -16.10 -19.18
N TYR E 93 -49.51 -15.98 -20.46
CA TYR E 93 -48.14 -15.79 -20.92
C TYR E 93 -47.95 -14.36 -21.38
N TYR E 94 -46.92 -13.70 -20.86
CA TYR E 94 -46.64 -12.29 -21.09
C TYR E 94 -45.34 -12.12 -21.86
N CYS E 95 -45.22 -10.97 -22.52
CA CYS E 95 -44.06 -10.65 -23.36
C CYS E 95 -43.56 -9.27 -22.96
N ALA E 96 -42.38 -9.23 -22.32
CA ALA E 96 -41.85 -7.99 -21.75
C ALA E 96 -40.44 -7.74 -22.27
N ARG E 97 -40.07 -6.46 -22.29
CA ARG E 97 -38.73 -6.04 -22.68
C ARG E 97 -37.84 -5.95 -21.44
N ALA E 98 -36.82 -6.79 -21.39
CA ALA E 98 -35.86 -6.76 -20.31
C ALA E 98 -34.69 -5.86 -20.67
N GLN E 99 -34.09 -5.25 -19.65
CA GLN E 99 -32.92 -4.41 -19.83
C GLN E 99 -31.85 -4.82 -18.83
N GLN E 100 -30.60 -4.68 -19.25
CA GLN E 100 -29.44 -5.17 -18.50
C GLN E 100 -28.84 -4.05 -17.65
N GLY E 101 -28.66 -4.32 -16.37
CA GLY E 101 -27.96 -3.42 -15.49
C GLY E 101 -26.74 -4.10 -14.92
N LYS E 102 -25.70 -3.30 -14.65
CA LYS E 102 -24.46 -3.80 -14.07
C LYS E 102 -24.29 -3.13 -12.72
N ARG E 103 -24.49 -3.91 -11.65
CA ARG E 103 -24.41 -3.40 -10.29
C ARG E 103 -22.98 -3.59 -9.80
N ILE E 104 -22.21 -2.50 -9.80
CA ILE E 104 -20.81 -2.55 -9.38
C ILE E 104 -20.72 -2.21 -7.90
N TYR E 105 -20.08 -3.09 -7.14
CA TYR E 105 -19.87 -2.89 -5.72
C TYR E 105 -18.41 -2.84 -5.30
N GLY E 106 -17.50 -3.37 -6.09
CA GLY E 106 -16.09 -3.27 -5.81
C GLY E 106 -15.31 -2.74 -7.00
N MET E 107 -14.31 -3.49 -7.43
CA MET E 107 -13.49 -3.12 -8.58
C MET E 107 -13.99 -3.83 -9.83
N VAL E 108 -14.27 -3.05 -10.88
CA VAL E 108 -14.79 -3.61 -12.13
C VAL E 108 -13.83 -4.62 -12.75
N SER E 109 -12.54 -4.52 -12.45
CA SER E 109 -11.52 -5.38 -13.04
C SER E 109 -11.40 -6.74 -12.35
N PHE E 110 -11.54 -6.78 -11.02
CA PHE E 110 -11.47 -8.06 -10.31
C PHE E 110 -12.71 -8.92 -10.55
N GLY E 111 -13.78 -8.33 -11.05
CA GLY E 111 -15.04 -9.02 -11.21
C GLY E 111 -16.06 -8.77 -10.13
N GLU E 112 -15.98 -7.63 -9.45
CA GLU E 112 -16.84 -7.34 -8.30
C GLU E 112 -18.11 -6.61 -8.72
N PHE E 113 -18.85 -7.23 -9.65
CA PHE E 113 -20.17 -6.75 -10.04
C PHE E 113 -21.03 -7.94 -10.44
N PHE E 114 -22.33 -7.70 -10.51
CA PHE E 114 -23.28 -8.70 -10.98
C PHE E 114 -24.29 -8.04 -11.90
N TYR E 115 -24.90 -8.85 -12.76
CA TYR E 115 -25.85 -8.37 -13.76
C TYR E 115 -27.26 -8.69 -13.31
N TYR E 116 -28.10 -7.66 -13.20
CA TYR E 116 -29.50 -7.80 -12.87
C TYR E 116 -30.34 -7.37 -14.07
N TYR E 117 -31.55 -7.93 -14.17
CA TYR E 117 -32.45 -7.66 -15.29
C TYR E 117 -33.80 -7.19 -14.77
N TYR E 118 -34.35 -6.18 -15.44
CA TYR E 118 -35.62 -5.58 -15.08
C TYR E 118 -36.47 -5.40 -16.33
N MET E 119 -37.75 -5.77 -16.24
CA MET E 119 -38.70 -5.59 -17.33
C MET E 119 -39.46 -4.29 -17.10
N ASP E 120 -39.41 -3.38 -18.08
CA ASP E 120 -40.03 -2.08 -17.94
C ASP E 120 -41.33 -1.92 -18.73
N VAL E 121 -41.46 -2.57 -19.87
CA VAL E 121 -42.69 -2.53 -20.66
C VAL E 121 -43.14 -3.97 -20.92
N TRP E 122 -44.43 -4.21 -20.77
CA TRP E 122 -44.98 -5.55 -20.82
C TRP E 122 -45.99 -5.69 -21.95
N GLY E 123 -46.15 -6.93 -22.41
CA GLY E 123 -47.24 -7.27 -23.31
C GLY E 123 -48.57 -7.33 -22.56
N LYS E 124 -49.61 -7.67 -23.32
CA LYS E 124 -50.95 -7.67 -22.75
C LYS E 124 -51.31 -9.01 -22.11
N GLY E 125 -50.95 -10.12 -22.76
CA GLY E 125 -51.17 -11.43 -22.14
C GLY E 125 -51.99 -12.34 -23.03
N THR E 126 -51.49 -13.56 -23.22
CA THR E 126 -52.16 -14.60 -24.00
C THR E 126 -52.53 -15.74 -23.07
N THR E 127 -53.82 -15.88 -22.78
CA THR E 127 -54.29 -16.99 -21.98
C THR E 127 -54.07 -18.31 -22.73
N VAL E 128 -53.68 -19.34 -22.00
CA VAL E 128 -53.42 -20.65 -22.58
C VAL E 128 -54.04 -21.71 -21.68
N THR E 129 -54.77 -22.65 -22.28
CA THR E 129 -55.45 -23.72 -21.56
C THR E 129 -55.01 -25.06 -22.14
N VAL E 130 -54.55 -25.97 -21.29
CA VAL E 130 -54.12 -27.28 -21.74
C VAL E 130 -55.10 -28.32 -21.20
N SER E 131 -55.73 -29.06 -22.12
CA SER E 131 -56.74 -30.06 -21.77
C SER E 131 -57.10 -30.85 -23.01
N SER E 132 -57.23 -32.16 -22.85
CA SER E 132 -57.60 -33.02 -23.97
C SER E 132 -58.96 -32.66 -24.56
N ALA E 133 -59.78 -31.93 -23.81
CA ALA E 133 -61.11 -31.56 -24.30
C ALA E 133 -61.00 -30.74 -25.57
N SER E 134 -61.89 -31.01 -26.52
CA SER E 134 -61.86 -30.32 -27.80
C SER E 134 -62.29 -28.86 -27.62
N THR E 135 -62.02 -28.06 -28.65
CA THR E 135 -62.47 -26.68 -28.64
C THR E 135 -63.96 -26.61 -28.91
N LYS E 136 -64.58 -25.49 -28.52
CA LYS E 136 -66.01 -25.31 -28.68
C LYS E 136 -66.30 -23.84 -28.93
N GLY E 137 -67.17 -23.59 -29.91
CA GLY E 137 -67.67 -22.26 -30.15
C GLY E 137 -68.85 -21.97 -29.24
N PRO E 138 -69.09 -20.71 -28.98
CA PRO E 138 -70.22 -20.36 -28.10
C PRO E 138 -71.55 -20.39 -28.83
N SER E 139 -72.44 -19.51 -28.39
CA SER E 139 -73.74 -19.24 -28.99
C SER E 139 -74.34 -18.03 -28.29
N VAL E 140 -74.69 -17.00 -29.04
CA VAL E 140 -75.17 -15.75 -28.46
C VAL E 140 -76.69 -15.72 -28.52
N PHE E 141 -77.30 -15.39 -27.39
CA PHE E 141 -78.74 -15.21 -27.30
C PHE E 141 -79.01 -13.81 -26.77
N PRO E 142 -79.72 -12.96 -27.51
CA PRO E 142 -79.88 -11.56 -27.07
C PRO E 142 -80.62 -11.46 -25.75
N LEU E 143 -80.45 -10.31 -25.10
CA LEU E 143 -81.16 -9.98 -23.87
C LEU E 143 -81.78 -8.62 -24.06
N ALA E 144 -83.14 -8.57 -24.07
CA ALA E 144 -83.88 -7.36 -24.37
C ALA E 144 -84.33 -6.66 -23.08
N PRO E 145 -84.46 -5.33 -23.12
CA PRO E 145 -84.87 -4.61 -21.91
C PRO E 145 -86.37 -4.47 -21.75
N SER E 146 -86.80 -3.52 -20.92
CA SER E 146 -88.21 -3.24 -20.72
C SER E 146 -88.41 -1.88 -20.05
N SER E 147 -87.83 -0.83 -20.64
CA SER E 147 -87.92 0.54 -20.13
C SER E 147 -87.52 0.64 -18.66
N GLY E 153 -86.69 6.26 -18.24
CA GLY E 153 -85.48 7.07 -18.13
C GLY E 153 -84.24 6.34 -18.58
N THR E 154 -84.00 5.17 -17.99
CA THR E 154 -82.84 4.35 -18.31
C THR E 154 -83.26 2.88 -18.33
N ALA E 155 -82.49 2.08 -19.06
CA ALA E 155 -82.71 0.64 -19.15
C ALA E 155 -81.41 0.00 -19.62
N ALA E 156 -81.35 -1.33 -19.50
CA ALA E 156 -80.13 -2.09 -19.81
C ALA E 156 -80.46 -3.28 -20.69
N LEU E 157 -79.51 -3.65 -21.54
CA LEU E 157 -79.65 -4.79 -22.43
C LEU E 157 -78.28 -5.39 -22.68
N GLY E 158 -78.25 -6.66 -23.06
CA GLY E 158 -77.00 -7.32 -23.27
C GLY E 158 -77.11 -8.57 -24.11
N CYS E 159 -76.05 -9.36 -24.11
CA CYS E 159 -75.95 -10.59 -24.88
C CYS E 159 -75.38 -11.70 -24.02
N LEU E 160 -76.02 -12.86 -24.06
CA LEU E 160 -75.60 -14.03 -23.27
C LEU E 160 -74.78 -14.94 -24.17
N VAL E 161 -73.49 -15.06 -23.87
CA VAL E 161 -72.58 -15.94 -24.61
C VAL E 161 -72.53 -17.27 -23.86
N LYS E 162 -73.26 -18.25 -24.38
CA LYS E 162 -73.57 -19.47 -23.64
C LYS E 162 -72.63 -20.61 -24.05
N ASP E 163 -72.09 -21.30 -23.05
CA ASP E 163 -71.38 -22.57 -23.21
C ASP E 163 -70.29 -22.55 -24.29
N TYR E 164 -69.13 -21.98 -23.97
CA TYR E 164 -67.98 -21.98 -24.87
C TYR E 164 -66.76 -22.53 -24.14
N PHE E 165 -65.71 -22.80 -24.91
CA PHE E 165 -64.47 -23.35 -24.37
C PHE E 165 -63.36 -23.24 -25.42
N PRO E 166 -62.16 -22.79 -25.04
CA PRO E 166 -61.85 -22.28 -23.70
C PRO E 166 -61.76 -20.76 -23.67
N GLU E 167 -61.63 -20.20 -22.47
CA GLU E 167 -61.48 -18.77 -22.22
C GLU E 167 -60.36 -18.22 -23.11
N PRO E 168 -60.47 -16.97 -23.60
CA PRO E 168 -61.56 -16.02 -23.42
C PRO E 168 -62.32 -15.68 -24.69
N VAL E 169 -63.37 -14.86 -24.55
CA VAL E 169 -64.09 -14.29 -25.67
C VAL E 169 -64.09 -12.78 -25.54
N THR E 170 -64.13 -12.10 -26.68
CA THR E 170 -64.18 -10.64 -26.73
C THR E 170 -65.56 -10.22 -27.23
N VAL E 171 -66.08 -9.14 -26.67
CA VAL E 171 -67.43 -8.67 -26.98
C VAL E 171 -67.37 -7.16 -27.17
N SER E 172 -67.56 -6.71 -28.41
CA SER E 172 -67.72 -5.29 -28.71
C SER E 172 -69.19 -4.97 -28.91
N TRP E 173 -69.48 -3.69 -29.04
CA TRP E 173 -70.85 -3.22 -29.26
C TRP E 173 -70.87 -2.26 -30.43
N ASN E 174 -71.67 -2.59 -31.46
CA ASN E 174 -71.75 -1.82 -32.70
C ASN E 174 -70.38 -1.74 -33.37
N SER E 175 -69.65 -2.85 -33.36
CA SER E 175 -68.30 -3.02 -33.90
C SER E 175 -67.24 -2.24 -33.14
N GLY E 176 -67.61 -1.51 -32.10
CA GLY E 176 -66.65 -0.72 -31.36
C GLY E 176 -67.14 0.70 -31.15
N ALA E 177 -68.22 1.07 -31.85
CA ALA E 177 -68.78 2.40 -31.72
C ALA E 177 -69.29 2.63 -30.30
N LEU E 178 -70.23 1.79 -29.85
CA LEU E 178 -70.79 1.90 -28.52
C LEU E 178 -69.78 1.38 -27.50
N THR E 179 -69.19 2.30 -26.74
CA THR E 179 -68.23 1.94 -25.70
C THR E 179 -68.57 2.50 -24.32
N SER E 180 -69.48 3.46 -24.22
CA SER E 180 -69.89 3.97 -22.92
C SER E 180 -70.92 3.03 -22.30
N GLY E 181 -70.79 2.83 -20.99
CA GLY E 181 -71.70 1.97 -20.27
C GLY E 181 -71.54 0.50 -20.51
N VAL E 182 -70.69 0.11 -21.47
CA VAL E 182 -70.46 -1.32 -21.72
C VAL E 182 -69.89 -1.95 -20.46
N HIS E 183 -70.33 -3.17 -20.16
CA HIS E 183 -69.91 -3.84 -18.95
C HIS E 183 -69.95 -5.34 -19.13
N THR E 184 -68.93 -5.91 -19.79
CA THR E 184 -68.84 -7.35 -19.94
C THR E 184 -68.48 -8.00 -18.61
N PHE E 185 -69.11 -9.13 -18.31
CA PHE E 185 -68.98 -9.80 -17.03
C PHE E 185 -68.03 -10.98 -17.13
N PRO E 186 -67.44 -11.41 -16.01
CA PRO E 186 -66.58 -12.59 -16.04
C PRO E 186 -67.37 -13.83 -16.40
N ALA E 187 -66.65 -14.84 -16.89
CA ALA E 187 -67.29 -16.07 -17.34
C ALA E 187 -67.74 -16.92 -16.15
N VAL E 188 -68.31 -18.08 -16.46
CA VAL E 188 -68.76 -19.04 -15.47
C VAL E 188 -68.45 -20.45 -15.96
N LEU E 189 -67.42 -21.09 -15.38
CA LEU E 189 -67.11 -22.46 -15.73
C LEU E 189 -68.22 -23.36 -15.21
N GLN E 190 -69.16 -23.71 -16.09
CA GLN E 190 -70.22 -24.64 -15.71
C GLN E 190 -69.67 -26.05 -15.54
N SER E 191 -70.40 -26.86 -14.78
CA SER E 191 -69.96 -28.22 -14.51
C SER E 191 -69.79 -29.04 -15.79
N SER E 192 -70.43 -28.62 -16.88
CA SER E 192 -70.30 -29.31 -18.15
C SER E 192 -68.95 -29.06 -18.82
N GLY E 193 -68.09 -28.22 -18.24
CA GLY E 193 -66.78 -27.97 -18.80
C GLY E 193 -66.72 -26.84 -19.80
N LEU E 194 -67.76 -26.02 -19.91
CA LEU E 194 -67.80 -24.91 -20.83
C LEU E 194 -68.09 -23.62 -20.07
N TYR E 195 -67.51 -22.53 -20.53
CA TYR E 195 -67.65 -21.23 -19.88
C TYR E 195 -68.93 -20.53 -20.37
N SER E 196 -69.33 -19.48 -19.65
CA SER E 196 -70.53 -18.73 -19.99
C SER E 196 -70.34 -17.27 -19.61
N LEU E 197 -70.45 -16.38 -20.60
CA LEU E 197 -70.25 -14.95 -20.41
C LEU E 197 -71.59 -14.22 -20.51
N SER E 198 -71.57 -12.93 -20.19
CA SER E 198 -72.75 -12.10 -20.35
C SER E 198 -72.30 -10.64 -20.38
N SER E 199 -72.42 -10.00 -21.54
CA SER E 199 -72.21 -8.56 -21.64
C SER E 199 -73.53 -7.84 -21.47
N VAL E 200 -73.45 -6.56 -21.13
CA VAL E 200 -74.64 -5.74 -20.89
C VAL E 200 -74.25 -4.27 -21.00
N VAL E 201 -75.12 -3.48 -21.63
CA VAL E 201 -74.87 -2.07 -21.86
C VAL E 201 -76.04 -1.26 -21.30
N THR E 202 -75.73 -0.30 -20.45
CA THR E 202 -76.74 0.65 -19.98
C THR E 202 -76.93 1.74 -21.03
N VAL E 203 -78.18 1.95 -21.44
CA VAL E 203 -78.51 2.77 -22.61
C VAL E 203 -79.63 3.73 -22.24
N PRO E 204 -79.62 4.96 -22.77
CA PRO E 204 -80.78 5.85 -22.55
C PRO E 204 -82.08 5.23 -23.03
N SER E 205 -83.14 5.44 -22.25
CA SER E 205 -84.45 4.92 -22.62
C SER E 205 -84.98 5.55 -23.91
N SER E 206 -84.48 6.74 -24.27
CA SER E 206 -84.90 7.37 -25.52
C SER E 206 -84.41 6.58 -26.73
N SER E 207 -83.17 6.08 -26.67
CA SER E 207 -82.61 5.34 -27.80
C SER E 207 -83.23 3.97 -27.99
N LEU E 208 -84.12 3.55 -27.10
CA LEU E 208 -84.74 2.23 -27.24
C LEU E 208 -85.44 2.09 -28.59
N GLY E 209 -86.07 3.15 -29.06
CA GLY E 209 -86.76 3.11 -30.33
C GLY E 209 -86.50 4.32 -31.20
N THR E 210 -85.56 4.22 -32.14
CA THR E 210 -84.76 3.00 -32.34
C THR E 210 -83.33 3.36 -32.74
N GLN E 211 -82.40 3.17 -31.82
CA GLN E 211 -80.96 3.30 -32.09
C GLN E 211 -80.40 1.89 -32.12
N THR E 212 -80.22 1.36 -33.34
CA THR E 212 -79.87 -0.05 -33.53
C THR E 212 -78.68 -0.45 -32.68
N TYR E 213 -78.79 -1.61 -32.05
CA TYR E 213 -77.75 -2.15 -31.17
C TYR E 213 -77.42 -3.58 -31.57
N ILE E 214 -76.13 -3.86 -31.72
CA ILE E 214 -75.64 -5.17 -32.11
C ILE E 214 -74.37 -5.45 -31.31
N CYS E 215 -74.28 -6.64 -30.71
CA CYS E 215 -73.11 -7.07 -29.96
C CYS E 215 -72.23 -7.97 -30.84
N ASN E 216 -70.94 -7.66 -30.88
CA ASN E 216 -69.99 -8.40 -31.70
C ASN E 216 -69.22 -9.37 -30.80
N VAL E 217 -69.52 -10.65 -30.93
CA VAL E 217 -68.90 -11.70 -30.11
C VAL E 217 -67.79 -12.35 -30.92
N ASN E 218 -66.66 -12.61 -30.25
CA ASN E 218 -65.52 -13.24 -30.89
C ASN E 218 -64.94 -14.29 -29.96
N HIS E 219 -64.67 -15.48 -30.49
CA HIS E 219 -64.05 -16.57 -29.75
C HIS E 219 -62.95 -17.14 -30.65
N LYS E 220 -61.70 -16.81 -30.33
CA LYS E 220 -60.58 -17.18 -31.19
C LYS E 220 -60.41 -18.69 -31.37
N PRO E 221 -60.47 -19.54 -30.32
CA PRO E 221 -60.22 -20.97 -30.54
C PRO E 221 -61.26 -21.67 -31.41
N SER E 222 -62.27 -20.95 -31.88
CA SER E 222 -63.32 -21.54 -32.69
C SER E 222 -63.49 -20.86 -34.04
N ASN E 223 -62.63 -19.90 -34.39
CA ASN E 223 -62.71 -19.17 -35.67
C ASN E 223 -64.10 -18.60 -35.89
N THR E 224 -64.76 -18.18 -34.82
CA THR E 224 -66.14 -17.75 -34.87
C THR E 224 -66.26 -16.26 -34.59
N LYS E 225 -67.11 -15.59 -35.37
CA LYS E 225 -67.43 -14.18 -35.19
C LYS E 225 -68.91 -14.01 -35.50
N VAL E 226 -69.71 -13.68 -34.49
CA VAL E 226 -71.15 -13.63 -34.64
C VAL E 226 -71.68 -12.30 -34.11
N ASP E 227 -72.85 -11.91 -34.62
CA ASP E 227 -73.53 -10.70 -34.20
C ASP E 227 -74.98 -11.04 -33.85
N LYS E 228 -75.62 -10.13 -33.14
CA LYS E 228 -77.00 -10.36 -32.71
C LYS E 228 -77.61 -9.03 -32.29
N LYS E 229 -78.77 -8.71 -32.86
CA LYS E 229 -79.52 -7.52 -32.49
C LYS E 229 -80.13 -7.68 -31.09
N VAL E 230 -80.59 -6.58 -30.53
CA VAL E 230 -81.29 -6.59 -29.24
C VAL E 230 -82.48 -5.64 -29.34
N GLU E 231 -83.67 -6.16 -29.05
CA GLU E 231 -84.90 -5.38 -29.14
C GLU E 231 -85.99 -6.09 -28.36
N PRO E 232 -86.90 -5.35 -27.70
CA PRO E 232 -87.94 -5.87 -26.80
C PRO E 232 -88.72 -7.06 -27.36
N SER F 4 -45.81 -19.64 -5.94
CA SER F 4 -45.47 -18.88 -4.75
C SER F 4 -46.68 -18.72 -3.82
N TYR F 5 -46.42 -18.53 -2.54
CA TYR F 5 -47.46 -18.30 -1.54
C TYR F 5 -47.66 -16.81 -1.32
N VAL F 6 -48.74 -16.48 -0.62
CA VAL F 6 -49.18 -15.10 -0.44
C VAL F 6 -48.80 -14.62 0.95
N ARG F 7 -48.53 -13.32 1.06
CA ARG F 7 -48.25 -12.67 2.34
C ARG F 7 -49.23 -11.51 2.51
N PRO F 8 -50.15 -11.58 3.45
CA PRO F 8 -51.19 -10.55 3.55
C PRO F 8 -50.66 -9.25 4.15
N LEU F 9 -51.33 -8.16 3.80
CA LEU F 9 -51.00 -6.85 4.32
C LEU F 9 -52.24 -5.97 4.27
N SER F 10 -52.38 -5.10 5.26
CA SER F 10 -53.55 -4.23 5.37
C SER F 10 -53.10 -2.83 5.77
N VAL F 11 -53.28 -1.86 4.88
CA VAL F 11 -53.08 -0.45 5.19
C VAL F 11 -54.43 0.24 5.04
N ALA F 12 -54.49 1.49 5.48
CA ALA F 12 -55.70 2.28 5.36
C ALA F 12 -55.56 3.28 4.22
N LEU F 13 -56.70 3.64 3.62
CA LEU F 13 -56.73 4.55 2.49
C LEU F 13 -56.14 5.90 2.88
N GLY F 14 -55.10 6.32 2.17
CA GLY F 14 -54.41 7.55 2.45
C GLY F 14 -53.18 7.41 3.31
N GLU F 15 -52.95 6.22 3.90
CA GLU F 15 -51.79 6.01 4.76
C GLU F 15 -50.53 5.74 3.94
N THR F 16 -49.55 5.09 4.56
CA THR F 16 -48.27 4.79 3.93
C THR F 16 -47.94 3.33 4.16
N ALA F 17 -47.88 2.56 3.08
CA ALA F 17 -47.54 1.15 3.18
C ALA F 17 -46.03 0.98 3.30
N SER F 18 -45.62 -0.02 4.09
CA SER F 18 -44.20 -0.36 4.26
C SER F 18 -44.06 -1.86 4.02
N ILE F 19 -44.01 -2.22 2.74
CA ILE F 19 -43.88 -3.62 2.32
C ILE F 19 -42.40 -4.00 2.38
N SER F 20 -42.04 -4.83 3.36
CA SER F 20 -40.67 -5.27 3.50
C SER F 20 -40.41 -6.50 2.63
N CYS F 21 -39.24 -6.53 2.01
CA CYS F 21 -38.88 -7.67 1.17
C CYS F 21 -38.70 -8.93 2.03
N GLY F 22 -39.05 -10.07 1.45
CA GLY F 22 -39.02 -11.33 2.14
C GLY F 22 -37.78 -12.16 1.91
N ARG F 23 -36.76 -11.60 1.26
CA ARG F 23 -35.51 -12.29 0.98
C ARG F 23 -34.38 -11.25 1.02
N GLN F 24 -34.07 -10.80 2.24
CA GLN F 24 -33.10 -9.72 2.43
C GLN F 24 -31.75 -10.08 1.80
N ALA F 25 -31.02 -9.04 1.39
CA ALA F 25 -29.80 -9.21 0.62
C ALA F 25 -28.62 -9.55 1.53
N LEU F 26 -27.66 -10.28 0.96
CA LEU F 26 -26.46 -10.64 1.69
C LEU F 26 -25.31 -9.69 1.35
N GLY F 27 -25.29 -9.19 0.14
CA GLY F 27 -24.31 -8.24 -0.34
C GLY F 27 -24.98 -7.00 -0.91
N SER F 28 -24.23 -6.29 -1.75
CA SER F 28 -24.78 -5.16 -2.47
C SER F 28 -25.93 -5.63 -3.35
N ARG F 29 -27.05 -4.91 -3.32
CA ARG F 29 -28.27 -5.36 -3.94
C ARG F 29 -28.71 -4.40 -5.03
N ALA F 30 -29.51 -4.95 -5.95
CA ALA F 30 -30.22 -4.19 -6.99
C ALA F 30 -31.62 -4.80 -7.04
N VAL F 31 -32.53 -4.25 -6.24
CA VAL F 31 -33.82 -4.86 -5.98
C VAL F 31 -34.87 -4.27 -6.91
N GLN F 32 -35.68 -5.13 -7.52
CA GLN F 32 -36.78 -4.72 -8.38
C GLN F 32 -38.11 -4.90 -7.67
N TRP F 33 -39.04 -3.99 -7.95
CA TRP F 33 -40.41 -4.06 -7.45
C TRP F 33 -41.38 -4.09 -8.63
N TYR F 34 -42.29 -5.05 -8.62
CA TYR F 34 -43.28 -5.21 -9.67
C TYR F 34 -44.68 -5.17 -9.07
N GLN F 35 -45.53 -4.32 -9.62
CA GLN F 35 -46.95 -4.28 -9.26
C GLN F 35 -47.70 -5.16 -10.23
N HIS F 36 -48.07 -6.35 -9.78
CA HIS F 36 -48.80 -7.31 -10.61
C HIS F 36 -50.22 -7.43 -10.10
N ARG F 37 -51.16 -6.98 -10.88
CA ARG F 37 -52.55 -7.24 -10.52
C ARG F 37 -52.96 -8.60 -11.07
N PRO F 38 -53.63 -9.44 -10.28
CA PRO F 38 -53.91 -10.81 -10.73
C PRO F 38 -54.67 -10.84 -12.05
N GLY F 39 -54.18 -11.67 -12.97
CA GLY F 39 -54.74 -11.73 -14.31
C GLY F 39 -54.63 -10.42 -15.05
N GLN F 40 -53.44 -9.84 -15.09
CA GLN F 40 -53.22 -8.53 -15.68
C GLN F 40 -51.72 -8.30 -15.78
N ALA F 41 -51.33 -7.44 -16.71
CA ALA F 41 -49.92 -7.18 -16.97
C ALA F 41 -49.25 -6.59 -15.75
N PRO F 42 -48.11 -7.12 -15.31
CA PRO F 42 -47.36 -6.48 -14.22
C PRO F 42 -46.84 -5.11 -14.63
N ILE F 43 -46.56 -4.29 -13.61
CA ILE F 43 -46.06 -2.95 -13.80
C ILE F 43 -44.73 -2.84 -13.07
N LEU F 44 -43.66 -2.51 -13.80
CA LEU F 44 -42.38 -2.26 -13.17
C LEU F 44 -42.48 -1.03 -12.28
N LEU F 45 -42.37 -1.24 -10.96
CA LEU F 45 -42.42 -0.13 -10.03
C LEU F 45 -41.06 0.50 -9.82
N ILE F 46 -40.06 -0.32 -9.51
CA ILE F 46 -38.72 0.15 -9.16
C ILE F 46 -37.71 -0.90 -9.63
N TYR F 47 -36.76 -0.49 -10.47
CA TYR F 47 -35.80 -1.44 -11.03
C TYR F 47 -34.47 -1.41 -10.27
N ASN F 48 -33.73 -0.32 -10.38
CA ASN F 48 -32.60 -0.11 -9.48
C ASN F 48 -33.12 0.18 -8.09
N ASN F 49 -32.37 -0.26 -7.07
CA ASN F 49 -32.78 -0.24 -5.66
C ASN F 49 -33.72 0.90 -5.28
N GLN F 50 -33.58 2.05 -5.93
CA GLN F 50 -34.45 3.19 -5.72
C GLN F 50 -34.97 3.82 -7.01
N ASP F 51 -34.34 3.58 -8.15
CA ASP F 51 -34.78 4.20 -9.41
C ASP F 51 -36.11 3.62 -9.86
N ARG F 52 -36.92 4.46 -10.49
CA ARG F 52 -38.23 4.10 -11.00
C ARG F 52 -38.32 4.38 -12.50
N PRO F 53 -39.28 3.79 -13.20
CA PRO F 53 -39.42 4.03 -14.63
C PRO F 53 -40.17 5.34 -14.89
N SER F 54 -40.35 5.62 -16.18
CA SER F 54 -41.09 6.80 -16.63
C SER F 54 -42.59 6.53 -16.52
N GLY F 55 -43.27 7.30 -15.67
CA GLY F 55 -44.70 7.16 -15.51
C GLY F 55 -45.10 6.40 -14.27
N ILE F 56 -44.39 6.64 -13.17
CA ILE F 56 -44.71 6.05 -11.87
C ILE F 56 -44.75 7.18 -10.85
N PRO F 57 -45.81 7.32 -10.05
CA PRO F 57 -45.90 8.44 -9.12
C PRO F 57 -44.74 8.46 -8.12
N GLU F 58 -44.37 9.68 -7.72
CA GLU F 58 -43.25 9.87 -6.80
C GLU F 58 -43.47 9.14 -5.47
N ARG F 59 -44.72 8.87 -5.10
CA ARG F 59 -45.02 8.21 -3.84
C ARG F 59 -44.50 6.77 -3.77
N PHE F 60 -44.05 6.20 -4.88
CA PHE F 60 -43.46 4.86 -4.89
C PHE F 60 -41.96 4.99 -4.67
N SER F 61 -41.54 4.84 -3.42
CA SER F 61 -40.15 5.04 -3.03
C SER F 61 -39.53 3.71 -2.60
N GLY F 62 -38.34 3.43 -3.12
CA GLY F 62 -37.60 2.22 -2.74
C GLY F 62 -36.30 2.60 -2.07
N THR F 63 -35.95 1.87 -1.03
CA THR F 63 -34.78 2.23 -0.23
C THR F 63 -33.50 1.83 -0.97
N PRO F 64 -32.51 2.71 -1.04
CA PRO F 64 -31.21 2.33 -1.63
C PRO F 64 -30.35 1.60 -0.62
N ASP F 65 -29.18 1.15 -1.10
CA ASP F 65 -28.22 0.38 -0.30
C ASP F 65 -26.89 1.14 -0.28
N ILE F 66 -26.93 2.34 0.29
CA ILE F 66 -25.71 3.11 0.48
C ILE F 66 -24.83 2.45 1.54
N ASN F 67 -25.34 2.36 2.77
CA ASN F 67 -24.65 1.65 3.85
C ASN F 67 -25.28 0.27 4.02
N PHE F 68 -24.45 -0.77 3.98
CA PHE F 68 -24.94 -2.13 4.08
C PHE F 68 -25.64 -2.36 5.42
N GLY F 69 -26.75 -3.09 5.38
CA GLY F 69 -27.52 -3.33 6.57
C GLY F 69 -28.96 -2.90 6.44
N THR F 70 -29.19 -1.77 5.77
CA THR F 70 -30.53 -1.27 5.54
C THR F 70 -31.26 -2.19 4.56
N ARG F 71 -32.23 -2.95 5.05
CA ARG F 71 -32.96 -3.87 4.20
C ARG F 71 -33.80 -3.10 3.18
N ALA F 72 -34.32 -3.83 2.20
CA ALA F 72 -35.14 -3.24 1.14
C ALA F 72 -36.60 -3.22 1.56
N THR F 73 -37.22 -2.05 1.48
CA THR F 73 -38.63 -1.88 1.81
C THR F 73 -39.26 -0.95 0.78
N LEU F 74 -40.38 -1.39 0.20
CA LEU F 74 -41.16 -0.55 -0.69
C LEU F 74 -42.12 0.30 0.12
N THR F 75 -42.11 1.61 -0.13
CA THR F 75 -42.95 2.55 0.59
C THR F 75 -43.95 3.16 -0.38
N ILE F 76 -45.23 3.14 0.01
CA ILE F 76 -46.31 3.69 -0.80
C ILE F 76 -47.06 4.70 0.06
N SER F 77 -46.74 5.98 -0.09
CA SER F 77 -47.41 7.03 0.64
C SER F 77 -48.68 7.46 -0.08
N GLY F 78 -49.69 7.82 0.70
CA GLY F 78 -50.99 8.18 0.15
C GLY F 78 -51.59 7.08 -0.67
N VAL F 79 -51.79 5.91 -0.04
CA VAL F 79 -52.33 4.75 -0.74
C VAL F 79 -53.72 5.09 -1.28
N GLU F 80 -54.01 4.63 -2.50
CA GLU F 80 -55.30 4.80 -3.13
C GLU F 80 -56.05 3.48 -3.13
N ALA F 81 -57.15 3.43 -3.87
CA ALA F 81 -57.89 2.19 -4.02
C ALA F 81 -57.25 1.29 -5.06
N GLY F 82 -56.88 1.85 -6.21
CA GLY F 82 -56.25 1.08 -7.28
C GLY F 82 -54.89 0.50 -6.91
N ASP F 83 -54.32 0.91 -5.78
CA ASP F 83 -53.04 0.37 -5.34
C ASP F 83 -53.16 -1.04 -4.76
N GLU F 84 -54.37 -1.55 -4.57
CA GLU F 84 -54.57 -2.96 -4.23
C GLU F 84 -54.07 -3.83 -5.36
N ALA F 85 -53.07 -4.66 -5.08
CA ALA F 85 -52.48 -5.55 -6.07
C ALA F 85 -51.49 -6.46 -5.37
N ASP F 86 -50.69 -7.18 -6.16
CA ASP F 86 -49.53 -7.92 -5.70
C ASP F 86 -48.27 -7.07 -5.89
N TYR F 87 -47.26 -7.33 -5.06
CA TYR F 87 -45.99 -6.64 -5.14
C TYR F 87 -44.89 -7.67 -4.98
N TYR F 88 -43.96 -7.70 -5.92
CA TYR F 88 -42.88 -8.68 -5.96
C TYR F 88 -41.55 -7.99 -5.72
N CYS F 89 -40.71 -8.64 -4.90
CA CYS F 89 -39.37 -8.15 -4.58
C CYS F 89 -38.36 -9.02 -5.32
N HIS F 90 -37.85 -8.50 -6.44
CA HIS F 90 -36.85 -9.20 -7.24
C HIS F 90 -35.48 -8.83 -6.71
N MET F 91 -34.83 -9.76 -6.01
CA MET F 91 -33.60 -9.49 -5.28
C MET F 91 -32.40 -9.96 -6.08
N TRP F 92 -31.42 -9.06 -6.25
CA TRP F 92 -30.16 -9.35 -6.92
C TRP F 92 -29.02 -8.86 -6.04
N ASP F 93 -28.28 -9.77 -5.43
CA ASP F 93 -27.11 -9.41 -4.63
C ASP F 93 -25.90 -10.21 -5.11
N SER F 94 -24.72 -9.72 -4.73
CA SER F 94 -23.48 -10.32 -5.20
C SER F 94 -23.33 -11.76 -4.74
N ARG F 95 -23.69 -12.02 -3.48
CA ARG F 95 -23.49 -13.35 -2.90
C ARG F 95 -24.39 -14.40 -3.55
N SER F 96 -25.70 -14.27 -3.36
CA SER F 96 -26.63 -15.23 -3.96
C SER F 96 -26.54 -15.16 -5.48
N GLY F 97 -26.81 -16.30 -6.12
CA GLY F 97 -26.57 -16.44 -7.54
C GLY F 97 -27.49 -15.66 -8.45
N PHE F 98 -28.20 -16.37 -9.33
CA PHE F 98 -29.06 -15.76 -10.32
C PHE F 98 -30.51 -15.90 -9.85
N SER F 99 -31.20 -14.77 -9.69
CA SER F 99 -32.54 -14.75 -9.13
C SER F 99 -33.58 -14.91 -10.25
N TRP F 100 -33.77 -16.15 -10.67
CA TRP F 100 -34.87 -16.46 -11.58
C TRP F 100 -36.22 -16.21 -10.91
N SER F 101 -36.31 -16.42 -9.61
CA SER F 101 -37.57 -16.31 -8.88
C SER F 101 -37.82 -14.86 -8.47
N PHE F 102 -39.02 -14.38 -8.76
CA PHE F 102 -39.46 -13.10 -8.21
C PHE F 102 -39.72 -13.24 -6.71
N GLY F 103 -40.26 -12.18 -6.11
CA GLY F 103 -40.57 -12.19 -4.69
C GLY F 103 -41.59 -13.24 -4.32
N GLY F 104 -41.84 -13.44 -3.03
CA GLY F 104 -42.90 -14.34 -2.63
C GLY F 104 -44.25 -13.88 -3.15
N ALA F 105 -44.66 -12.69 -2.68
CA ALA F 105 -45.87 -11.94 -2.98
C ALA F 105 -46.26 -11.14 -1.75
N THR F 106 -46.88 -9.97 -1.95
CA THR F 106 -47.41 -9.22 -0.81
C THR F 106 -48.69 -8.54 -1.29
N ARG F 107 -49.83 -9.17 -1.02
CA ARG F 107 -51.12 -8.65 -1.48
C ARG F 107 -51.57 -7.51 -0.58
N LEU F 108 -51.77 -6.34 -1.17
CA LEU F 108 -52.19 -5.15 -0.42
C LEU F 108 -53.70 -5.02 -0.48
N THR F 109 -54.32 -4.91 0.69
CA THR F 109 -55.78 -4.73 0.80
C THR F 109 -56.04 -3.46 1.60
N VAL F 110 -56.49 -2.41 0.89
CA VAL F 110 -56.75 -1.12 1.52
C VAL F 110 -58.05 -1.22 2.33
N LEU F 111 -57.99 -0.82 3.60
CA LEU F 111 -59.13 -0.90 4.48
C LEU F 111 -59.90 0.42 4.51
N GLY F 112 -61.17 0.32 4.92
CA GLY F 112 -62.01 1.50 5.07
C GLY F 112 -62.29 2.23 3.77
N GLN F 113 -62.82 1.50 2.77
CA GLN F 113 -63.16 2.15 1.51
C GLN F 113 -64.67 2.39 1.43
N PRO F 114 -65.09 3.40 0.65
CA PRO F 114 -66.53 3.70 0.53
C PRO F 114 -67.35 2.50 0.10
N LYS F 115 -68.27 2.08 0.96
CA LYS F 115 -69.11 0.92 0.68
C LYS F 115 -70.26 1.34 -0.23
N ALA F 116 -70.36 0.68 -1.38
CA ALA F 116 -71.45 0.90 -2.33
C ALA F 116 -72.32 -0.35 -2.41
N ALA F 117 -73.50 -0.17 -2.93
CA ALA F 117 -74.42 -1.29 -3.01
C ALA F 117 -74.59 -1.76 -4.45
N PRO F 118 -74.88 -3.04 -4.66
CA PRO F 118 -74.93 -3.57 -6.03
C PRO F 118 -76.10 -3.00 -6.82
N SER F 119 -76.02 -3.19 -8.14
CA SER F 119 -77.08 -2.84 -9.08
C SER F 119 -77.50 -4.12 -9.79
N VAL F 120 -78.40 -4.86 -9.15
CA VAL F 120 -78.82 -6.15 -9.69
C VAL F 120 -79.70 -5.95 -10.92
N THR F 121 -79.48 -6.78 -11.93
CA THR F 121 -80.25 -6.72 -13.17
C THR F 121 -80.45 -8.15 -13.66
N LEU F 122 -81.71 -8.60 -13.69
CA LEU F 122 -82.05 -9.96 -14.06
C LEU F 122 -82.72 -9.95 -15.43
N PHE F 123 -82.17 -10.74 -16.36
CA PHE F 123 -82.76 -10.87 -17.69
C PHE F 123 -83.47 -12.21 -17.82
N PRO F 124 -84.62 -12.23 -18.50
CA PRO F 124 -85.34 -13.49 -18.70
C PRO F 124 -84.68 -14.33 -19.78
N PRO F 125 -85.12 -15.57 -19.97
CA PRO F 125 -84.56 -16.39 -21.05
C PRO F 125 -84.83 -15.76 -22.41
N SER F 126 -83.82 -15.82 -23.27
CA SER F 126 -83.94 -15.24 -24.61
C SER F 126 -84.98 -16.01 -25.43
N SER F 127 -85.47 -15.35 -26.49
CA SER F 127 -86.42 -15.99 -27.37
C SER F 127 -85.76 -17.13 -28.15
N GLU F 128 -84.54 -16.91 -28.63
CA GLU F 128 -83.86 -17.92 -29.45
C GLU F 128 -83.63 -19.20 -28.66
N GLU F 129 -83.00 -19.10 -27.49
CA GLU F 129 -82.67 -20.29 -26.72
C GLU F 129 -83.92 -21.00 -26.21
N LEU F 130 -84.98 -20.25 -25.92
CA LEU F 130 -86.25 -20.88 -25.56
C LEU F 130 -86.75 -21.76 -26.69
N GLN F 131 -86.67 -21.26 -27.92
CA GLN F 131 -86.98 -22.09 -29.09
C GLN F 131 -86.00 -23.25 -29.22
N ALA F 132 -84.78 -23.07 -28.71
CA ALA F 132 -83.76 -24.11 -28.73
C ALA F 132 -83.91 -25.12 -27.59
N ASN F 133 -84.99 -25.03 -26.82
CA ASN F 133 -85.35 -26.02 -25.80
C ASN F 133 -84.40 -25.96 -24.60
N LYS F 134 -84.16 -24.74 -24.09
CA LYS F 134 -83.31 -24.51 -22.93
C LYS F 134 -83.55 -23.10 -22.41
N ALA F 135 -83.56 -22.95 -21.08
CA ALA F 135 -83.77 -21.67 -20.43
C ALA F 135 -82.51 -21.24 -19.67
N THR F 136 -82.47 -19.96 -19.30
CA THR F 136 -81.35 -19.42 -18.54
C THR F 136 -81.67 -18.03 -17.99
N LEU F 137 -81.65 -17.87 -16.68
CA LEU F 137 -81.84 -16.59 -16.02
C LEU F 137 -80.48 -16.01 -15.63
N VAL F 138 -80.21 -14.78 -16.05
CA VAL F 138 -78.89 -14.18 -15.82
C VAL F 138 -78.97 -13.03 -14.82
N CYS F 139 -78.80 -13.34 -13.55
CA CYS F 139 -78.84 -12.33 -12.50
C CYS F 139 -77.49 -11.61 -12.47
N LEU F 140 -77.46 -10.36 -12.92
CA LEU F 140 -76.22 -9.60 -13.07
C LEU F 140 -76.05 -8.64 -11.90
N ILE F 141 -74.85 -8.64 -11.32
CA ILE F 141 -74.52 -7.82 -10.16
C ILE F 141 -73.28 -7.00 -10.49
N SER F 142 -73.29 -5.72 -10.13
CA SER F 142 -72.15 -4.88 -10.48
C SER F 142 -72.07 -3.69 -9.53
N ASP F 143 -70.83 -3.27 -9.24
CA ASP F 143 -70.54 -2.02 -8.53
C ASP F 143 -70.91 -2.08 -7.05
N PHE F 144 -70.49 -3.16 -6.39
CA PHE F 144 -70.69 -3.32 -4.95
C PHE F 144 -69.34 -3.42 -4.26
N TYR F 145 -69.32 -3.04 -2.98
CA TYR F 145 -68.11 -3.10 -2.17
C TYR F 145 -68.51 -3.17 -0.71
N PRO F 146 -67.87 -4.03 0.10
CA PRO F 146 -66.81 -4.96 -0.31
C PRO F 146 -67.34 -6.10 -1.19
N GLY F 147 -66.51 -6.59 -2.09
CA GLY F 147 -66.94 -7.59 -3.03
C GLY F 147 -67.24 -8.96 -2.44
N ALA F 148 -68.42 -9.10 -1.83
CA ALA F 148 -68.82 -10.37 -1.22
C ALA F 148 -70.34 -10.38 -1.14
N VAL F 149 -70.98 -11.21 -1.96
CA VAL F 149 -72.43 -11.28 -2.04
C VAL F 149 -72.87 -12.73 -2.07
N THR F 150 -74.10 -12.97 -1.60
CA THR F 150 -74.72 -14.28 -1.66
C THR F 150 -75.97 -14.18 -2.54
N VAL F 151 -76.10 -15.11 -3.48
CA VAL F 151 -77.18 -15.11 -4.45
C VAL F 151 -78.23 -16.14 -4.02
N ALA F 152 -79.49 -15.70 -3.97
CA ALA F 152 -80.60 -16.58 -3.63
C ALA F 152 -81.62 -16.54 -4.76
N TRP F 153 -81.99 -17.72 -5.26
CA TRP F 153 -82.97 -17.86 -6.33
C TRP F 153 -84.28 -18.37 -5.74
N LYS F 154 -85.38 -17.72 -6.10
CA LYS F 154 -86.71 -18.09 -5.64
C LYS F 154 -87.59 -18.43 -6.84
N ALA F 155 -87.99 -19.69 -6.94
CA ALA F 155 -89.00 -20.12 -7.91
C ALA F 155 -90.36 -19.85 -7.28
N ASP F 156 -91.05 -18.81 -7.78
CA ASP F 156 -92.20 -18.23 -7.06
C ASP F 156 -91.75 -17.85 -5.65
N SER F 157 -92.24 -18.57 -4.65
CA SER F 157 -91.85 -18.33 -3.27
C SER F 157 -90.86 -19.36 -2.74
N SER F 158 -90.61 -20.43 -3.49
CA SER F 158 -89.73 -21.49 -2.97
C SER F 158 -88.31 -21.34 -3.50
N PRO F 159 -87.31 -21.58 -2.66
CA PRO F 159 -85.91 -21.53 -3.13
C PRO F 159 -85.64 -22.60 -4.17
N VAL F 160 -84.49 -22.49 -4.81
CA VAL F 160 -84.15 -23.37 -5.93
C VAL F 160 -82.96 -24.26 -5.57
N LYS F 161 -81.76 -23.66 -5.55
CA LYS F 161 -80.50 -24.30 -5.18
C LYS F 161 -80.04 -25.36 -6.18
N ALA F 162 -80.93 -25.80 -7.07
CA ALA F 162 -80.65 -26.89 -8.00
C ALA F 162 -80.49 -26.33 -9.41
N GLY F 163 -79.29 -26.47 -9.98
CA GLY F 163 -79.04 -26.01 -11.33
C GLY F 163 -78.72 -24.54 -11.47
N VAL F 164 -77.87 -24.01 -10.58
CA VAL F 164 -77.51 -22.60 -10.60
C VAL F 164 -76.00 -22.47 -10.46
N GLU F 165 -75.40 -21.59 -11.25
CA GLU F 165 -73.98 -21.29 -11.16
C GLU F 165 -73.80 -19.82 -10.80
N THR F 166 -72.70 -19.51 -10.13
CA THR F 166 -72.44 -18.14 -9.68
C THR F 166 -70.94 -17.87 -9.74
N THR F 167 -70.59 -16.69 -10.25
CA THR F 167 -69.20 -16.25 -10.35
C THR F 167 -68.68 -15.81 -8.98
N THR F 168 -67.39 -16.05 -8.76
CA THR F 168 -66.72 -15.44 -7.63
C THR F 168 -66.49 -13.95 -7.90
N PRO F 169 -66.72 -13.09 -6.92
CA PRO F 169 -66.64 -11.64 -7.17
C PRO F 169 -65.29 -11.22 -7.74
N SER F 170 -65.35 -10.47 -8.85
CA SER F 170 -64.16 -9.96 -9.52
C SER F 170 -64.16 -8.44 -9.50
N LYS F 171 -62.96 -7.86 -9.57
CA LYS F 171 -62.80 -6.41 -9.49
C LYS F 171 -63.08 -5.76 -10.84
N GLN F 172 -63.28 -4.45 -10.81
CA GLN F 172 -63.58 -3.66 -11.99
C GLN F 172 -62.52 -2.58 -12.20
N SER F 173 -62.74 -1.75 -13.22
CA SER F 173 -61.86 -0.62 -13.46
C SER F 173 -62.07 0.46 -12.40
N ASN F 174 -63.32 0.67 -11.96
CA ASN F 174 -63.63 1.65 -10.93
C ASN F 174 -63.47 1.09 -9.51
N ASN F 175 -62.73 0.00 -9.37
CA ASN F 175 -62.30 -0.66 -8.14
C ASN F 175 -63.45 -1.39 -7.42
N LYS F 176 -64.70 -1.24 -7.85
CA LYS F 176 -65.78 -2.04 -7.29
C LYS F 176 -65.74 -3.44 -7.88
N TYR F 177 -66.68 -4.28 -7.47
CA TYR F 177 -66.71 -5.68 -7.88
C TYR F 177 -67.93 -5.96 -8.76
N ALA F 178 -67.90 -7.14 -9.37
CA ALA F 178 -68.99 -7.58 -10.24
C ALA F 178 -68.95 -9.10 -10.33
N ALA F 179 -70.13 -9.70 -10.45
CA ALA F 179 -70.24 -11.14 -10.55
C ALA F 179 -71.54 -11.50 -11.24
N SER F 180 -71.56 -12.67 -11.87
CA SER F 180 -72.72 -13.17 -12.59
C SER F 180 -73.38 -14.32 -11.80
N SER F 181 -74.56 -14.72 -12.26
CA SER F 181 -75.31 -15.80 -11.63
C SER F 181 -76.31 -16.35 -12.64
N TYR F 182 -76.05 -17.55 -13.14
CA TYR F 182 -76.87 -18.18 -14.17
C TYR F 182 -77.70 -19.30 -13.56
N LEU F 183 -79.01 -19.28 -13.81
CA LEU F 183 -79.91 -20.36 -13.42
C LEU F 183 -80.44 -21.03 -14.67
N SER F 184 -80.10 -22.30 -14.85
CA SER F 184 -80.50 -23.04 -16.04
C SER F 184 -81.78 -23.82 -15.74
N LEU F 185 -82.89 -23.41 -16.34
CA LEU F 185 -84.16 -24.08 -16.20
C LEU F 185 -84.47 -24.91 -17.45
N THR F 186 -85.46 -25.83 -17.31
CA THR F 186 -85.95 -26.39 -18.55
C THR F 186 -87.08 -25.51 -19.10
N PRO F 187 -87.25 -25.44 -20.44
CA PRO F 187 -88.19 -24.46 -21.00
C PRO F 187 -89.62 -24.60 -20.49
N MET F 188 -89.95 -25.79 -20.01
CA MET F 188 -91.28 -25.99 -19.43
C MET F 188 -91.33 -25.52 -17.98
N GLN F 189 -90.26 -25.76 -17.21
CA GLN F 189 -90.21 -25.24 -15.84
C GLN F 189 -90.32 -23.72 -15.82
N TRP F 190 -89.70 -23.05 -16.79
CA TRP F 190 -89.72 -21.60 -16.82
C TRP F 190 -91.14 -21.08 -17.06
N LYS F 191 -91.94 -21.82 -17.82
CA LYS F 191 -93.30 -21.35 -18.13
C LYS F 191 -94.30 -21.78 -17.06
N MET F 192 -94.13 -22.98 -16.49
CA MET F 192 -95.09 -23.49 -15.53
C MET F 192 -95.12 -22.66 -14.25
N HIS F 193 -94.10 -21.86 -13.99
CA HIS F 193 -94.00 -21.06 -12.78
C HIS F 193 -94.53 -19.66 -13.02
N LYS F 194 -95.14 -19.09 -11.97
CA LYS F 194 -95.73 -17.77 -12.08
C LYS F 194 -94.65 -16.69 -12.12
N SER F 195 -93.65 -16.78 -11.26
CA SER F 195 -92.63 -15.75 -11.17
C SER F 195 -91.31 -16.36 -10.71
N TYR F 196 -90.23 -15.62 -10.96
CA TYR F 196 -88.89 -15.98 -10.53
C TYR F 196 -88.21 -14.75 -9.95
N SER F 197 -87.45 -14.93 -8.88
CA SER F 197 -86.78 -13.82 -8.22
C SER F 197 -85.29 -14.12 -8.10
N CYS F 198 -84.53 -13.10 -7.69
CA CYS F 198 -83.10 -13.22 -7.42
C CYS F 198 -82.78 -12.35 -6.22
N GLN F 199 -82.47 -12.97 -5.09
CA GLN F 199 -82.09 -12.26 -3.87
C GLN F 199 -80.58 -12.16 -3.78
N VAL F 200 -80.06 -10.93 -3.83
CA VAL F 200 -78.64 -10.66 -3.68
C VAL F 200 -78.46 -9.98 -2.33
N THR F 201 -77.84 -10.70 -1.39
CA THR F 201 -77.65 -10.21 -0.03
C THR F 201 -76.21 -9.70 0.08
N HIS F 202 -76.02 -8.41 -0.15
CA HIS F 202 -74.72 -7.77 -0.04
C HIS F 202 -74.57 -7.11 1.32
N GLU F 203 -73.43 -7.34 1.96
CA GLU F 203 -73.22 -6.96 3.35
C GLU F 203 -74.38 -7.47 4.20
N GLY F 204 -75.24 -6.58 4.66
CA GLY F 204 -76.35 -7.01 5.47
C GLY F 204 -77.71 -6.66 4.94
N SER F 205 -77.80 -6.43 3.62
CA SER F 205 -79.05 -6.06 2.97
C SER F 205 -79.25 -6.93 1.75
N THR F 206 -80.44 -7.50 1.61
CA THR F 206 -80.79 -8.30 0.45
C THR F 206 -81.57 -7.45 -0.54
N VAL F 207 -81.24 -7.59 -1.82
CA VAL F 207 -81.96 -6.92 -2.90
C VAL F 207 -82.67 -7.98 -3.73
N GLU F 208 -83.85 -7.63 -4.21
CA GLU F 208 -84.69 -8.56 -4.97
C GLU F 208 -84.96 -8.01 -6.37
N LYS F 209 -84.75 -8.85 -7.38
CA LYS F 209 -85.07 -8.53 -8.77
C LYS F 209 -85.79 -9.74 -9.36
N THR F 210 -87.10 -9.61 -9.57
CA THR F 210 -87.93 -10.72 -10.01
C THR F 210 -88.36 -10.53 -11.46
N VAL F 211 -88.72 -11.65 -12.09
CA VAL F 211 -89.15 -11.70 -13.48
C VAL F 211 -90.21 -12.79 -13.61
N ALA F 212 -91.19 -12.54 -14.47
CA ALA F 212 -92.28 -13.46 -14.79
C ALA F 212 -92.27 -13.80 -16.28
N PRO F 213 -92.95 -14.90 -16.70
CA PRO F 213 -92.95 -15.28 -18.13
C PRO F 213 -94.07 -14.67 -18.97
N THR F 214 -93.93 -13.39 -19.30
CA THR F 214 -94.89 -12.70 -20.12
C THR F 214 -94.24 -12.18 -21.40
C1 NAG G . 41.18 20.16 11.44
C2 NAG G . 41.27 21.02 12.69
C3 NAG G . 41.72 22.43 12.33
C4 NAG G . 42.99 22.40 11.48
C5 NAG G . 42.86 21.41 10.32
C6 NAG G . 44.16 21.18 9.58
C7 NAG G . 39.62 20.14 14.28
C8 NAG G . 38.27 20.35 14.90
N2 NAG G . 40.00 21.07 13.39
O3 NAG G . 41.95 23.18 13.52
O4 NAG G . 43.20 23.70 10.93
O5 NAG G . 42.44 20.13 10.81
O6 NAG G . 45.01 20.29 10.28
O7 NAG G . 40.34 19.20 14.58
C1 NAG G . 44.49 24.23 11.29
C2 NAG G . 44.75 25.45 10.40
C3 NAG G . 46.05 26.16 10.79
C4 NAG G . 46.11 26.42 12.29
C5 NAG G . 45.82 25.13 13.06
C6 NAG G . 45.76 25.33 14.55
C7 NAG G . 45.46 24.35 8.22
C8 NAG G . 46.59 23.64 8.92
N2 NAG G . 44.67 25.16 8.97
O3 NAG G . 46.14 27.40 10.09
O4 NAG G . 47.40 26.91 12.65
O5 NAG G . 44.55 24.62 12.66
O6 NAG G . 44.45 25.66 14.97
O7 NAG G . 45.27 24.20 7.01
C1 BMA G . 47.24 28.24 13.19
C2 BMA G . 48.43 28.51 14.14
C3 BMA G . 48.29 29.92 14.70
C4 BMA G . 48.09 30.96 13.59
C5 BMA G . 46.93 30.54 12.67
C6 BMA G . 46.75 31.47 11.48
O2 BMA G . 49.66 28.46 13.42
O3 BMA G . 49.42 30.26 15.50
O4 BMA G . 47.78 32.22 14.16
O5 BMA G . 47.21 29.22 12.16
O6 BMA G . 45.49 32.11 11.59
C1 MAN G . 45.71 33.54 11.68
C2 MAN G . 44.37 34.20 12.11
C3 MAN G . 43.31 34.01 11.01
C4 MAN G . 43.85 34.40 9.61
C5 MAN G . 45.24 33.80 9.33
C6 MAN G . 45.90 34.39 8.10
O2 MAN G . 44.52 35.61 12.28
O3 MAN G . 42.12 34.77 11.29
O4 MAN G . 42.96 33.94 8.62
O5 MAN G . 46.13 34.05 10.43
O6 MAN G . 46.56 35.61 8.51
C1 MAN G . 40.95 34.05 11.82
C2 MAN G . 41.32 32.68 12.59
C3 MAN G . 41.20 31.41 11.71
C4 MAN G . 39.99 31.45 10.79
C5 MAN G . 40.10 32.70 9.93
C6 MAN G . 38.99 32.78 8.87
O2 MAN G . 40.47 32.46 13.72
O3 MAN G . 41.16 30.23 12.52
O4 MAN G . 39.99 30.31 9.96
O5 MAN G . 39.96 33.87 10.77
O6 MAN G . 39.22 31.72 7.94
C1 MAN G . 48.96 30.70 16.79
C2 MAN G . 50.15 31.40 17.50
C3 MAN G . 51.22 30.38 17.84
C4 MAN G . 50.63 29.20 18.64
C5 MAN G . 49.46 28.57 17.86
C6 MAN G . 48.75 27.47 18.64
O2 MAN G . 49.76 31.98 18.74
O3 MAN G . 52.29 30.96 18.56
O4 MAN G . 51.63 28.21 18.85
O5 MAN G . 48.48 29.60 17.56
O6 MAN G . 47.72 26.94 17.80
C1 NAG H . -20.02 -22.40 5.85
C2 NAG H . -21.15 -21.37 5.69
C3 NAG H . -22.10 -21.44 6.88
C4 NAG H . -22.57 -22.85 7.12
C5 NAG H . -21.38 -23.80 7.24
C6 NAG H . -21.78 -25.25 7.38
C7 NAG H . -20.08 -19.59 4.38
C8 NAG H . -19.60 -18.17 4.38
N2 NAG H . -20.62 -20.03 5.52
O3 NAG H . -23.21 -20.58 6.64
O4 NAG H . -23.34 -22.91 8.33
O5 NAG H . -20.57 -23.70 6.06
O6 NAG H . -20.69 -26.05 7.83
O7 NAG H . -19.98 -20.31 3.38
C1 NAG H . -24.71 -23.26 8.02
C2 NAG H . -25.47 -23.43 9.32
C3 NAG H . -26.94 -23.75 9.03
C4 NAG H . -27.54 -22.70 8.11
C5 NAG H . -26.69 -22.54 6.85
C6 NAG H . -27.16 -21.43 5.96
C7 NAG H . -24.10 -24.20 11.21
C8 NAG H . -23.57 -25.40 11.95
N2 NAG H . -24.87 -24.47 10.15
O3 NAG H . -27.66 -23.81 10.26
O4 NAG H . -28.86 -23.09 7.74
O5 NAG H . -25.33 -22.23 7.21
O6 NAG H . -26.25 -21.19 4.89
O7 NAG H . -23.85 -23.05 11.57
C1 NAG I . 3.56 2.24 8.05
C2 NAG I . 2.81 0.96 8.43
C3 NAG I . 1.32 1.24 8.57
C4 NAG I . 1.08 2.38 9.54
C5 NAG I . 1.86 3.61 9.08
C6 NAG I . 1.76 4.78 10.04
C7 NAG I . 3.64 -1.25 7.77
C8 NAG I . 3.79 -2.24 6.65
N2 NAG I . 3.05 -0.10 7.46
O3 NAG I . 0.65 0.07 9.02
O4 NAG I . -0.30 2.69 9.63
O5 NAG I . 3.26 3.29 8.99
O6 NAG I . 2.29 4.46 11.32
O7 NAG I . 4.04 -1.50 8.91
C1 NAG I . -0.76 2.36 10.98
C2 NAG I . -1.80 3.38 11.43
C3 NAG I . -2.30 3.03 12.83
C4 NAG I . -2.81 1.59 12.87
C5 NAG I . -1.74 0.64 12.34
C6 NAG I . -2.22 -0.78 12.22
C7 NAG I . -1.73 5.69 10.58
C8 NAG I . -1.07 7.02 10.70
N2 NAG I . -1.26 4.73 11.40
O3 NAG I . -3.35 3.92 13.20
O4 NAG I . -3.13 1.24 14.21
O5 NAG I . -1.33 1.05 11.02
O6 NAG I . -2.25 -1.20 10.86
O7 NAG I . -2.65 5.48 9.80
C1 NAG J . -7.65 1.32 -5.30
C2 NAG J . -8.77 2.24 -4.84
C3 NAG J . -10.13 1.75 -5.32
C4 NAG J . -10.11 1.40 -6.81
C5 NAG J . -8.85 0.61 -7.21
C6 NAG J . -8.68 0.51 -8.71
C7 NAG J . -8.99 1.66 -2.37
C8 NAG J . -9.32 0.23 -2.71
N2 NAG J . -8.75 2.51 -3.39
O3 NAG J . -11.05 2.82 -5.07
O4 NAG J . -11.20 0.55 -7.14
O5 NAG J . -7.67 1.24 -6.70
O6 NAG J . -8.24 1.74 -9.26
O7 NAG J . -8.95 2.03 -1.21
C1 NAG J . -12.49 1.20 -7.00
C2 NAG J . -13.37 0.88 -8.20
C3 NAG J . -14.71 1.60 -8.06
C4 NAG J . -15.34 1.34 -6.69
C5 NAG J . -14.33 1.51 -5.55
C6 NAG J . -14.86 1.04 -4.21
C7 NAG J . -12.54 0.40 -10.47
C8 NAG J . -11.83 0.97 -11.66
N2 NAG J . -12.71 1.25 -9.44
O3 NAG J . -15.58 1.16 -9.09
O4 NAG J . -16.38 2.28 -6.46
O5 NAG J . -13.13 0.77 -5.80
O6 NAG J . -14.17 -0.11 -3.76
O7 NAG J . -12.94 -0.75 -10.43
C1 BMA J . -17.68 1.73 -6.80
C2 BMA J . -18.69 2.34 -5.83
C3 BMA J . -20.13 2.00 -6.24
C4 BMA J . -20.37 2.16 -7.77
C5 BMA J . -19.21 1.56 -8.58
C6 BMA J . -19.32 1.92 -10.04
O2 BMA J . -18.61 3.76 -5.84
O3 BMA J . -21.05 2.80 -5.49
O4 BMA J . -21.56 1.51 -8.18
O5 BMA J . -17.97 2.09 -8.12
O6 BMA J . -19.53 3.31 -10.12
C1 MAN J . -22.32 2.14 -5.32
C2 MAN J . -23.28 3.15 -4.61
C3 MAN J . -22.90 3.31 -3.15
C4 MAN J . -22.88 1.94 -2.48
C5 MAN J . -21.83 1.06 -3.16
C6 MAN J . -21.78 -0.33 -2.58
O2 MAN J . -24.61 2.64 -4.60
O3 MAN J . -23.79 4.19 -2.48
O4 MAN J . -22.56 2.08 -1.10
O5 MAN J . -22.17 0.92 -4.58
O6 MAN J . -21.74 -1.25 -3.67
C1 MAN J . -25.45 3.54 -5.35
C2 MAN J . -26.85 3.54 -4.69
C3 MAN J . -27.56 2.23 -4.97
C4 MAN J . -27.49 1.84 -6.46
C5 MAN J . -26.04 1.84 -6.93
C6 MAN J . -25.89 1.53 -8.42
O2 MAN J . -27.69 4.57 -5.24
O3 MAN J . -28.93 2.27 -4.54
O4 MAN J . -28.03 0.54 -6.65
O5 MAN J . -25.50 3.15 -6.71
O6 MAN J . -26.28 2.68 -9.16
C1 MAN J . -27.61 5.76 -4.43
C2 MAN J . -28.88 6.57 -4.71
C3 MAN J . -28.89 7.01 -6.17
C4 MAN J . -27.56 7.69 -6.59
C5 MAN J . -26.37 6.83 -6.17
C6 MAN J . -25.03 7.50 -6.39
O2 MAN J . -28.92 7.76 -3.93
O3 MAN J . -29.99 7.88 -6.44
O4 MAN J . -27.54 7.85 -8.00
O5 MAN J . -26.48 6.51 -4.77
O6 MAN J . -24.00 6.53 -6.20
C1 MAN J . -19.33 3.73 -11.48
C2 MAN J . -19.08 5.25 -11.43
C3 MAN J . -20.35 5.97 -10.98
C4 MAN J . -21.58 5.51 -11.79
C5 MAN J . -21.68 3.97 -11.80
C6 MAN J . -22.78 3.44 -12.71
O2 MAN J . -18.79 5.77 -12.72
O3 MAN J . -20.20 7.38 -11.08
O4 MAN J . -22.76 6.04 -11.22
O5 MAN J . -20.44 3.41 -12.27
O6 MAN J . -22.40 3.71 -14.07
C1 MAN J . -23.53 3.53 -14.94
C2 MAN J . -23.06 3.72 -16.42
C3 MAN J . -22.79 5.21 -16.72
C4 MAN J . -23.98 6.06 -16.30
C5 MAN J . -24.29 5.83 -14.81
C6 MAN J . -25.48 6.61 -14.30
O2 MAN J . -24.05 3.28 -17.36
O3 MAN J . -22.47 5.44 -18.09
O4 MAN J . -23.68 7.43 -16.49
O5 MAN J . -24.58 4.42 -14.60
O6 MAN J . -25.97 5.96 -13.14
C1 MAN J . -23.45 2.48 -18.41
C2 MAN J . -24.58 2.00 -19.38
C3 MAN J . -25.44 0.94 -18.70
C4 MAN J . -24.58 -0.19 -18.13
C5 MAN J . -23.56 0.42 -17.16
C6 MAN J . -22.61 -0.58 -16.58
O2 MAN J . -24.04 1.37 -20.54
O3 MAN J . -26.41 0.40 -19.60
O4 MAN J . -25.39 -1.12 -17.43
O5 MAN J . -22.75 1.38 -17.86
O6 MAN J . -22.55 -0.35 -15.18
C1 MAN J . -19.63 7.90 -9.86
C2 MAN J . -20.48 9.14 -9.44
C3 MAN J . -19.59 10.34 -9.02
C4 MAN J . -18.41 10.62 -9.98
C5 MAN J . -18.07 9.41 -10.85
C6 MAN J . -16.62 9.40 -11.31
O2 MAN J . -21.30 8.85 -8.30
O3 MAN J . -19.15 10.23 -7.66
O4 MAN J . -18.70 11.73 -10.81
O5 MAN J . -18.28 8.23 -10.07
O6 MAN J . -16.51 8.47 -12.38
C1 NAG K . 65.31 0.07 23.59
C2 NAG K . 66.47 -0.11 24.59
C3 NAG K . 67.33 -1.32 24.22
C4 NAG K . 66.46 -2.56 24.02
C5 NAG K . 65.36 -2.27 23.00
C6 NAG K . 64.41 -3.43 22.82
C7 NAG K . 67.11 2.05 25.56
C8 NAG K . 68.05 3.21 25.48
N2 NAG K . 67.29 1.09 24.66
O3 NAG K . 68.29 -1.55 25.25
O4 NAG K . 67.25 -3.64 23.56
O5 NAG K . 64.59 -1.16 23.47
O6 NAG K . 63.25 -3.02 22.09
O7 NAG K . 66.23 1.99 26.42
C1 NAG L . 54.74 -4.50 14.02
C2 NAG L . 55.36 -3.46 13.09
C3 NAG L . 55.02 -3.77 11.63
C4 NAG L . 55.42 -5.20 11.29
C5 NAG L . 54.78 -6.16 12.27
C6 NAG L . 55.19 -7.60 12.05
C7 NAG L . 55.72 -1.13 13.77
C8 NAG L . 55.07 0.18 14.09
N2 NAG L . 54.90 -2.12 13.43
O3 NAG L . 55.72 -2.86 10.78
O4 NAG L . 55.02 -5.52 9.96
O5 NAG L . 55.15 -5.82 13.61
O6 NAG L . 54.58 -8.15 10.90
O7 NAG L . 56.94 -1.29 13.84
C1 NAG M . -17.05 -36.69 13.07
C2 NAG M . -17.00 -36.63 11.54
C3 NAG M . -18.25 -37.29 10.94
C4 NAG M . -18.40 -38.71 11.49
C5 NAG M . -18.39 -38.69 13.02
C6 NAG M . -18.42 -40.07 13.62
C7 NAG M . -16.01 -34.91 10.10
C8 NAG M . -15.99 -33.45 9.75
N2 NAG M . -16.87 -35.26 11.07
O3 NAG M . -18.14 -37.32 9.52
O4 NAG M . -19.61 -39.27 11.01
O5 NAG M . -17.21 -38.05 13.50
O6 NAG M . -19.54 -40.82 13.16
O7 NAG M . -15.29 -35.73 9.54
C1 NAG N . 4.21 -31.98 3.02
C2 NAG N . 5.58 -32.22 2.38
C3 NAG N . 5.78 -31.28 1.19
C4 NAG N . 4.62 -31.40 0.21
C5 NAG N . 3.29 -31.21 0.93
C6 NAG N . 2.10 -31.45 0.05
C7 NAG N . 7.19 -33.06 4.03
C8 NAG N . 8.29 -32.69 4.99
N2 NAG N . 6.66 -32.04 3.35
O3 NAG N . 7.01 -31.60 0.53
O4 NAG N . 4.75 -30.42 -0.82
O5 NAG N . 3.19 -32.14 2.02
O6 NAG N . 1.41 -30.24 -0.23
O7 NAG N . 6.82 -34.22 3.88
C1 NAG O . 31.52 3.66 -3.11
C2 NAG O . 31.67 2.46 -4.06
C3 NAG O . 33.06 1.86 -3.92
C4 NAG O . 34.12 2.93 -4.16
C5 NAG O . 33.89 4.13 -3.25
C6 NAG O . 34.82 5.28 -3.55
C7 NAG O . 29.90 0.94 -4.79
C8 NAG O . 28.89 -0.08 -4.36
N2 NAG O . 30.65 1.45 -3.82
O3 NAG O . 33.23 0.81 -4.87
O4 NAG O . 35.42 2.39 -3.92
O5 NAG O . 32.55 4.62 -3.40
O6 NAG O . 34.46 6.45 -2.83
O7 NAG O . 30.01 1.28 -5.96
C1 NAG P . 27.25 16.65 7.23
C2 NAG P . 27.36 18.09 6.71
C3 NAG P . 26.24 18.95 7.28
C4 NAG P . 24.89 18.30 7.05
C5 NAG P . 24.89 16.87 7.58
C6 NAG P . 23.61 16.12 7.29
C7 NAG P . 29.74 18.54 6.26
C8 NAG P . 30.99 19.19 6.76
N2 NAG P . 28.67 18.65 7.05
O3 NAG P . 26.28 20.23 6.66
O4 NAG P . 23.86 19.04 7.71
O5 NAG P . 25.95 16.14 6.95
O6 NAG P . 23.78 15.21 6.20
O7 NAG P . 29.70 17.93 5.20
C1 NAG Q . 32.93 -8.90 -9.20
C2 NAG Q . 34.42 -9.06 -8.86
C3 NAG Q . 35.22 -9.41 -10.12
C4 NAG Q . 34.63 -10.65 -10.80
C5 NAG Q . 33.15 -10.41 -11.07
C6 NAG Q . 32.46 -11.62 -11.67
C7 NAG Q . 35.03 -7.67 -6.94
C8 NAG Q . 35.59 -6.34 -6.49
N2 NAG Q . 34.93 -7.84 -8.26
O3 NAG Q . 36.57 -9.67 -9.75
O4 NAG Q . 35.31 -10.90 -12.01
O5 NAG Q . 32.46 -10.11 -9.85
O6 NAG Q . 31.06 -11.56 -11.48
O7 NAG Q . 34.69 -8.53 -6.14
C1 NAG R . -3.02 6.69 -0.28
C2 NAG R . -3.11 7.68 -1.45
C3 NAG R . -2.82 9.10 -0.96
C4 NAG R . -3.74 9.45 0.22
C5 NAG R . -3.61 8.39 1.30
C6 NAG R . -4.57 8.61 2.45
C7 NAG R . -2.40 6.33 -3.40
C8 NAG R . -1.34 6.12 -4.42
N2 NAG R . -2.19 7.32 -2.52
O3 NAG R . -3.02 10.02 -2.02
O4 NAG R . -3.38 10.72 0.74
O5 NAG R . -3.91 7.10 0.77
O6 NAG R . -5.78 7.90 2.22
O7 NAG R . -3.42 5.62 -3.35
C1 NAG S . -19.31 -5.52 9.34
C2 NAG S . -20.01 -4.16 9.21
C3 NAG S . -20.65 -3.76 10.54
C4 NAG S . -21.58 -4.87 11.03
C5 NAG S . -20.81 -6.19 11.10
C6 NAG S . -21.68 -7.36 11.48
C7 NAG S . -18.86 -2.85 7.48
C8 NAG S . -17.87 -1.76 7.21
N2 NAG S . -19.08 -3.13 8.77
O3 NAG S . -21.39 -2.56 10.37
O4 NAG S . -22.08 -4.56 12.32
O5 NAG S . -20.25 -6.50 9.81
O6 NAG S . -20.92 -8.41 12.07
O7 NAG S . -19.42 -3.45 6.58
C1 NAG T . 10.31 -11.19 -18.82
C2 NAG T . 10.65 -10.73 -20.23
C3 NAG T . 10.02 -11.65 -21.27
C4 NAG T . 10.38 -13.10 -20.99
C5 NAG T . 10.01 -13.46 -19.55
C6 NAG T . 10.43 -14.86 -19.17
C7 NAG T . 11.05 -8.33 -20.63
C8 NAG T . 10.40 -6.99 -20.84
N2 NAG T . 10.21 -9.35 -20.44
O3 NAG T . 10.47 -11.27 -22.56
O4 NAG T . 9.68 -13.97 -21.88
O5 NAG T . 10.68 -12.57 -18.65
O6 NAG T . 11.48 -15.34 -20.00
O7 NAG T . 12.27 -8.47 -20.63
C1 NAG U . 0.69 -11.88 -11.52
C2 NAG U . 0.66 -13.41 -11.70
C3 NAG U . 0.85 -13.78 -13.18
C4 NAG U . -0.14 -13.03 -14.05
C5 NAG U . 0.00 -11.53 -13.80
C6 NAG U . -1.00 -10.71 -14.58
C7 NAG U . 1.42 -15.05 -10.03
C8 NAG U . 2.59 -15.58 -9.27
N2 NAG U . 1.67 -14.05 -10.88
O3 NAG U . 0.66 -15.19 -13.33
O4 NAG U . 0.11 -13.32 -15.43
O5 NAG U . -0.24 -11.27 -12.42
O6 NAG U . -1.14 -9.41 -14.01
O7 NAG U . 0.29 -15.50 -9.89
C1 NAG V . 2.49 -4.14 -17.13
C2 NAG V . 1.85 -3.94 -18.49
C3 NAG V . 0.96 -2.71 -18.46
C4 NAG V . -0.04 -2.82 -17.32
C5 NAG V . 0.66 -3.14 -16.00
C6 NAG V . -0.32 -3.40 -14.88
C7 NAG V . 2.79 -4.41 -20.72
C8 NAG V . 1.57 -5.24 -20.96
N2 NAG V . 2.86 -3.81 -19.53
O3 NAG V . 0.26 -2.59 -19.70
O4 NAG V . -0.74 -1.57 -17.19
O5 NAG V . 1.46 -4.32 -16.13
O6 NAG V . -0.76 -2.17 -14.30
O7 NAG V . 3.67 -4.28 -21.58
C1 NAG W . -6.92 5.91 -6.19
C2 NAG W . -8.27 6.39 -6.73
C3 NAG W . -8.84 7.48 -5.83
C4 NAG W . -8.94 6.99 -4.39
C5 NAG W . -7.57 6.50 -3.93
C6 NAG W . -7.60 5.89 -2.55
C7 NAG W . -8.53 6.13 -9.16
C8 NAG W . -8.35 6.77 -10.50
N2 NAG W . -8.16 6.86 -8.09
O3 NAG W . -10.13 7.88 -6.30
O4 NAG W . -9.39 8.03 -3.54
O5 NAG W . -7.08 5.49 -4.82
O6 NAG W . -8.81 6.20 -1.86
O7 NAG W . -8.99 5.00 -9.04
C1 NAG X . 4.93 9.07 4.42
C2 NAG X . 5.44 9.22 5.84
C3 NAG X . 4.88 10.49 6.45
C4 NAG X . 5.47 11.71 5.77
C5 NAG X . 5.74 11.47 4.27
C6 NAG X . 7.21 11.24 3.93
C7 NAG X . 6.04 7.32 7.26
C8 NAG X . 7.46 7.76 7.07
N2 NAG X . 5.11 8.07 6.65
O3 NAG X . 5.19 10.53 7.83
O4 NAG X . 4.59 12.82 5.90
O5 NAG X . 4.98 10.38 3.72
O6 NAG X . 7.50 11.55 2.58
O7 NAG X . 5.75 6.34 7.95
C01 JYS Y . 7.63 -19.63 13.74
C02 JYS Y . 8.89 -19.45 14.52
C03 JYS Y . 9.74 -18.13 14.36
C04 JYS Y . 9.36 -17.11 13.50
C05 JYS Y . 8.01 -17.30 12.67
C06 JYS Y . 7.20 -18.55 12.82
C07 JYS Y . 11.28 -16.53 14.50
C08 JYS Y . 10.32 -16.11 13.59
C09 JYS Y . 10.43 -14.76 12.88
C10 JYS Y . 10.21 -14.65 11.37
C11 JYS Y . 9.30 -12.18 11.33
C12 JYS Y . 7.99 -11.55 10.81
C13 JYS Y . 7.99 -13.21 9.05
C14 JYS Y . 9.48 -13.40 9.30
C15 JYS Y . 6.79 -10.99 8.58
C16 JYS Y . 6.40 -11.48 7.18
C17 JYS Y . 6.99 -10.81 5.93
C18 JYS Y . 6.59 -11.31 4.54
C19 JYS Y . 5.62 -12.48 4.40
C20 JYS Y . 5.03 -13.14 5.63
C21 JYS Y . 5.42 -12.63 7.01
F22 JYS Y . 9.32 -20.41 15.38
N23 JYS Y . 10.93 -17.77 14.96
N24 JYS Y . 9.68 -13.45 10.73
N25 JYS Y . 7.57 -11.88 9.45
O26 JYS Y . 10.72 -13.78 13.50
O27 JYS Y . 10.46 -15.58 10.69
O28 JYS Y . 6.46 -9.91 8.97
BR JYS Y . 7.34 -15.98 11.43
#